data_6I60
#
_entry.id   6I60
#
_cell.length_a   173.220
_cell.length_b   161.530
_cell.length_c   124.380
_cell.angle_alpha   90.000
_cell.angle_beta   132.140
_cell.angle_gamma   90.000
#
_symmetry.space_group_name_H-M   'C 1 2 1'
#
loop_
_entity.id
_entity.type
_entity.pdbx_description
1 polymer Alpha-rhamnosidase
2 non-polymer 'TRIETHYLENE GLYCOL'
3 non-polymer 2-(2-ETHOXYETHOXY)ETHANOL
4 water water
#
_entity_poly.entity_id   1
_entity_poly.type   'polypeptide(L)'
_entity_poly.pdbx_seq_one_letter_code
;MGSSHHHHHHSSGLVPRGSHMASMKSSNIYSPFDLKCEFTTNPLGVDKKNPIFSWKLRHLEKNEKQTAYQVIVSSSLETI
NDNIGDVWDTGKVLSSEQVIKYEGKELEPCKVYFWKVRWWDSKDQESPFSVVNTFETGLMNEENWKAKWITKKEHKYEVY
SPDGAPFGLNYTIAYAPMFRKSFSISKKIKRARVYIAGLGLYELYINGERIGDRVLDPGQTDYKKRVLYTVYDVSKNIRD
GKNAIGVILGNGRYVKEYGYDFPKLIIQVLVEYEDDSIEWIVSDESWKTTYGPITLNSLYHGEIYDGRKEIKGWNLPDFD
DSTWENAILAEPPGGKLYSEIYPPIRITKTIKPIKMWSPEPGTYVYDFGQNYTGWIKIKVRTNESGKEIRIRHAELTYED
GTLNYSTNRTALATDVYITKGEGYEEYEPRFTYHGFRYVEILGYPGVPTLEDIEGKVVHTAVESNGEFICSNELINKIHH
NIIWGQLSNLMSIPTDCPQRDERMGWMGDAQLSAEEAIFNFDMIGFYRKYLNDIRDAQKENGSLSDVIPPYWSIYPGDPA
WSTAYITIAWYLYQYYGDKYVLEEHYEGFKKYVEFLKKLAPDYIVSFYKYGDWCQPGTVRPKDNSGELTSTFYFYHDVIT
LSKIAKLLGKEADYKYYSELADKIKSAFNKKFLKEKAYASIPTELSEENVKALLEKYPEDIKDFLRQQFTILSSLGMFTS
QTLNTLPLYLNLVPEDKVQDVLKTLLEDIIIRHDYHLDTGIVATRYIFDVLTSYGYDEVAYKIVNQKTYPSFGYMIEEGA
TTLWERWEKLTSTGMNSHNHIMFGSVDAWFYRVIAGVRVGEPGWNKIIFEPHPVGDLKYAKARLNTIKGEVEINWQKTEN
IFSMRISVPVNSEGEVHVPKLFERFVVKEGDNIIYEKKGDLEENEKYIVIRVGSGSYNFYMEKI
;
_entity_poly.pdbx_strand_id   A,B
#
# COMPACT_ATOMS: atom_id res chain seq x y z
N LYS A 25 -39.59 -21.34 4.63
CA LYS A 25 -40.73 -21.92 5.33
C LYS A 25 -41.00 -21.17 6.63
N SER A 26 -39.93 -20.66 7.24
CA SER A 26 -40.04 -20.05 8.56
C SER A 26 -39.64 -18.58 8.54
N SER A 27 -39.42 -18.02 9.72
CA SER A 27 -38.82 -16.70 9.85
C SER A 27 -37.31 -16.77 10.01
N ASN A 28 -36.74 -17.98 10.03
CA ASN A 28 -35.29 -18.18 10.11
C ASN A 28 -34.76 -18.28 8.69
N ILE A 29 -34.62 -17.12 8.05
CA ILE A 29 -34.32 -17.05 6.62
C ILE A 29 -32.83 -17.15 6.31
N TYR A 30 -31.96 -17.05 7.29
CA TYR A 30 -30.51 -17.04 7.07
C TYR A 30 -29.91 -18.36 7.50
N SER A 31 -29.22 -19.01 6.58
CA SER A 31 -28.45 -20.21 6.89
C SER A 31 -27.14 -19.84 7.56
N PRO A 32 -26.50 -20.77 8.26
CA PRO A 32 -25.20 -20.48 8.86
C PRO A 32 -24.18 -20.08 7.80
N PHE A 33 -23.31 -19.14 8.16
CA PHE A 33 -22.31 -18.61 7.25
C PHE A 33 -20.93 -18.70 7.88
N ASP A 34 -19.91 -18.46 7.06
CA ASP A 34 -18.51 -18.53 7.47
C ASP A 34 -18.20 -19.88 8.10
N LEU A 35 -18.51 -20.94 7.36
CA LEU A 35 -18.31 -22.30 7.85
C LEU A 35 -16.83 -22.65 7.77
N LYS A 36 -16.24 -23.04 8.90
CA LYS A 36 -14.82 -23.33 9.00
C LYS A 36 -14.62 -24.77 9.44
N CYS A 37 -13.72 -25.48 8.75
CA CYS A 37 -13.22 -26.76 9.18
C CYS A 37 -11.78 -26.59 9.61
N GLU A 38 -11.46 -27.05 10.82
CA GLU A 38 -10.16 -26.78 11.45
C GLU A 38 -9.90 -25.28 11.56
N PHE A 39 -10.97 -24.50 11.76
CA PHE A 39 -10.88 -23.05 11.90
C PHE A 39 -10.27 -22.40 10.65
N THR A 40 -10.62 -22.94 9.48
CA THR A 40 -10.11 -22.41 8.22
C THR A 40 -11.17 -22.62 7.14
N THR A 41 -11.35 -21.62 6.29
CA THR A 41 -12.29 -21.71 5.18
C THR A 41 -11.72 -22.66 4.12
N ASN A 42 -12.39 -23.80 3.93
CA ASN A 42 -12.02 -24.81 2.96
C ASN A 42 -10.58 -25.24 3.14
N PRO A 43 -10.27 -26.00 4.18
CA PRO A 43 -8.87 -26.40 4.41
C PRO A 43 -8.43 -27.50 3.46
N LEU A 44 -7.15 -27.43 3.09
CA LEU A 44 -6.53 -28.41 2.20
C LEU A 44 -5.44 -29.13 2.97
N GLY A 45 -5.69 -30.38 3.36
CA GLY A 45 -4.70 -31.18 4.05
C GLY A 45 -5.07 -31.52 5.48
N VAL A 46 -6.36 -31.77 5.73
CA VAL A 46 -6.83 -32.12 7.06
C VAL A 46 -6.32 -33.51 7.40
N ASP A 47 -5.43 -33.61 8.38
CA ASP A 47 -4.93 -34.89 8.85
C ASP A 47 -5.61 -35.35 10.13
N LYS A 48 -6.30 -34.47 10.84
CA LYS A 48 -7.05 -34.86 12.02
C LYS A 48 -8.19 -35.78 11.62
N LYS A 49 -8.24 -36.97 12.23
CA LYS A 49 -9.32 -37.91 11.92
C LYS A 49 -10.67 -37.37 12.37
N ASN A 50 -10.68 -36.53 13.42
CA ASN A 50 -11.90 -35.89 13.91
C ASN A 50 -11.67 -34.39 13.90
N PRO A 51 -11.79 -33.73 12.75
CA PRO A 51 -11.59 -32.28 12.69
C PRO A 51 -12.69 -31.53 13.42
N ILE A 52 -12.48 -30.23 13.57
CA ILE A 52 -13.40 -29.34 14.27
C ILE A 52 -14.18 -28.53 13.24
N PHE A 53 -15.50 -28.50 13.40
CA PHE A 53 -16.39 -27.73 12.53
C PHE A 53 -16.98 -26.56 13.31
N SER A 54 -17.16 -25.43 12.61
CA SER A 54 -17.67 -24.22 13.25
C SER A 54 -18.44 -23.41 12.22
N TRP A 55 -19.29 -22.51 12.72
CA TRP A 55 -20.11 -21.66 11.86
C TRP A 55 -20.61 -20.48 12.67
N LYS A 56 -20.98 -19.42 11.97
CA LYS A 56 -21.56 -18.22 12.55
C LYS A 56 -23.02 -18.10 12.15
N LEU A 57 -23.76 -17.29 12.91
CA LEU A 57 -25.20 -17.19 12.74
C LEU A 57 -25.63 -15.74 12.58
N ARG A 58 -26.77 -15.56 11.91
CA ARG A 58 -27.35 -14.24 11.66
C ARG A 58 -28.86 -14.39 11.58
N HIS A 59 -29.59 -13.52 12.25
CA HIS A 59 -31.04 -13.59 12.29
C HIS A 59 -31.63 -12.20 12.07
N LEU A 60 -32.89 -12.18 11.62
CA LEU A 60 -33.58 -10.91 11.41
C LEU A 60 -33.96 -10.28 12.74
N GLU A 61 -34.36 -11.09 13.72
CA GLU A 61 -34.86 -10.60 14.99
C GLU A 61 -33.74 -10.49 16.01
N LYS A 62 -34.03 -9.77 17.10
CA LYS A 62 -33.13 -9.66 18.23
C LYS A 62 -33.40 -10.77 19.24
N ASN A 63 -32.49 -10.90 20.21
CA ASN A 63 -32.62 -11.88 21.29
C ASN A 63 -32.76 -13.30 20.75
N GLU A 64 -31.99 -13.62 19.72
CA GLU A 64 -32.03 -14.94 19.11
C GLU A 64 -30.81 -15.74 19.53
N LYS A 65 -31.00 -17.06 19.61
CA LYS A 65 -29.94 -17.97 20.06
C LYS A 65 -30.21 -19.35 19.47
N GLN A 66 -29.15 -20.03 19.06
CA GLN A 66 -29.29 -21.35 18.46
C GLN A 66 -29.74 -22.37 19.51
N THR A 67 -30.75 -23.17 19.16
CA THR A 67 -31.23 -24.24 20.01
C THR A 67 -30.95 -25.62 19.47
N ALA A 68 -30.69 -25.76 18.17
CA ALA A 68 -30.40 -27.06 17.58
C ALA A 68 -29.63 -26.85 16.28
N TYR A 69 -28.84 -27.85 15.92
CA TYR A 69 -28.09 -27.83 14.67
C TYR A 69 -28.09 -29.23 14.05
N GLN A 70 -27.74 -29.27 12.77
CA GLN A 70 -27.58 -30.54 12.05
C GLN A 70 -26.60 -30.32 10.92
N VAL A 71 -25.51 -31.08 10.91
CA VAL A 71 -24.49 -30.99 9.87
C VAL A 71 -24.47 -32.30 9.10
N ILE A 72 -24.43 -32.19 7.78
CA ILE A 72 -24.40 -33.36 6.90
C ILE A 72 -23.05 -33.37 6.20
N VAL A 73 -22.38 -34.51 6.21
CA VAL A 73 -21.13 -34.66 5.49
C VAL A 73 -21.30 -35.78 4.48
N SER A 74 -20.88 -35.52 3.24
CA SER A 74 -21.05 -36.44 2.13
C SER A 74 -19.73 -36.60 1.38
N SER A 75 -19.72 -37.55 0.46
CA SER A 75 -18.52 -37.89 -0.31
C SER A 75 -18.55 -37.37 -1.74
N SER A 76 -19.62 -36.70 -2.15
CA SER A 76 -19.69 -36.18 -3.51
C SER A 76 -20.66 -34.99 -3.53
N LEU A 77 -20.55 -34.19 -4.58
CA LEU A 77 -21.41 -33.01 -4.71
C LEU A 77 -22.83 -33.41 -5.06
N GLU A 78 -23.00 -34.32 -6.03
CA GLU A 78 -24.34 -34.82 -6.34
C GLU A 78 -24.97 -35.49 -5.14
N THR A 79 -24.15 -36.09 -4.27
CA THR A 79 -24.68 -36.81 -3.11
C THR A 79 -25.13 -35.85 -2.01
N ILE A 80 -24.34 -34.81 -1.73
CA ILE A 80 -24.69 -33.89 -0.65
C ILE A 80 -25.91 -33.06 -1.02
N ASN A 81 -26.14 -32.84 -2.31
CA ASN A 81 -27.30 -32.05 -2.72
C ASN A 81 -28.61 -32.83 -2.62
N ASP A 82 -28.60 -33.99 -1.99
CA ASP A 82 -29.80 -34.77 -1.76
C ASP A 82 -30.14 -34.89 -0.27
N ASN A 83 -29.48 -34.12 0.59
CA ASN A 83 -29.76 -34.09 2.03
C ASN A 83 -29.61 -35.46 2.67
N ILE A 84 -28.61 -36.22 2.23
CA ILE A 84 -28.33 -37.54 2.77
C ILE A 84 -26.97 -37.54 3.46
N GLY A 85 -26.90 -38.28 4.56
CA GLY A 85 -25.66 -38.36 5.30
C GLY A 85 -24.76 -39.48 4.83
N ASP A 86 -24.04 -39.24 3.73
CA ASP A 86 -23.21 -40.28 3.14
C ASP A 86 -22.15 -40.77 4.12
N VAL A 87 -21.42 -39.85 4.75
CA VAL A 87 -20.44 -40.24 5.76
C VAL A 87 -20.71 -39.62 7.12
N TRP A 88 -21.58 -38.60 7.23
CA TRP A 88 -22.03 -38.15 8.53
C TRP A 88 -23.40 -37.50 8.41
N ASP A 89 -24.25 -37.75 9.42
CA ASP A 89 -25.55 -37.09 9.53
C ASP A 89 -25.92 -37.07 11.01
N THR A 90 -25.71 -35.93 11.67
CA THR A 90 -26.00 -35.82 13.09
C THR A 90 -27.49 -35.80 13.39
N GLY A 91 -28.32 -35.42 12.43
CA GLY A 91 -29.71 -35.18 12.74
C GLY A 91 -29.85 -33.90 13.56
N LYS A 92 -31.08 -33.63 13.97
CA LYS A 92 -31.35 -32.46 14.81
C LYS A 92 -30.73 -32.66 16.17
N VAL A 93 -29.55 -32.09 16.37
CA VAL A 93 -28.84 -32.16 17.64
C VAL A 93 -29.27 -30.99 18.51
N LEU A 94 -29.88 -31.29 19.64
CA LEU A 94 -30.36 -30.27 20.57
C LEU A 94 -29.17 -29.76 21.39
N SER A 95 -28.49 -28.75 20.84
CA SER A 95 -27.34 -28.16 21.51
C SER A 95 -27.15 -26.75 20.96
N SER A 96 -26.77 -25.82 21.84
CA SER A 96 -26.52 -24.45 21.46
C SER A 96 -25.10 -24.22 20.96
N GLU A 97 -24.25 -25.26 20.99
CA GLU A 97 -22.87 -25.10 20.60
C GLU A 97 -22.74 -24.99 19.07
N GLN A 98 -21.79 -24.16 18.63
CA GLN A 98 -21.48 -24.01 17.21
C GLN A 98 -20.04 -24.40 16.89
N VAL A 99 -19.39 -25.13 17.79
CA VAL A 99 -18.06 -25.68 17.59
C VAL A 99 -18.14 -27.16 17.93
N ILE A 100 -18.10 -28.02 16.91
CA ILE A 100 -18.36 -29.44 17.09
C ILE A 100 -17.14 -30.24 16.68
N LYS A 101 -16.97 -31.39 17.33
CA LYS A 101 -15.95 -32.36 16.95
C LYS A 101 -16.57 -33.40 16.01
N TYR A 102 -15.82 -33.74 14.97
CA TYR A 102 -16.31 -34.68 13.96
C TYR A 102 -16.50 -36.06 14.56
N GLU A 103 -17.62 -36.70 14.23
CA GLU A 103 -17.96 -38.01 14.76
C GLU A 103 -18.60 -38.90 13.70
N GLY A 104 -18.22 -38.72 12.43
CA GLY A 104 -18.80 -39.46 11.34
C GLY A 104 -17.98 -40.68 10.94
N LYS A 105 -18.19 -41.11 9.71
CA LYS A 105 -17.44 -42.25 9.18
C LYS A 105 -15.95 -41.93 9.17
N GLU A 106 -15.13 -42.95 9.43
CA GLU A 106 -13.68 -42.77 9.46
C GLU A 106 -13.19 -42.20 8.13
N LEU A 107 -12.57 -41.03 8.20
CA LEU A 107 -12.09 -40.37 7.00
C LEU A 107 -10.92 -41.14 6.39
N GLU A 108 -10.73 -40.93 5.09
CA GLU A 108 -9.72 -41.65 4.32
C GLU A 108 -8.80 -40.67 3.63
N PRO A 109 -7.55 -41.07 3.35
CA PRO A 109 -6.59 -40.12 2.80
C PRO A 109 -6.92 -39.67 1.39
N CYS A 110 -6.55 -38.43 1.08
CA CYS A 110 -6.62 -37.83 -0.26
C CYS A 110 -8.06 -37.70 -0.76
N LYS A 111 -9.05 -37.82 0.11
CA LYS A 111 -10.45 -37.68 -0.28
C LYS A 111 -10.95 -36.29 0.04
N VAL A 112 -11.79 -35.76 -0.84
CA VAL A 112 -12.43 -34.46 -0.64
C VAL A 112 -13.85 -34.70 -0.14
N TYR A 113 -14.22 -34.00 0.93
CA TYR A 113 -15.54 -34.13 1.52
C TYR A 113 -16.29 -32.80 1.41
N PHE A 114 -17.61 -32.89 1.55
CA PHE A 114 -18.50 -31.73 1.48
C PHE A 114 -19.38 -31.72 2.72
N TRP A 115 -19.77 -30.53 3.16
CA TRP A 115 -20.60 -30.44 4.35
C TRP A 115 -21.41 -29.15 4.34
N LYS A 116 -22.67 -29.27 4.75
CA LYS A 116 -23.56 -28.15 5.00
C LYS A 116 -24.07 -28.25 6.44
N VAL A 117 -24.81 -27.24 6.89
CA VAL A 117 -25.33 -27.24 8.25
C VAL A 117 -26.58 -26.37 8.30
N ARG A 118 -27.55 -26.81 9.10
CA ARG A 118 -28.73 -26.04 9.44
C ARG A 118 -28.73 -25.74 10.94
N TRP A 119 -29.50 -24.74 11.34
CA TRP A 119 -29.61 -24.37 12.73
C TRP A 119 -31.04 -24.00 13.05
N TRP A 120 -31.44 -24.27 14.29
CA TRP A 120 -32.77 -23.93 14.79
C TRP A 120 -32.64 -22.75 15.75
N ASP A 121 -33.47 -21.73 15.54
CA ASP A 121 -33.38 -20.51 16.32
C ASP A 121 -34.09 -20.70 17.66
N SER A 122 -34.37 -19.61 18.36
CA SER A 122 -34.95 -19.69 19.70
C SER A 122 -36.39 -20.18 19.68
N LYS A 123 -37.07 -20.12 18.53
CA LYS A 123 -38.44 -20.61 18.43
C LYS A 123 -38.55 -21.89 17.64
N ASP A 124 -37.48 -22.67 17.58
CA ASP A 124 -37.45 -23.94 16.88
C ASP A 124 -37.79 -23.80 15.40
N GLN A 125 -37.60 -22.60 14.83
CA GLN A 125 -37.84 -22.39 13.41
C GLN A 125 -36.63 -22.88 12.63
N GLU A 126 -36.88 -23.78 11.67
CA GLU A 126 -35.81 -24.40 10.92
C GLU A 126 -35.27 -23.46 9.85
N SER A 127 -33.95 -23.44 9.69
CA SER A 127 -33.25 -22.61 8.74
C SER A 127 -32.84 -23.42 7.50
N PRO A 128 -32.70 -22.77 6.35
CA PRO A 128 -32.21 -23.49 5.16
C PRO A 128 -30.78 -23.98 5.35
N PHE A 129 -30.39 -24.89 4.47
CA PHE A 129 -29.04 -25.44 4.52
C PHE A 129 -28.02 -24.39 4.10
N SER A 130 -26.84 -24.47 4.68
CA SER A 130 -25.76 -23.58 4.33
C SER A 130 -25.21 -23.93 2.95
N VAL A 131 -24.38 -23.03 2.41
CA VAL A 131 -23.70 -23.31 1.16
C VAL A 131 -22.70 -24.44 1.36
N VAL A 132 -22.65 -25.36 0.41
CA VAL A 132 -21.79 -26.53 0.52
C VAL A 132 -20.34 -26.09 0.66
N ASN A 133 -19.72 -26.46 1.77
CA ASN A 133 -18.30 -26.21 1.99
C ASN A 133 -17.51 -27.49 1.70
N THR A 134 -16.20 -27.42 1.91
CA THR A 134 -15.32 -28.50 1.48
C THR A 134 -14.11 -28.56 2.40
N PHE A 135 -13.70 -29.78 2.76
CA PHE A 135 -12.41 -30.00 3.40
C PHE A 135 -11.78 -31.24 2.78
N GLU A 136 -10.49 -31.13 2.44
CA GLU A 136 -9.76 -32.21 1.79
C GLU A 136 -8.74 -32.78 2.77
N THR A 137 -8.71 -34.11 2.87
CA THR A 137 -7.74 -34.78 3.73
C THR A 137 -6.40 -34.91 3.01
N GLY A 138 -5.34 -34.83 3.79
CA GLY A 138 -4.00 -34.96 3.28
C GLY A 138 -3.63 -36.41 3.14
N LEU A 139 -2.43 -36.77 3.59
CA LEU A 139 -1.97 -38.15 3.50
C LEU A 139 -2.46 -38.99 4.62
N MET A 140 -2.98 -38.34 5.64
CA MET A 140 -3.62 -38.93 6.77
C MET A 140 -2.80 -39.86 7.56
N ASN A 141 -2.12 -39.26 8.50
CA ASN A 141 -1.30 -39.97 9.43
C ASN A 141 -0.36 -40.96 8.74
N GLU A 142 0.52 -40.44 7.89
CA GLU A 142 1.55 -41.23 7.25
C GLU A 142 1.07 -42.54 6.64
N GLU A 143 -0.08 -42.47 5.98
CA GLU A 143 -0.75 -43.63 5.39
C GLU A 143 0.07 -44.13 4.21
N ASN A 144 1.12 -44.91 4.54
CA ASN A 144 2.00 -45.50 3.54
C ASN A 144 2.55 -44.43 2.60
N TRP A 145 3.58 -43.71 3.04
CA TRP A 145 4.06 -42.55 2.29
C TRP A 145 4.76 -42.93 1.00
N LYS A 146 5.25 -44.17 0.87
CA LYS A 146 5.89 -44.67 -0.34
C LYS A 146 7.12 -43.86 -0.73
N ALA A 147 6.98 -42.53 -0.77
CA ALA A 147 8.12 -41.65 -1.02
C ALA A 147 9.14 -41.77 0.11
N LYS A 148 10.41 -41.65 -0.24
CA LYS A 148 11.50 -41.74 0.71
C LYS A 148 12.26 -40.42 0.76
N TRP A 149 13.00 -40.24 1.85
CA TRP A 149 13.79 -39.03 2.04
C TRP A 149 15.03 -39.07 1.16
N ILE A 150 15.28 -37.99 0.41
CA ILE A 150 16.39 -37.92 -0.53
C ILE A 150 17.31 -36.79 -0.11
N THR A 151 18.58 -36.90 -0.52
CA THR A 151 19.60 -35.92 -0.16
C THR A 151 20.75 -36.00 -1.13
N LYS A 152 21.55 -34.94 -1.15
CA LYS A 152 22.88 -35.01 -1.73
C LYS A 152 23.81 -35.83 -0.83
N LYS A 153 24.92 -36.26 -1.40
CA LYS A 153 25.91 -37.04 -0.66
C LYS A 153 27.10 -36.20 -0.21
N GLU A 154 27.51 -35.21 -1.01
CA GLU A 154 28.67 -34.39 -0.65
C GLU A 154 28.34 -33.45 0.50
N HIS A 155 27.36 -32.57 0.30
CA HIS A 155 26.94 -31.59 1.32
C HIS A 155 28.09 -30.69 1.78
N LYS A 156 28.30 -29.58 1.07
CA LYS A 156 29.27 -28.58 1.53
C LYS A 156 28.61 -27.67 2.55
N TYR A 157 29.34 -27.38 3.62
CA TYR A 157 28.88 -26.54 4.71
C TYR A 157 30.03 -25.64 5.17
N GLU A 158 29.67 -24.65 5.99
CA GLU A 158 30.65 -23.82 6.67
C GLU A 158 30.32 -23.79 8.15
N VAL A 159 31.35 -23.77 8.99
CA VAL A 159 31.19 -23.80 10.44
C VAL A 159 31.56 -22.42 10.96
N TYR A 160 30.55 -21.61 11.27
CA TYR A 160 30.76 -20.27 11.82
C TYR A 160 30.70 -20.34 13.34
N SER A 161 31.76 -19.89 14.01
CA SER A 161 31.86 -19.89 15.46
C SER A 161 32.21 -18.49 15.93
N PRO A 162 31.24 -17.59 15.98
CA PRO A 162 31.53 -16.22 16.42
C PRO A 162 31.75 -16.13 17.92
N ASP A 163 32.40 -15.05 18.32
CA ASP A 163 32.72 -14.81 19.73
C ASP A 163 31.51 -14.19 20.42
N GLY A 164 30.91 -14.93 21.34
CA GLY A 164 29.82 -14.43 22.14
C GLY A 164 28.46 -15.06 21.89
N ALA A 165 28.40 -16.29 21.36
CA ALA A 165 27.14 -16.97 21.18
C ALA A 165 26.41 -17.13 22.52
N PRO A 166 25.07 -17.26 22.50
CA PRO A 166 24.30 -17.34 23.75
C PRO A 166 24.88 -18.29 24.80
N PHE A 167 24.88 -19.59 24.50
CA PHE A 167 25.47 -20.58 25.40
C PHE A 167 26.75 -21.17 24.82
N GLY A 168 27.49 -20.37 24.07
CA GLY A 168 28.73 -20.83 23.47
C GLY A 168 28.57 -21.75 22.28
N LEU A 169 27.41 -21.71 21.62
CA LEU A 169 27.14 -22.60 20.51
C LEU A 169 27.89 -22.16 19.26
N ASN A 170 27.91 -23.05 18.26
CA ASN A 170 28.46 -22.76 16.95
C ASN A 170 27.36 -22.89 15.92
N TYR A 171 27.65 -22.46 14.69
CA TYR A 171 26.68 -22.44 13.61
C TYR A 171 27.26 -23.19 12.41
N THR A 172 26.69 -24.35 12.11
CA THR A 172 27.05 -25.15 10.94
C THR A 172 26.06 -24.83 9.84
N ILE A 173 26.50 -24.06 8.84
CA ILE A 173 25.64 -23.59 7.76
C ILE A 173 25.96 -24.40 6.51
N ALA A 174 25.03 -25.24 6.08
CA ALA A 174 25.18 -25.98 4.84
C ALA A 174 24.77 -25.11 3.66
N TYR A 175 24.93 -25.64 2.46
CA TYR A 175 24.58 -24.93 1.24
C TYR A 175 23.09 -25.14 0.94
N ALA A 176 22.66 -24.75 -0.26
CA ALA A 176 21.27 -24.88 -0.67
C ALA A 176 21.17 -25.88 -1.83
N PRO A 177 20.86 -27.14 -1.56
CA PRO A 177 20.75 -28.11 -2.66
C PRO A 177 19.43 -27.99 -3.40
N MET A 178 19.49 -28.26 -4.71
CA MET A 178 18.31 -28.29 -5.56
C MET A 178 18.07 -29.72 -6.02
N PHE A 179 16.80 -30.09 -6.14
CA PHE A 179 16.41 -31.45 -6.53
C PHE A 179 15.44 -31.37 -7.69
N ARG A 180 15.67 -32.20 -8.70
CA ARG A 180 14.89 -32.19 -9.93
C ARG A 180 14.49 -33.60 -10.32
N LYS A 181 13.25 -33.75 -10.79
CA LYS A 181 12.75 -35.02 -11.29
C LYS A 181 11.77 -34.74 -12.42
N SER A 182 11.84 -35.53 -13.48
CA SER A 182 10.99 -35.36 -14.64
C SER A 182 9.99 -36.51 -14.73
N PHE A 183 8.76 -36.18 -15.13
CA PHE A 183 7.73 -37.18 -15.35
C PHE A 183 6.89 -36.77 -16.56
N SER A 184 6.17 -37.74 -17.11
CA SER A 184 5.39 -37.54 -18.33
C SER A 184 3.91 -37.73 -18.05
N ILE A 185 3.09 -36.93 -18.73
CA ILE A 185 1.63 -36.99 -18.61
C ILE A 185 1.04 -37.13 -20.01
N SER A 186 0.00 -37.95 -20.14
CA SER A 186 -0.67 -38.14 -21.42
C SER A 186 -2.17 -37.91 -21.30
N LYS A 187 -2.85 -38.80 -20.59
CA LYS A 187 -4.28 -38.64 -20.34
C LYS A 187 -4.54 -37.40 -19.50
N LYS A 188 -5.68 -36.75 -19.74
CA LYS A 188 -5.93 -35.46 -19.11
C LYS A 188 -6.26 -35.63 -17.64
N ILE A 189 -5.70 -34.73 -16.83
CA ILE A 189 -5.79 -34.85 -15.38
C ILE A 189 -7.16 -34.41 -14.89
N LYS A 190 -7.54 -34.94 -13.72
CA LYS A 190 -8.70 -34.48 -12.98
C LYS A 190 -8.31 -33.58 -11.81
N ARG A 191 -7.24 -33.93 -11.09
CA ARG A 191 -6.72 -33.12 -10.01
C ARG A 191 -5.28 -33.55 -9.74
N ALA A 192 -4.52 -32.67 -9.10
CA ALA A 192 -3.13 -32.94 -8.76
C ALA A 192 -2.83 -32.40 -7.38
N ARG A 193 -2.12 -33.19 -6.59
CA ARG A 193 -1.72 -32.81 -5.24
C ARG A 193 -0.24 -33.10 -5.03
N VAL A 194 0.37 -32.33 -4.14
CA VAL A 194 1.80 -32.40 -3.89
C VAL A 194 2.00 -32.30 -2.37
N TYR A 195 2.61 -33.32 -1.78
CA TYR A 195 2.77 -33.42 -0.33
C TYR A 195 4.27 -33.41 -0.03
N ILE A 196 4.80 -32.24 0.33
CA ILE A 196 6.24 -32.02 0.47
C ILE A 196 6.55 -31.63 1.90
N ALA A 197 7.69 -32.10 2.40
CA ALA A 197 8.26 -31.67 3.68
C ALA A 197 9.76 -31.48 3.44
N GLY A 198 10.15 -30.26 3.10
CA GLY A 198 11.54 -29.94 2.88
C GLY A 198 12.19 -29.34 4.13
N LEU A 199 13.13 -30.06 4.72
CA LEU A 199 13.78 -29.64 5.96
C LEU A 199 15.10 -28.96 5.63
N GLY A 200 15.36 -27.83 6.29
CA GLY A 200 14.41 -27.22 7.22
C GLY A 200 13.48 -26.25 6.53
N LEU A 201 13.92 -25.73 5.37
CA LEU A 201 13.12 -24.85 4.54
C LEU A 201 13.17 -25.35 3.10
N TYR A 202 12.17 -24.95 2.32
CA TYR A 202 12.09 -25.41 0.94
C TYR A 202 11.35 -24.38 0.09
N GLU A 203 11.51 -24.51 -1.22
CA GLU A 203 10.72 -23.78 -2.21
C GLU A 203 10.40 -24.72 -3.35
N LEU A 204 9.11 -24.82 -3.70
CA LEU A 204 8.65 -25.79 -4.68
C LEU A 204 8.36 -25.12 -6.01
N TYR A 205 8.76 -25.78 -7.10
CA TYR A 205 8.52 -25.31 -8.45
C TYR A 205 8.01 -26.45 -9.30
N ILE A 206 7.06 -26.16 -10.19
CA ILE A 206 6.52 -27.13 -11.12
C ILE A 206 6.43 -26.48 -12.49
N ASN A 207 7.18 -27.01 -13.46
CA ASN A 207 7.21 -26.50 -14.83
C ASN A 207 7.60 -25.02 -14.87
N GLY A 208 8.40 -24.57 -13.90
CA GLY A 208 8.95 -23.24 -13.90
C GLY A 208 8.27 -22.25 -12.98
N GLU A 209 7.06 -22.55 -12.53
CA GLU A 209 6.28 -21.62 -11.72
C GLU A 209 6.38 -21.99 -10.24
N ARG A 210 6.51 -20.96 -9.40
CA ARG A 210 6.47 -21.18 -7.96
C ARG A 210 5.07 -21.59 -7.53
N ILE A 211 5.01 -22.48 -6.54
CA ILE A 211 3.75 -23.13 -6.20
C ILE A 211 3.10 -22.46 -4.99
N GLY A 212 3.83 -22.37 -3.89
CA GLY A 212 3.23 -21.93 -2.65
C GLY A 212 3.03 -20.42 -2.57
N ASP A 213 1.97 -20.04 -1.85
CA ASP A 213 1.75 -18.66 -1.46
C ASP A 213 2.37 -18.32 -0.12
N ARG A 214 3.23 -19.20 0.40
CA ARG A 214 3.86 -19.04 1.70
C ARG A 214 5.37 -18.97 1.55
N VAL A 215 6.03 -18.56 2.64
CA VAL A 215 7.48 -18.49 2.71
C VAL A 215 7.93 -19.07 4.05
N LEU A 216 9.20 -19.43 4.12
CA LEU A 216 9.81 -20.00 5.33
C LEU A 216 8.99 -21.19 5.85
N ASP A 217 8.61 -22.08 4.93
CA ASP A 217 7.87 -23.32 5.07
C ASP A 217 8.83 -24.50 5.11
N PRO A 218 8.58 -25.52 5.95
CA PRO A 218 7.43 -25.61 6.87
C PRO A 218 7.67 -24.89 8.19
N GLY A 219 6.74 -25.08 9.13
CA GLY A 219 6.87 -24.45 10.43
C GLY A 219 7.92 -25.10 11.30
N GLN A 220 8.43 -24.31 12.25
CA GLN A 220 9.47 -24.78 13.16
C GLN A 220 8.85 -25.69 14.21
N THR A 221 9.30 -26.94 14.26
CA THR A 221 8.91 -27.88 15.29
C THR A 221 10.13 -28.71 15.69
N ASP A 222 9.95 -29.54 16.71
CA ASP A 222 10.96 -30.53 17.07
C ASP A 222 10.96 -31.61 15.98
N TYR A 223 11.85 -31.47 15.00
CA TYR A 223 11.83 -32.36 13.85
C TYR A 223 12.10 -33.81 14.22
N LYS A 224 12.68 -34.06 15.39
CA LYS A 224 12.88 -35.43 15.83
C LYS A 224 11.57 -36.06 16.30
N LYS A 225 10.61 -35.25 16.73
CA LYS A 225 9.33 -35.75 17.22
C LYS A 225 8.20 -35.59 16.23
N ARG A 226 8.30 -34.61 15.33
CA ARG A 226 7.22 -34.37 14.36
C ARG A 226 7.72 -33.44 13.27
N VAL A 227 7.31 -33.71 12.03
CA VAL A 227 7.64 -32.88 10.88
C VAL A 227 6.34 -32.55 10.17
N LEU A 228 5.99 -31.27 10.13
CA LEU A 228 4.76 -30.83 9.45
C LEU A 228 5.01 -30.70 7.96
N TYR A 229 4.32 -31.50 7.17
CA TYR A 229 4.40 -31.40 5.72
C TYR A 229 3.26 -30.54 5.19
N THR A 230 3.49 -29.94 4.02
CA THR A 230 2.51 -29.08 3.37
C THR A 230 2.00 -29.73 2.10
N VAL A 231 0.69 -29.61 1.85
CA VAL A 231 0.05 -30.13 0.65
C VAL A 231 -0.37 -28.95 -0.22
N TYR A 232 -0.06 -29.03 -1.51
CA TYR A 232 -0.38 -27.98 -2.46
C TYR A 232 -1.28 -28.52 -3.56
N ASP A 233 -2.10 -27.64 -4.13
CA ASP A 233 -2.95 -27.96 -5.26
C ASP A 233 -2.23 -27.50 -6.53
N VAL A 234 -1.72 -28.46 -7.30
CA VAL A 234 -0.97 -28.16 -8.50
C VAL A 234 -1.69 -28.71 -9.71
N SER A 235 -3.03 -28.72 -9.65
CA SER A 235 -3.82 -29.22 -10.78
C SER A 235 -3.54 -28.41 -12.04
N LYS A 236 -3.82 -27.11 -12.01
CA LYS A 236 -3.65 -26.28 -13.18
C LYS A 236 -2.18 -25.90 -13.38
N ASN A 237 -1.28 -26.85 -13.10
CA ASN A 237 0.14 -26.65 -13.32
C ASN A 237 0.80 -27.84 -14.01
N ILE A 238 0.01 -28.81 -14.47
CA ILE A 238 0.56 -30.10 -14.87
C ILE A 238 1.07 -30.12 -16.32
N ARG A 239 0.46 -29.33 -17.21
CA ARG A 239 0.84 -29.30 -18.62
C ARG A 239 0.57 -30.64 -19.29
N ASP A 240 1.01 -30.81 -20.53
CA ASP A 240 0.73 -32.04 -21.27
C ASP A 240 1.92 -33.00 -21.26
N GLY A 241 2.84 -32.84 -22.21
CA GLY A 241 3.91 -33.79 -22.43
C GLY A 241 4.90 -33.94 -21.29
N LYS A 242 6.10 -33.39 -21.45
CA LYS A 242 7.13 -33.51 -20.43
C LYS A 242 6.84 -32.56 -19.28
N ASN A 243 7.15 -33.02 -18.07
CA ASN A 243 6.92 -32.23 -16.85
C ASN A 243 8.20 -32.19 -16.03
N ALA A 244 8.28 -31.18 -15.18
CA ALA A 244 9.45 -30.99 -14.32
C ALA A 244 9.00 -30.40 -12.99
N ILE A 245 9.65 -30.84 -11.92
CA ILE A 245 9.41 -30.30 -10.59
C ILE A 245 10.74 -29.79 -10.03
N GLY A 246 10.65 -28.76 -9.18
CA GLY A 246 11.84 -28.18 -8.61
C GLY A 246 11.72 -27.90 -7.13
N VAL A 247 12.70 -28.38 -6.35
CA VAL A 247 12.74 -28.16 -4.90
C VAL A 247 14.15 -27.73 -4.52
N ILE A 248 14.26 -26.58 -3.88
CA ILE A 248 15.53 -26.09 -3.34
C ILE A 248 15.41 -26.07 -1.82
N LEU A 249 16.43 -26.58 -1.14
CA LEU A 249 16.40 -26.77 0.30
C LEU A 249 17.19 -25.69 1.02
N GLY A 250 16.63 -25.19 2.12
CA GLY A 250 17.33 -24.27 2.99
C GLY A 250 17.58 -24.88 4.36
N ASN A 251 18.49 -24.30 5.13
CA ASN A 251 18.84 -24.86 6.44
C ASN A 251 17.75 -24.56 7.46
N GLY A 252 17.54 -23.29 7.77
CA GLY A 252 16.55 -22.90 8.77
C GLY A 252 16.93 -23.35 10.15
N ARG A 253 16.08 -24.15 10.78
CA ARG A 253 16.34 -24.69 12.10
C ARG A 253 16.85 -26.12 12.09
N TYR A 254 16.78 -26.80 10.95
CA TYR A 254 17.32 -28.16 10.80
C TYR A 254 18.83 -28.04 10.59
N VAL A 255 19.54 -27.78 11.68
CA VAL A 255 20.98 -27.57 11.65
C VAL A 255 21.62 -28.44 12.71
N LYS A 256 22.93 -28.66 12.56
CA LYS A 256 23.64 -29.59 13.43
C LYS A 256 23.75 -29.08 14.86
N GLU A 257 23.72 -27.76 15.07
CA GLU A 257 23.88 -27.23 16.41
C GLU A 257 22.73 -27.61 17.33
N TYR A 258 21.52 -27.73 16.79
CA TYR A 258 20.35 -28.10 17.58
C TYR A 258 20.12 -29.60 17.62
N GLY A 259 21.05 -30.39 17.10
CA GLY A 259 20.92 -31.83 17.12
C GLY A 259 20.24 -32.42 15.90
N TYR A 260 20.42 -31.83 14.73
CA TYR A 260 19.81 -32.31 13.50
C TYR A 260 20.90 -32.62 12.46
N ASP A 261 20.45 -33.00 11.28
CA ASP A 261 21.33 -33.37 10.17
C ASP A 261 21.31 -32.27 9.11
N PHE A 262 21.97 -32.54 7.98
CA PHE A 262 21.93 -31.64 6.85
C PHE A 262 20.56 -31.69 6.17
N PRO A 263 20.24 -30.69 5.34
CA PRO A 263 18.89 -30.64 4.76
C PRO A 263 18.56 -31.90 3.96
N LYS A 264 17.30 -32.34 4.09
CA LYS A 264 16.80 -33.52 3.39
C LYS A 264 15.42 -33.20 2.83
N LEU A 265 14.91 -34.10 1.99
CA LEU A 265 13.68 -33.83 1.24
C LEU A 265 12.85 -35.09 1.09
N ILE A 266 11.55 -34.96 1.32
CA ILE A 266 10.57 -35.99 1.01
C ILE A 266 9.38 -35.33 0.31
N ILE A 267 8.85 -36.00 -0.70
CA ILE A 267 7.81 -35.41 -1.54
C ILE A 267 7.16 -36.48 -2.40
N GLN A 268 5.82 -36.46 -2.49
CA GLN A 268 5.07 -37.36 -3.35
C GLN A 268 3.97 -36.57 -4.04
N VAL A 269 3.75 -36.84 -5.32
CA VAL A 269 2.94 -35.99 -6.19
C VAL A 269 1.76 -36.82 -6.67
N LEU A 270 0.65 -36.77 -5.93
CA LEU A 270 -0.56 -37.46 -6.36
C LEU A 270 -1.13 -36.82 -7.61
N VAL A 271 -1.46 -37.64 -8.61
CA VAL A 271 -2.10 -37.18 -9.84
C VAL A 271 -3.27 -38.11 -10.12
N GLU A 272 -4.46 -37.53 -10.31
CA GLU A 272 -5.67 -38.27 -10.58
C GLU A 272 -6.20 -37.87 -11.96
N TYR A 273 -6.57 -38.86 -12.76
CA TYR A 273 -7.10 -38.64 -14.09
C TYR A 273 -8.63 -38.67 -14.07
N GLU A 274 -9.22 -38.21 -15.18
CA GLU A 274 -10.67 -38.14 -15.27
C GLU A 274 -11.33 -39.51 -15.26
N ASP A 275 -10.60 -40.57 -15.61
CA ASP A 275 -11.13 -41.92 -15.63
C ASP A 275 -11.05 -42.61 -14.27
N ASP A 276 -10.91 -41.84 -13.19
CA ASP A 276 -10.85 -42.38 -11.82
C ASP A 276 -9.68 -43.35 -11.66
N SER A 277 -8.58 -43.07 -12.35
CA SER A 277 -7.32 -43.78 -12.17
C SER A 277 -6.30 -42.83 -11.53
N ILE A 278 -5.29 -43.40 -10.87
CA ILE A 278 -4.32 -42.61 -10.12
C ILE A 278 -2.90 -43.11 -10.43
N GLU A 279 -1.96 -42.17 -10.52
CA GLU A 279 -0.52 -42.42 -10.54
C GLU A 279 0.13 -41.30 -9.74
N TRP A 280 1.31 -41.55 -9.23
CA TRP A 280 2.04 -40.49 -8.57
C TRP A 280 3.54 -40.67 -8.63
N ILE A 281 4.23 -39.58 -8.45
CA ILE A 281 5.69 -39.52 -8.53
C ILE A 281 6.24 -39.30 -7.13
N VAL A 282 7.12 -40.18 -6.70
CA VAL A 282 7.68 -40.13 -5.36
C VAL A 282 9.17 -39.80 -5.44
N SER A 283 9.74 -39.42 -4.31
CA SER A 283 11.15 -39.07 -4.23
C SER A 283 11.99 -40.32 -4.01
N ASP A 284 13.01 -40.50 -4.84
CA ASP A 284 13.88 -41.66 -4.78
C ASP A 284 15.22 -41.29 -5.39
N GLU A 285 16.04 -42.30 -5.72
CA GLU A 285 17.36 -42.06 -6.27
C GLU A 285 17.34 -41.67 -7.74
N SER A 286 16.20 -41.81 -8.42
CA SER A 286 16.10 -41.33 -9.79
C SER A 286 16.10 -39.82 -9.89
N TRP A 287 16.11 -39.11 -8.76
CA TRP A 287 16.14 -37.66 -8.76
C TRP A 287 17.55 -37.14 -8.97
N LYS A 288 17.66 -36.05 -9.74
CA LYS A 288 18.93 -35.38 -9.92
C LYS A 288 19.06 -34.24 -8.90
N THR A 289 20.30 -33.81 -8.69
CA THR A 289 20.56 -32.81 -7.68
C THR A 289 21.85 -32.07 -8.00
N THR A 290 21.94 -30.83 -7.53
CA THR A 290 23.08 -29.96 -7.80
C THR A 290 23.05 -28.78 -6.85
N TYR A 291 24.12 -27.99 -6.88
CA TYR A 291 24.19 -26.73 -6.15
C TYR A 291 23.90 -25.58 -7.11
N GLY A 292 23.19 -24.56 -6.62
CA GLY A 292 22.79 -23.47 -7.46
C GLY A 292 23.39 -22.14 -7.06
N PRO A 293 22.62 -21.06 -7.22
CA PRO A 293 23.15 -19.73 -6.88
C PRO A 293 23.31 -19.51 -5.39
N ILE A 294 22.43 -20.06 -4.56
CA ILE A 294 22.48 -19.81 -3.12
C ILE A 294 23.59 -20.65 -2.50
N THR A 295 24.50 -19.99 -1.77
CA THR A 295 25.54 -20.70 -1.04
C THR A 295 25.12 -20.88 0.41
N LEU A 296 25.69 -20.08 1.31
CA LEU A 296 25.34 -20.18 2.72
C LEU A 296 23.99 -19.53 2.97
N ASN A 297 23.21 -20.15 3.86
CA ASN A 297 21.90 -19.62 4.24
C ASN A 297 21.66 -19.92 5.71
N SER A 298 21.28 -18.91 6.48
CA SER A 298 21.05 -19.07 7.91
C SER A 298 20.02 -18.05 8.36
N LEU A 299 19.15 -18.46 9.26
CA LEU A 299 18.13 -17.55 9.79
C LEU A 299 18.77 -16.39 10.56
N TYR A 300 19.90 -16.64 11.22
CA TYR A 300 20.53 -15.58 12.02
C TYR A 300 21.45 -14.71 11.18
N HIS A 301 22.13 -15.30 10.20
CA HIS A 301 23.22 -14.63 9.50
C HIS A 301 22.91 -14.23 8.07
N GLY A 302 21.80 -14.68 7.50
CA GLY A 302 21.40 -14.24 6.18
C GLY A 302 21.67 -15.28 5.12
N GLU A 303 21.60 -14.83 3.87
CA GLU A 303 21.73 -15.69 2.71
C GLU A 303 22.59 -15.01 1.66
N ILE A 304 23.38 -15.80 0.95
CA ILE A 304 24.24 -15.33 -0.13
C ILE A 304 23.73 -15.92 -1.43
N TYR A 305 23.50 -15.05 -2.42
CA TYR A 305 22.97 -15.45 -3.73
C TYR A 305 23.96 -15.01 -4.81
N ASP A 306 24.64 -15.97 -5.41
CA ASP A 306 25.60 -15.71 -6.48
C ASP A 306 24.90 -15.93 -7.81
N GLY A 307 24.55 -14.84 -8.49
CA GLY A 307 23.84 -14.94 -9.75
C GLY A 307 24.66 -15.56 -10.87
N ARG A 308 25.99 -15.59 -10.73
CA ARG A 308 26.81 -16.22 -11.76
C ARG A 308 26.65 -17.73 -11.76
N LYS A 309 26.44 -18.35 -10.61
CA LYS A 309 26.24 -19.79 -10.49
C LYS A 309 24.77 -20.17 -10.57
N GLU A 310 23.99 -19.47 -11.40
CA GLU A 310 22.55 -19.70 -11.50
C GLU A 310 22.27 -20.56 -12.73
N ILE A 311 21.85 -21.80 -12.50
CA ILE A 311 21.50 -22.72 -13.58
C ILE A 311 20.23 -22.22 -14.25
N LYS A 312 20.37 -21.60 -15.42
CA LYS A 312 19.22 -21.07 -16.12
C LYS A 312 18.36 -22.19 -16.67
N GLY A 313 17.07 -22.14 -16.39
CA GLY A 313 16.15 -23.12 -16.92
C GLY A 313 16.16 -24.47 -16.24
N TRP A 314 16.42 -24.51 -14.94
CA TRP A 314 16.63 -25.79 -14.25
C TRP A 314 15.33 -26.50 -13.90
N ASN A 315 14.19 -25.79 -13.84
CA ASN A 315 12.96 -26.43 -13.40
C ASN A 315 11.85 -26.36 -14.45
N LEU A 316 12.19 -26.71 -15.69
CA LEU A 316 11.24 -26.67 -16.80
C LEU A 316 11.37 -27.96 -17.62
N PRO A 317 10.28 -28.38 -18.29
CA PRO A 317 10.26 -29.71 -18.92
C PRO A 317 11.47 -30.07 -19.76
N ASP A 318 11.65 -29.37 -20.88
CA ASP A 318 12.76 -29.67 -21.79
C ASP A 318 14.05 -29.08 -21.21
N PHE A 319 14.75 -29.87 -20.42
CA PHE A 319 16.01 -29.45 -19.82
C PHE A 319 16.92 -30.66 -19.69
N ASP A 320 18.21 -30.44 -19.97
CA ASP A 320 19.20 -31.51 -19.87
C ASP A 320 19.35 -31.97 -18.43
N ASP A 321 18.49 -32.90 -18.01
CA ASP A 321 18.49 -33.37 -16.63
C ASP A 321 19.72 -34.19 -16.28
N SER A 322 20.55 -34.55 -17.27
CA SER A 322 21.76 -35.32 -16.98
C SER A 322 22.79 -34.44 -16.29
N THR A 323 24.09 -34.66 -16.58
CA THR A 323 25.24 -33.98 -15.98
C THR A 323 25.11 -33.66 -14.50
N TRP A 324 24.04 -34.12 -13.84
CA TRP A 324 23.82 -33.92 -12.42
C TRP A 324 24.04 -35.23 -11.69
N GLU A 325 24.51 -35.13 -10.45
CA GLU A 325 24.64 -36.30 -9.60
C GLU A 325 23.26 -36.73 -9.09
N ASN A 326 23.12 -38.02 -8.83
CA ASN A 326 21.86 -38.56 -8.34
C ASN A 326 21.74 -38.38 -6.83
N ALA A 327 20.51 -38.25 -6.36
CA ALA A 327 20.26 -38.14 -4.93
C ALA A 327 20.43 -39.49 -4.25
N ILE A 328 20.69 -39.45 -2.94
CA ILE A 328 20.86 -40.65 -2.14
C ILE A 328 19.78 -40.66 -1.06
N LEU A 329 19.60 -41.83 -0.43
CA LEU A 329 18.63 -41.96 0.64
C LEU A 329 19.09 -41.20 1.87
N ALA A 330 18.12 -40.64 2.59
CA ALA A 330 18.38 -39.92 3.82
C ALA A 330 17.90 -40.72 5.02
N GLU A 331 18.59 -40.58 6.13
CA GLU A 331 18.04 -41.05 7.38
C GLU A 331 16.87 -40.14 7.74
N PRO A 332 15.67 -40.68 7.96
CA PRO A 332 14.52 -39.82 8.29
C PRO A 332 14.79 -39.00 9.53
N PRO A 333 14.12 -37.85 9.67
CA PRO A 333 14.35 -37.00 10.86
C PRO A 333 13.88 -37.64 12.15
N GLY A 334 13.11 -38.71 12.09
CA GLY A 334 12.62 -39.41 13.27
C GLY A 334 11.23 -39.03 13.70
N GLY A 335 10.70 -37.93 13.19
CA GLY A 335 9.40 -37.45 13.61
C GLY A 335 8.27 -37.92 12.71
N LYS A 336 7.09 -38.07 13.31
CA LYS A 336 5.91 -38.41 12.55
C LYS A 336 5.50 -37.25 11.67
N LEU A 337 5.17 -37.55 10.42
CA LEU A 337 4.85 -36.52 9.43
C LEU A 337 3.36 -36.23 9.50
N TYR A 338 3.01 -35.04 9.99
CA TYR A 338 1.64 -34.61 10.19
C TYR A 338 1.36 -33.36 9.36
N SER A 339 0.08 -33.05 9.21
CA SER A 339 -0.35 -31.86 8.48
C SER A 339 -1.36 -31.09 9.34
N GLU A 340 -0.87 -30.08 10.04
CA GLU A 340 -1.72 -29.24 10.88
C GLU A 340 -2.25 -28.07 10.06
N ILE A 341 -3.49 -27.68 10.34
CA ILE A 341 -4.13 -26.55 9.68
C ILE A 341 -3.93 -25.33 10.58
N TYR A 342 -3.02 -24.46 10.16
CA TYR A 342 -2.69 -23.26 10.93
C TYR A 342 -2.15 -22.22 9.95
N PRO A 343 -2.24 -20.94 10.30
CA PRO A 343 -1.76 -19.89 9.40
C PRO A 343 -0.28 -20.04 9.11
N PRO A 344 0.11 -20.05 7.85
CA PRO A 344 1.53 -20.14 7.49
C PRO A 344 2.19 -18.77 7.47
N ILE A 345 3.51 -18.80 7.29
CA ILE A 345 4.28 -17.57 7.16
C ILE A 345 4.19 -17.08 5.73
N ARG A 346 3.87 -15.79 5.56
CA ARG A 346 3.68 -15.21 4.24
C ARG A 346 4.35 -13.85 4.17
N ILE A 347 4.47 -13.32 2.96
CA ILE A 347 4.79 -11.91 2.75
C ILE A 347 3.48 -11.15 2.88
N THR A 348 3.24 -10.57 4.06
CA THR A 348 1.95 -9.96 4.35
C THR A 348 1.81 -8.55 3.80
N LYS A 349 2.91 -7.85 3.54
CA LYS A 349 2.83 -6.49 3.05
C LYS A 349 4.14 -6.11 2.39
N THR A 350 4.08 -5.08 1.53
CA THR A 350 5.25 -4.49 0.89
C THR A 350 5.28 -3.01 1.25
N ILE A 351 6.33 -2.60 1.95
CA ILE A 351 6.48 -1.20 2.38
C ILE A 351 7.63 -0.57 1.61
N LYS A 352 7.57 0.75 1.48
CA LYS A 352 8.60 1.50 0.78
C LYS A 352 9.35 2.39 1.76
N PRO A 353 10.66 2.57 1.56
CA PRO A 353 11.43 3.43 2.47
C PRO A 353 10.97 4.88 2.41
N ILE A 354 11.23 5.61 3.49
CA ILE A 354 10.81 6.99 3.61
C ILE A 354 11.97 7.96 3.57
N LYS A 355 13.18 7.54 3.97
CA LYS A 355 14.32 8.44 4.02
C LYS A 355 15.57 7.64 3.67
N MET A 356 16.56 8.34 3.09
CA MET A 356 17.82 7.73 2.72
C MET A 356 18.93 8.75 2.85
N TRP A 357 20.06 8.32 3.44
CA TRP A 357 21.22 9.17 3.59
C TRP A 357 22.48 8.32 3.41
N SER A 358 23.63 8.98 3.42
CA SER A 358 24.92 8.32 3.21
C SER A 358 25.91 8.79 4.27
N PRO A 359 26.09 8.03 5.35
CA PRO A 359 27.08 8.44 6.36
C PRO A 359 28.52 8.29 5.90
N GLU A 360 28.79 7.33 5.02
CA GLU A 360 30.13 7.14 4.46
C GLU A 360 30.04 6.96 2.96
N PRO A 361 31.09 7.33 2.22
CA PRO A 361 31.04 7.21 0.75
C PRO A 361 30.78 5.78 0.30
N GLY A 362 29.88 5.64 -0.67
CA GLY A 362 29.47 4.34 -1.17
C GLY A 362 28.49 3.60 -0.29
N THR A 363 28.28 4.05 0.94
CA THR A 363 27.35 3.42 1.88
C THR A 363 26.06 4.24 1.90
N TYR A 364 24.93 3.58 1.63
CA TYR A 364 23.63 4.22 1.60
C TYR A 364 22.71 3.53 2.59
N VAL A 365 22.07 4.33 3.44
CA VAL A 365 21.24 3.84 4.54
C VAL A 365 19.79 4.20 4.28
N TYR A 366 18.90 3.23 4.46
CA TYR A 366 17.46 3.43 4.31
C TYR A 366 16.78 3.35 5.65
N ASP A 367 15.71 4.13 5.81
CA ASP A 367 14.88 4.10 7.01
C ASP A 367 13.45 3.81 6.59
N PHE A 368 12.87 2.75 7.15
CA PHE A 368 11.50 2.37 6.82
C PHE A 368 10.47 2.99 7.76
N GLY A 369 10.91 3.70 8.80
CA GLY A 369 10.01 4.33 9.74
C GLY A 369 9.31 3.39 10.70
N GLN A 370 9.63 2.10 10.68
CA GLN A 370 8.97 1.14 11.54
C GLN A 370 9.87 -0.07 11.69
N ASN A 371 9.99 -0.57 12.92
CA ASN A 371 10.72 -1.80 13.21
C ASN A 371 9.83 -2.99 12.87
N TYR A 372 10.14 -3.68 11.78
CA TYR A 372 9.34 -4.82 11.35
C TYR A 372 10.22 -6.04 11.12
N THR A 373 9.65 -7.08 10.51
CA THR A 373 10.37 -8.34 10.30
C THR A 373 10.23 -8.79 8.86
N GLY A 374 11.26 -9.51 8.39
CA GLY A 374 11.28 -10.00 7.03
C GLY A 374 12.58 -9.70 6.33
N TRP A 375 12.50 -9.29 5.07
CA TRP A 375 13.67 -8.97 4.28
C TRP A 375 13.33 -7.83 3.35
N ILE A 376 14.24 -7.51 2.43
CA ILE A 376 14.02 -6.46 1.45
C ILE A 376 14.25 -7.03 0.06
N LYS A 377 13.73 -6.33 -0.94
CA LYS A 377 13.96 -6.64 -2.33
C LYS A 377 14.69 -5.47 -2.97
N ILE A 378 15.80 -5.76 -3.64
CA ILE A 378 16.63 -4.74 -4.26
C ILE A 378 16.50 -4.83 -5.77
N LYS A 379 16.56 -3.67 -6.43
CA LYS A 379 16.59 -3.58 -7.88
C LYS A 379 17.95 -3.01 -8.28
N VAL A 380 18.66 -3.73 -9.14
CA VAL A 380 19.99 -3.33 -9.55
C VAL A 380 20.05 -3.22 -11.07
N ARG A 381 20.92 -2.34 -11.55
CA ARG A 381 21.18 -2.16 -12.98
C ARG A 381 22.69 -1.99 -13.14
N THR A 382 23.34 -3.04 -13.61
CA THR A 382 24.80 -3.01 -13.58
C THR A 382 25.45 -3.36 -14.91
N ASN A 383 24.91 -4.32 -15.66
CA ASN A 383 25.49 -4.80 -16.92
C ASN A 383 26.83 -5.50 -16.71
N GLU A 384 27.61 -5.08 -15.72
CA GLU A 384 28.85 -5.74 -15.38
C GLU A 384 28.59 -6.87 -14.41
N SER A 385 29.17 -8.04 -14.69
CA SER A 385 28.95 -9.23 -13.88
C SER A 385 29.99 -9.35 -12.78
N GLY A 386 29.56 -9.93 -11.65
CA GLY A 386 30.47 -10.22 -10.57
C GLY A 386 30.59 -9.17 -9.50
N LYS A 387 29.72 -8.16 -9.50
CA LYS A 387 29.77 -7.11 -8.50
C LYS A 387 28.99 -7.54 -7.27
N GLU A 388 29.61 -7.38 -6.10
CA GLU A 388 29.00 -7.81 -4.84
C GLU A 388 28.19 -6.68 -4.22
N ILE A 389 26.99 -7.01 -3.75
CA ILE A 389 26.12 -6.06 -3.06
C ILE A 389 25.81 -6.65 -1.69
N ARG A 390 26.13 -5.90 -0.64
CA ARG A 390 25.96 -6.35 0.73
C ARG A 390 24.84 -5.55 1.39
N ILE A 391 23.87 -6.27 1.96
CA ILE A 391 22.70 -5.65 2.58
C ILE A 391 22.72 -5.99 4.06
N ARG A 392 22.88 -4.97 4.90
CA ARG A 392 22.87 -5.11 6.34
C ARG A 392 21.59 -4.55 6.93
N HIS A 393 21.16 -5.11 8.05
CA HIS A 393 19.91 -4.71 8.71
C HIS A 393 20.18 -4.43 10.18
N ALA A 394 19.47 -3.45 10.73
CA ALA A 394 19.66 -3.07 12.12
C ALA A 394 18.39 -2.45 12.67
N GLU A 395 18.28 -2.45 13.99
CA GLU A 395 17.14 -1.89 14.71
C GLU A 395 17.34 -0.41 15.04
N LEU A 396 18.57 -0.01 15.36
CA LEU A 396 18.86 1.33 15.85
C LEU A 396 19.91 2.01 14.96
N THR A 397 20.18 3.27 15.26
CA THR A 397 21.14 4.06 14.52
C THR A 397 22.08 4.77 15.48
N TYR A 398 23.19 5.27 14.94
CA TYR A 398 24.14 6.08 15.69
C TYR A 398 23.95 7.55 15.35
N GLU A 399 24.56 8.41 16.17
CA GLU A 399 24.41 9.85 15.97
C GLU A 399 25.01 10.29 14.64
N ASP A 400 26.12 9.67 14.23
CA ASP A 400 26.77 10.02 12.97
C ASP A 400 26.02 9.51 11.74
N GLY A 401 24.90 8.80 11.93
CA GLY A 401 24.08 8.34 10.83
C GLY A 401 24.30 6.92 10.40
N THR A 402 25.21 6.19 11.03
CA THR A 402 25.48 4.80 10.67
C THR A 402 24.69 3.85 11.55
N LEU A 403 24.57 2.62 11.08
CA LEU A 403 23.69 1.63 11.70
C LEU A 403 24.29 1.08 12.99
N ASN A 404 23.43 0.81 13.96
CA ASN A 404 23.81 0.19 15.22
C ASN A 404 23.33 -1.25 15.18
N TYR A 405 24.25 -2.19 14.99
CA TYR A 405 23.92 -3.61 14.93
C TYR A 405 24.04 -4.29 16.29
N SER A 406 24.05 -3.51 17.38
CA SER A 406 24.28 -4.10 18.70
C SER A 406 23.14 -5.01 19.11
N THR A 407 21.90 -4.61 18.86
CA THR A 407 20.76 -5.44 19.25
C THR A 407 20.73 -6.76 18.49
N ASN A 408 21.38 -6.83 17.32
CA ASN A 408 21.46 -8.09 16.59
C ASN A 408 22.46 -9.05 17.22
N ARG A 409 23.41 -8.53 17.99
CA ARG A 409 24.40 -9.33 18.75
C ARG A 409 25.21 -10.15 17.74
N THR A 410 25.39 -11.45 17.95
CA THR A 410 26.22 -12.26 17.06
C THR A 410 25.52 -12.62 15.76
N ALA A 411 24.22 -12.37 15.64
CA ALA A 411 23.51 -12.61 14.39
C ALA A 411 24.03 -11.63 13.33
N LEU A 412 24.64 -12.17 12.27
CA LEU A 412 25.19 -11.32 11.23
C LEU A 412 24.09 -10.50 10.56
N ALA A 413 23.03 -11.16 10.11
CA ALA A 413 21.86 -10.49 9.52
C ALA A 413 22.25 -9.65 8.31
N THR A 414 23.14 -10.19 7.48
CA THR A 414 23.54 -9.55 6.23
C THR A 414 23.28 -10.50 5.07
N ASP A 415 22.74 -9.95 3.98
CA ASP A 415 22.51 -10.69 2.74
C ASP A 415 23.43 -10.15 1.65
N VAL A 416 23.96 -11.06 0.83
CA VAL A 416 24.91 -10.73 -0.21
C VAL A 416 24.38 -11.24 -1.54
N TYR A 417 24.36 -10.37 -2.55
CA TYR A 417 23.92 -10.73 -3.89
C TYR A 417 25.01 -10.33 -4.88
N ILE A 418 25.47 -11.29 -5.68
CA ILE A 418 26.46 -11.06 -6.72
C ILE A 418 25.73 -10.97 -8.05
N THR A 419 25.87 -9.84 -8.73
CA THR A 419 25.08 -9.56 -9.92
C THR A 419 25.51 -10.45 -11.09
N LYS A 420 24.61 -10.56 -12.07
CA LYS A 420 24.88 -11.27 -13.31
C LYS A 420 25.19 -10.36 -14.48
N GLY A 421 24.76 -9.11 -14.43
CA GLY A 421 25.04 -8.14 -15.48
C GLY A 421 24.08 -8.18 -16.64
N GLU A 422 22.79 -8.36 -16.35
CA GLU A 422 21.76 -8.46 -17.37
C GLU A 422 21.00 -7.15 -17.56
N GLY A 423 21.56 -6.03 -17.09
CA GLY A 423 20.94 -4.74 -17.20
C GLY A 423 19.89 -4.43 -16.13
N TYR A 424 19.19 -5.45 -15.66
CA TYR A 424 18.20 -5.26 -14.60
C TYR A 424 18.03 -6.58 -13.87
N GLU A 425 18.23 -6.57 -12.54
CA GLU A 425 18.07 -7.76 -11.73
C GLU A 425 17.36 -7.40 -10.43
N GLU A 426 16.68 -8.39 -9.86
CA GLU A 426 16.01 -8.26 -8.58
C GLU A 426 16.42 -9.43 -7.68
N TYR A 427 16.48 -9.17 -6.37
CA TYR A 427 16.86 -10.21 -5.43
C TYR A 427 16.13 -10.02 -4.11
N GLU A 428 15.58 -11.12 -3.58
CA GLU A 428 15.07 -11.20 -2.23
C GLU A 428 15.59 -12.48 -1.58
N PRO A 429 15.98 -12.44 -0.32
CA PRO A 429 16.37 -13.67 0.37
C PRO A 429 15.18 -14.59 0.57
N ARG A 430 15.46 -15.89 0.57
CA ARG A 430 14.43 -16.91 0.67
C ARG A 430 14.58 -17.84 1.85
N PHE A 431 15.75 -17.89 2.49
CA PHE A 431 16.02 -18.83 3.57
C PHE A 431 16.48 -18.12 4.84
N THR A 432 15.97 -16.91 5.08
CA THR A 432 16.35 -16.14 6.25
C THR A 432 15.31 -15.05 6.47
N TYR A 433 15.41 -14.38 7.62
CA TYR A 433 14.60 -13.20 7.90
C TYR A 433 15.30 -12.40 8.98
N HIS A 434 15.06 -11.08 8.97
CA HIS A 434 15.68 -10.18 9.91
C HIS A 434 14.63 -9.27 10.53
N GLY A 435 14.92 -8.79 11.74
CA GLY A 435 14.10 -7.78 12.38
C GLY A 435 14.84 -6.46 12.38
N PHE A 436 14.25 -5.43 11.80
CA PHE A 436 15.00 -4.20 11.55
C PHE A 436 14.05 -3.06 11.26
N ARG A 437 14.60 -1.85 11.36
CA ARG A 437 13.97 -0.64 10.85
C ARG A 437 14.79 0.04 9.77
N TYR A 438 16.10 -0.11 9.80
CA TYR A 438 17.01 0.52 8.85
C TYR A 438 17.75 -0.55 8.05
N VAL A 439 18.26 -0.14 6.89
CA VAL A 439 18.94 -1.04 5.98
C VAL A 439 20.15 -0.31 5.42
N GLU A 440 21.31 -0.96 5.45
CA GLU A 440 22.54 -0.43 4.87
C GLU A 440 22.93 -1.26 3.66
N ILE A 441 23.22 -0.61 2.54
CA ILE A 441 23.61 -1.27 1.31
C ILE A 441 24.96 -0.71 0.86
N LEU A 442 25.93 -1.60 0.71
CA LEU A 442 27.26 -1.24 0.22
C LEU A 442 27.52 -1.97 -1.09
N GLY A 443 28.02 -1.24 -2.07
CA GLY A 443 28.35 -1.81 -3.36
C GLY A 443 27.29 -1.65 -4.44
N TYR A 444 26.31 -0.77 -4.25
CA TYR A 444 25.29 -0.58 -5.25
C TYR A 444 25.91 0.08 -6.49
N PRO A 445 25.50 -0.35 -7.70
CA PRO A 445 26.03 0.28 -8.91
C PRO A 445 25.53 1.70 -9.09
N GLY A 446 26.06 2.62 -8.30
CA GLY A 446 25.65 4.01 -8.32
C GLY A 446 24.86 4.40 -7.09
N VAL A 447 24.12 5.49 -7.22
CA VAL A 447 23.29 6.02 -6.15
C VAL A 447 21.93 5.35 -6.23
N PRO A 448 21.46 4.68 -5.18
CA PRO A 448 20.12 4.09 -5.21
C PRO A 448 19.06 5.09 -4.75
N THR A 449 17.81 4.79 -5.10
CA THR A 449 16.67 5.62 -4.75
C THR A 449 15.75 4.87 -3.80
N LEU A 450 14.61 5.50 -3.49
CA LEU A 450 13.62 4.88 -2.62
C LEU A 450 12.74 3.87 -3.35
N GLU A 451 12.86 3.77 -4.68
CA GLU A 451 12.13 2.76 -5.43
C GLU A 451 12.92 1.47 -5.58
N ASP A 452 14.26 1.55 -5.59
CA ASP A 452 15.11 0.37 -5.73
C ASP A 452 15.13 -0.51 -4.49
N ILE A 453 14.50 -0.09 -3.41
CA ILE A 453 14.43 -0.87 -2.17
C ILE A 453 12.96 -1.11 -1.85
N GLU A 454 12.61 -2.36 -1.58
CA GLU A 454 11.23 -2.74 -1.26
C GLU A 454 11.26 -3.65 -0.04
N GLY A 455 10.72 -3.18 1.08
CA GLY A 455 10.68 -3.99 2.29
C GLY A 455 9.55 -5.00 2.23
N LYS A 456 9.85 -6.23 2.65
CA LYS A 456 8.88 -7.32 2.68
C LYS A 456 8.62 -7.69 4.13
N VAL A 457 7.38 -7.47 4.57
CA VAL A 457 6.96 -7.84 5.92
C VAL A 457 6.63 -9.34 5.91
N VAL A 458 7.32 -10.10 6.76
CA VAL A 458 7.25 -11.55 6.73
C VAL A 458 6.99 -12.04 8.15
N HIS A 459 5.87 -12.76 8.33
CA HIS A 459 5.51 -13.38 9.61
C HIS A 459 4.32 -14.29 9.36
N THR A 460 3.87 -14.93 10.44
CA THR A 460 2.69 -15.79 10.38
C THR A 460 1.46 -14.98 9.97
N ALA A 461 0.91 -15.26 8.79
CA ALA A 461 -0.18 -14.46 8.25
C ALA A 461 -1.48 -14.70 9.01
N VAL A 462 -1.58 -14.14 10.21
CA VAL A 462 -2.81 -14.23 11.00
C VAL A 462 -3.80 -13.18 10.52
N GLU A 463 -5.08 -13.50 10.64
CA GLU A 463 -6.14 -12.54 10.32
C GLU A 463 -6.33 -11.55 11.46
N SER A 464 -6.90 -10.40 11.14
CA SER A 464 -7.21 -9.40 12.16
C SER A 464 -8.49 -9.78 12.87
N ASN A 465 -8.44 -9.83 14.20
CA ASN A 465 -9.59 -10.21 15.01
C ASN A 465 -10.28 -9.03 15.67
N GLY A 466 -9.56 -7.96 15.98
CA GLY A 466 -10.15 -6.85 16.70
C GLY A 466 -9.48 -5.53 16.36
N GLU A 467 -10.27 -4.46 16.41
CA GLU A 467 -9.78 -3.10 16.30
C GLU A 467 -9.89 -2.41 17.65
N PHE A 468 -9.11 -1.35 17.82
CA PHE A 468 -9.20 -0.53 19.02
C PHE A 468 -8.69 0.87 18.72
N ILE A 469 -9.42 1.88 19.17
CA ILE A 469 -9.02 3.27 19.02
C ILE A 469 -9.45 4.03 20.27
N CYS A 470 -8.63 5.00 20.68
CA CYS A 470 -8.82 5.73 21.91
C CYS A 470 -8.86 7.22 21.62
N SER A 471 -9.42 7.97 22.58
CA SER A 471 -9.29 9.43 22.56
C SER A 471 -7.88 9.87 22.92
N ASN A 472 -7.13 9.03 23.63
CA ASN A 472 -5.74 9.32 23.99
C ASN A 472 -4.84 8.79 22.87
N GLU A 473 -4.04 9.69 22.29
CA GLU A 473 -3.19 9.29 21.17
C GLU A 473 -1.97 8.53 21.64
N LEU A 474 -1.47 8.80 22.84
CA LEU A 474 -0.34 8.04 23.38
C LEU A 474 -0.72 6.57 23.56
N ILE A 475 -1.95 6.31 24.02
CA ILE A 475 -2.43 4.93 24.13
C ILE A 475 -2.54 4.31 22.74
N ASN A 476 -3.01 5.07 21.75
CA ASN A 476 -3.09 4.57 20.39
C ASN A 476 -1.70 4.22 19.86
N LYS A 477 -0.69 5.02 20.20
CA LYS A 477 0.66 4.71 19.76
C LYS A 477 1.22 3.48 20.46
N ILE A 478 0.93 3.33 21.75
CA ILE A 478 1.31 2.10 22.46
C ILE A 478 0.60 0.91 21.83
N HIS A 479 -0.70 1.05 21.56
CA HIS A 479 -1.45 -0.01 20.91
C HIS A 479 -0.89 -0.32 19.53
N HIS A 480 -0.43 0.72 18.81
CA HIS A 480 0.16 0.50 17.49
C HIS A 480 1.49 -0.24 17.60
N ASN A 481 2.27 0.02 18.65
CA ASN A 481 3.57 -0.62 18.81
C ASN A 481 3.44 -2.09 19.16
N ILE A 482 2.39 -2.45 19.92
CA ILE A 482 2.21 -3.84 20.33
C ILE A 482 1.74 -4.68 19.14
N ILE A 483 0.93 -4.10 18.25
CA ILE A 483 0.43 -4.85 17.10
C ILE A 483 1.58 -5.27 16.20
N TRP A 484 2.51 -4.34 15.93
CA TRP A 484 3.67 -4.67 15.12
C TRP A 484 4.63 -5.59 15.87
N GLY A 485 4.73 -5.44 17.18
CA GLY A 485 5.63 -6.29 17.94
C GLY A 485 5.16 -7.73 18.02
N GLN A 486 3.85 -7.94 18.18
CA GLN A 486 3.31 -9.29 18.23
C GLN A 486 3.49 -9.99 16.89
N LEU A 487 3.12 -9.32 15.80
CA LEU A 487 3.31 -9.90 14.47
C LEU A 487 4.78 -10.16 14.18
N SER A 488 5.66 -9.26 14.65
CA SER A 488 7.09 -9.47 14.49
C SER A 488 7.56 -10.73 15.20
N ASN A 489 6.83 -11.22 16.20
CA ASN A 489 7.22 -12.38 16.98
C ASN A 489 6.28 -13.56 16.73
N LEU A 490 5.78 -13.70 15.50
CA LEU A 490 4.93 -14.82 15.11
C LEU A 490 5.55 -15.45 13.86
N MET A 491 6.43 -16.43 14.07
CA MET A 491 7.10 -17.15 12.98
C MET A 491 6.84 -18.64 13.15
N SER A 492 5.56 -19.04 13.01
CA SER A 492 5.10 -20.40 13.26
C SER A 492 5.20 -20.76 14.74
N ILE A 493 6.02 -20.02 15.48
CA ILE A 493 6.10 -20.15 16.93
C ILE A 493 6.18 -18.77 17.55
N PRO A 494 5.60 -18.60 18.74
CA PRO A 494 5.71 -17.31 19.44
C PRO A 494 7.12 -17.11 19.95
N THR A 495 7.80 -16.10 19.42
CA THR A 495 9.19 -15.83 19.76
C THR A 495 9.30 -14.63 20.71
N ASP A 496 10.49 -14.52 21.33
CA ASP A 496 10.75 -13.41 22.23
C ASP A 496 11.20 -12.17 21.46
N CYS A 497 12.14 -12.33 20.55
CA CYS A 497 12.67 -11.27 19.71
C CYS A 497 12.87 -11.82 18.31
N PRO A 498 12.91 -10.96 17.30
CA PRO A 498 13.07 -11.46 15.93
C PRO A 498 14.33 -10.98 15.23
N GLN A 499 15.26 -10.36 15.97
CA GLN A 499 16.38 -9.65 15.33
C GLN A 499 17.74 -10.26 15.62
N ARG A 500 17.94 -10.90 16.77
CA ARG A 500 19.28 -11.35 17.17
C ARG A 500 19.39 -12.87 17.02
N ASP A 501 20.48 -13.41 17.56
CA ASP A 501 20.77 -14.83 17.47
C ASP A 501 19.98 -15.64 18.49
N GLU A 502 18.67 -15.39 18.55
CA GLU A 502 17.80 -16.12 19.46
C GLU A 502 16.51 -16.51 18.75
N ARG A 503 15.47 -15.68 18.89
CA ARG A 503 14.17 -15.92 18.25
C ARG A 503 13.57 -17.25 18.68
N MET A 504 13.88 -17.69 19.89
CA MET A 504 13.39 -18.95 20.41
C MET A 504 11.96 -18.80 20.90
N GLY A 505 11.30 -19.95 21.10
CA GLY A 505 9.94 -19.95 21.59
C GLY A 505 9.86 -19.98 23.10
N TRP A 506 10.29 -18.90 23.74
CA TRP A 506 10.27 -18.82 25.20
C TRP A 506 8.84 -18.89 25.71
N MET A 507 8.61 -19.78 26.67
CA MET A 507 7.25 -20.05 27.13
C MET A 507 6.67 -18.89 27.93
N GLY A 508 7.51 -18.17 28.68
CA GLY A 508 7.00 -17.09 29.50
C GLY A 508 6.47 -15.93 28.67
N ASP A 509 7.24 -15.50 27.67
CA ASP A 509 6.79 -14.39 26.82
C ASP A 509 5.53 -14.74 26.06
N ALA A 510 5.38 -16.01 25.65
CA ALA A 510 4.19 -16.41 24.92
C ALA A 510 2.97 -16.47 25.81
N GLN A 511 3.15 -16.79 27.10
CA GLN A 511 2.02 -16.89 28.01
C GLN A 511 1.48 -15.52 28.37
N LEU A 512 2.37 -14.56 28.68
CA LEU A 512 1.93 -13.25 29.16
C LEU A 512 1.29 -12.42 28.05
N SER A 513 1.66 -12.66 26.80
CA SER A 513 1.11 -11.91 25.68
C SER A 513 0.06 -12.70 24.91
N ALA A 514 -0.37 -13.85 25.42
CA ALA A 514 -1.34 -14.67 24.70
C ALA A 514 -2.72 -14.01 24.66
N GLU A 515 -3.10 -13.34 25.75
CA GLU A 515 -4.40 -12.67 25.77
C GLU A 515 -4.45 -11.50 24.81
N GLU A 516 -3.33 -10.79 24.65
CA GLU A 516 -3.32 -9.66 23.72
C GLU A 516 -3.43 -10.13 22.28
N ALA A 517 -2.70 -11.18 21.91
CA ALA A 517 -2.73 -11.67 20.53
C ALA A 517 -4.11 -12.19 20.16
N ILE A 518 -4.80 -12.83 21.12
CA ILE A 518 -6.14 -13.32 20.84
C ILE A 518 -7.09 -12.16 20.57
N PHE A 519 -6.97 -11.08 21.33
CA PHE A 519 -7.83 -9.91 21.11
C PHE A 519 -7.56 -9.25 19.77
N ASN A 520 -6.30 -9.28 19.31
CA ASN A 520 -5.94 -8.58 18.08
C ASN A 520 -5.98 -9.46 16.85
N PHE A 521 -5.68 -10.76 16.97
CA PHE A 521 -5.55 -11.63 15.82
C PHE A 521 -6.25 -12.95 16.08
N ASP A 522 -6.60 -13.63 14.98
CA ASP A 522 -7.16 -14.99 15.04
C ASP A 522 -6.01 -15.95 15.34
N MET A 523 -6.01 -16.51 16.55
CA MET A 523 -4.88 -17.29 17.04
C MET A 523 -5.20 -18.73 17.39
N ILE A 524 -6.44 -19.18 17.21
CA ILE A 524 -6.80 -20.53 17.64
C ILE A 524 -6.07 -21.58 16.80
N GLY A 525 -5.90 -21.33 15.50
CA GLY A 525 -5.11 -22.24 14.69
C GLY A 525 -3.64 -22.20 15.03
N PHE A 526 -3.14 -21.02 15.40
CA PHE A 526 -1.73 -20.89 15.76
C PHE A 526 -1.43 -21.56 17.09
N TYR A 527 -2.30 -21.36 18.09
CA TYR A 527 -2.03 -21.89 19.42
C TYR A 527 -2.24 -23.40 19.48
N ARG A 528 -3.17 -23.93 18.67
CA ARG A 528 -3.36 -25.37 18.63
C ARG A 528 -2.10 -26.08 18.15
N LYS A 529 -1.41 -25.48 17.17
CA LYS A 529 -0.14 -26.03 16.72
C LYS A 529 0.94 -25.88 17.79
N TYR A 530 0.95 -24.74 18.49
CA TYR A 530 1.96 -24.53 19.51
C TYR A 530 1.69 -25.39 20.74
N LEU A 531 0.40 -25.61 21.07
CA LEU A 531 0.07 -26.50 22.17
C LEU A 531 0.56 -27.92 21.89
N ASN A 532 0.56 -28.33 20.63
CA ASN A 532 1.14 -29.61 20.27
C ASN A 532 2.65 -29.60 20.48
N ASP A 533 3.30 -28.47 20.18
CA ASP A 533 4.74 -28.36 20.36
C ASP A 533 5.13 -28.55 21.82
N ILE A 534 4.33 -27.98 22.73
CA ILE A 534 4.56 -28.18 24.16
C ILE A 534 4.33 -29.64 24.53
N ARG A 535 3.32 -30.26 23.93
CA ARG A 535 3.07 -31.68 24.17
C ARG A 535 4.20 -32.54 23.66
N ASP A 536 4.81 -32.15 22.53
CA ASP A 536 5.92 -32.89 21.95
C ASP A 536 7.23 -32.69 22.71
N ALA A 537 7.28 -31.77 23.65
CA ALA A 537 8.48 -31.53 24.44
C ALA A 537 8.29 -31.84 25.92
N GLN A 538 7.12 -32.33 26.31
CA GLN A 538 6.88 -32.68 27.71
C GLN A 538 7.64 -33.95 28.07
N LYS A 539 8.48 -33.87 29.10
CA LYS A 539 9.25 -35.03 29.53
C LYS A 539 8.33 -36.03 30.24
N GLU A 540 8.90 -37.22 30.52
CA GLU A 540 8.12 -38.28 31.14
C GLU A 540 7.66 -37.90 32.55
N ASN A 541 8.47 -37.15 33.29
CA ASN A 541 8.10 -36.69 34.62
C ASN A 541 7.17 -35.48 34.59
N GLY A 542 6.71 -35.07 33.41
CA GLY A 542 5.84 -33.92 33.30
C GLY A 542 6.55 -32.60 33.12
N SER A 543 7.87 -32.59 32.99
CA SER A 543 8.63 -31.36 32.88
C SER A 543 8.43 -30.71 31.51
N LEU A 544 8.68 -29.40 31.47
CA LEU A 544 8.58 -28.64 30.24
C LEU A 544 9.81 -27.75 30.11
N SER A 545 10.19 -27.47 28.86
CA SER A 545 11.34 -26.63 28.58
C SER A 545 10.93 -25.17 28.59
N ASP A 546 11.90 -24.30 28.93
CA ASP A 546 11.62 -22.86 28.95
C ASP A 546 11.44 -22.32 27.54
N VAL A 547 12.01 -22.98 26.53
CA VAL A 547 11.77 -22.64 25.14
C VAL A 547 11.16 -23.85 24.43
N ILE A 548 10.15 -23.60 23.62
CA ILE A 548 9.46 -24.65 22.87
C ILE A 548 9.30 -24.16 21.43
N PRO A 549 9.76 -24.92 20.42
CA PRO A 549 10.46 -26.21 20.48
C PRO A 549 11.82 -26.12 21.17
N PRO A 550 12.26 -27.22 21.80
CA PRO A 550 13.47 -27.18 22.63
C PRO A 550 14.75 -27.29 21.81
N TYR A 551 14.95 -26.33 20.89
CA TYR A 551 16.26 -26.21 20.25
C TYR A 551 17.34 -25.92 21.27
N TRP A 552 17.01 -25.11 22.28
CA TRP A 552 17.82 -24.97 23.49
C TRP A 552 17.15 -25.78 24.59
N SER A 553 17.83 -26.79 25.10
CA SER A 553 17.27 -27.65 26.13
C SER A 553 17.43 -26.98 27.49
N ILE A 554 16.34 -26.47 28.04
CA ILE A 554 16.33 -25.86 29.37
C ILE A 554 15.26 -26.60 30.17
N TYR A 555 15.66 -27.66 30.85
CA TYR A 555 14.79 -28.45 31.70
C TYR A 555 15.33 -28.49 33.13
N PRO A 556 14.46 -28.35 34.14
CA PRO A 556 13.03 -28.09 34.00
C PRO A 556 12.74 -26.60 33.79
N GLY A 557 11.48 -26.25 33.65
CA GLY A 557 11.08 -24.89 33.34
C GLY A 557 10.68 -24.10 34.58
N ASP A 558 10.81 -22.78 34.47
CA ASP A 558 10.32 -21.90 35.51
C ASP A 558 8.80 -21.99 35.58
N PRO A 559 8.23 -22.01 36.78
CA PRO A 559 6.76 -22.09 36.88
C PRO A 559 6.05 -20.94 36.17
N ALA A 560 6.62 -19.73 36.20
CA ALA A 560 6.04 -18.62 35.47
C ALA A 560 6.17 -18.79 33.96
N TRP A 561 7.06 -19.68 33.52
CA TRP A 561 7.25 -19.97 32.10
C TRP A 561 6.45 -21.19 31.66
N SER A 562 6.61 -22.31 32.38
CA SER A 562 5.94 -23.55 32.01
C SER A 562 4.43 -23.48 32.15
N THR A 563 3.89 -22.44 32.80
CA THR A 563 2.44 -22.28 32.91
C THR A 563 1.77 -22.03 31.56
N ALA A 564 2.55 -21.82 30.50
CA ALA A 564 1.98 -21.54 29.19
C ALA A 564 1.19 -22.72 28.63
N TYR A 565 1.44 -23.93 29.13
CA TYR A 565 0.71 -25.10 28.64
C TYR A 565 -0.77 -25.02 29.02
N ILE A 566 -1.06 -24.86 30.30
CA ILE A 566 -2.45 -24.81 30.74
C ILE A 566 -3.07 -23.44 30.47
N THR A 567 -2.27 -22.36 30.52
CA THR A 567 -2.82 -21.03 30.35
C THR A 567 -3.30 -20.80 28.93
N ILE A 568 -2.44 -21.09 27.94
CA ILE A 568 -2.84 -20.90 26.55
C ILE A 568 -4.01 -21.81 26.20
N ALA A 569 -3.99 -23.04 26.72
CA ALA A 569 -5.11 -23.95 26.48
C ALA A 569 -6.40 -23.42 27.11
N TRP A 570 -6.31 -22.86 28.32
CA TRP A 570 -7.48 -22.27 28.95
C TRP A 570 -7.95 -21.03 28.18
N TYR A 571 -7.02 -20.30 27.56
CA TYR A 571 -7.41 -19.16 26.74
C TYR A 571 -8.21 -19.60 25.53
N LEU A 572 -7.82 -20.73 24.92
CA LEU A 572 -8.53 -21.23 23.74
C LEU A 572 -9.96 -21.62 24.09
N TYR A 573 -10.22 -22.05 25.32
CA TYR A 573 -11.59 -22.35 25.73
C TYR A 573 -12.33 -21.10 26.18
N GLN A 574 -11.61 -20.13 26.74
CA GLN A 574 -12.27 -18.93 27.26
C GLN A 574 -12.74 -18.02 26.14
N TYR A 575 -11.91 -17.81 25.12
CA TYR A 575 -12.21 -16.85 24.06
C TYR A 575 -12.75 -17.49 22.79
N TYR A 576 -12.72 -18.82 22.69
CA TYR A 576 -13.26 -19.50 21.51
C TYR A 576 -14.27 -20.59 21.83
N GLY A 577 -14.39 -21.02 23.09
CA GLY A 577 -15.31 -22.08 23.43
C GLY A 577 -14.93 -23.43 22.87
N ASP A 578 -13.64 -23.76 22.87
CA ASP A 578 -13.13 -25.03 22.35
C ASP A 578 -12.75 -25.90 23.55
N LYS A 579 -13.74 -26.61 24.09
CA LYS A 579 -13.47 -27.54 25.18
C LYS A 579 -12.72 -28.78 24.74
N TYR A 580 -12.65 -29.04 23.43
CA TYR A 580 -11.96 -30.23 22.95
C TYR A 580 -10.45 -30.12 23.14
N VAL A 581 -9.89 -28.92 23.01
CA VAL A 581 -8.46 -28.76 23.24
C VAL A 581 -8.12 -28.94 24.72
N LEU A 582 -9.11 -28.84 25.60
CA LEU A 582 -8.88 -29.10 27.01
C LEU A 582 -8.79 -30.60 27.29
N GLU A 583 -9.62 -31.40 26.62
CA GLU A 583 -9.56 -32.85 26.80
C GLU A 583 -8.34 -33.45 26.10
N GLU A 584 -7.96 -32.89 24.96
CA GLU A 584 -6.85 -33.44 24.19
C GLU A 584 -5.52 -33.32 24.93
N HIS A 585 -5.36 -32.28 25.76
CA HIS A 585 -4.12 -32.06 26.49
C HIS A 585 -4.30 -32.20 28.00
N TYR A 586 -5.41 -32.80 28.44
CA TYR A 586 -5.69 -32.86 29.88
C TYR A 586 -4.65 -33.72 30.61
N GLU A 587 -4.25 -34.85 30.01
CA GLU A 587 -3.24 -35.68 30.65
C GLU A 587 -1.91 -34.96 30.78
N GLY A 588 -1.56 -34.12 29.81
CA GLY A 588 -0.37 -33.30 29.93
C GLY A 588 -0.45 -32.30 31.06
N PHE A 589 -1.65 -31.76 31.31
CA PHE A 589 -1.83 -30.85 32.43
C PHE A 589 -1.65 -31.58 33.76
N LYS A 590 -2.26 -32.76 33.88
CA LYS A 590 -2.13 -33.53 35.11
C LYS A 590 -0.69 -33.95 35.36
N LYS A 591 0.08 -34.18 34.29
CA LYS A 591 1.47 -34.60 34.46
C LYS A 591 2.36 -33.45 34.88
N TYR A 592 2.14 -32.25 34.32
CA TYR A 592 2.96 -31.10 34.71
C TYR A 592 2.66 -30.67 36.14
N VAL A 593 1.37 -30.61 36.50
CA VAL A 593 1.01 -30.28 37.87
C VAL A 593 1.58 -31.32 38.83
N GLU A 594 1.64 -32.58 38.41
CA GLU A 594 2.28 -33.60 39.22
C GLU A 594 3.76 -33.28 39.43
N PHE A 595 4.43 -32.76 38.40
CA PHE A 595 5.83 -32.39 38.54
C PHE A 595 6.00 -31.18 39.45
N LEU A 596 5.08 -30.22 39.36
CA LEU A 596 5.13 -29.07 40.26
C LEU A 596 4.90 -29.49 41.70
N LYS A 597 4.05 -30.49 41.93
CA LYS A 597 3.85 -31.01 43.28
C LYS A 597 5.12 -31.65 43.82
N LYS A 598 5.95 -32.21 42.94
CA LYS A 598 7.23 -32.78 43.37
C LYS A 598 8.17 -31.70 43.86
N LEU A 599 8.20 -30.55 43.18
CA LEU A 599 9.04 -29.43 43.62
C LEU A 599 8.48 -28.75 44.86
N ALA A 600 7.22 -29.02 45.21
CA ALA A 600 6.56 -28.41 46.36
C ALA A 600 6.04 -29.49 47.29
N PRO A 601 6.93 -30.17 48.03
CA PRO A 601 6.44 -31.11 49.05
C PRO A 601 5.73 -30.40 50.19
N ASP A 602 6.26 -29.24 50.60
CA ASP A 602 5.61 -28.40 51.61
C ASP A 602 4.95 -27.18 50.98
N TYR A 603 4.55 -27.28 49.73
CA TYR A 603 3.76 -26.23 49.08
C TYR A 603 4.35 -24.90 48.68
N ILE A 604 5.62 -24.66 48.94
CA ILE A 604 6.26 -23.42 48.54
C ILE A 604 7.35 -23.82 47.56
N VAL A 605 7.14 -23.53 46.27
CA VAL A 605 8.12 -23.87 45.25
C VAL A 605 9.24 -22.83 45.34
N SER A 606 10.34 -23.22 46.00
CA SER A 606 11.47 -22.32 46.13
C SER A 606 12.27 -22.21 44.84
N PHE A 607 12.11 -23.13 43.91
CA PHE A 607 12.87 -23.10 42.67
C PHE A 607 12.32 -22.04 41.74
N TYR A 608 13.20 -21.22 41.20
CA TYR A 608 12.85 -20.23 40.19
C TYR A 608 14.13 -19.77 39.52
N LYS A 609 14.03 -19.41 38.24
CA LYS A 609 15.15 -18.89 37.47
C LYS A 609 14.96 -17.44 37.06
N TYR A 610 13.77 -17.09 36.56
CA TYR A 610 13.50 -15.75 36.06
C TYR A 610 12.58 -14.95 36.97
N GLY A 611 11.42 -15.51 37.34
CA GLY A 611 10.50 -14.77 38.19
C GLY A 611 9.98 -13.54 37.48
N ASP A 612 9.82 -12.45 38.24
CA ASP A 612 9.43 -11.16 37.68
C ASP A 612 10.61 -10.63 36.86
N TRP A 613 10.68 -11.11 35.62
CA TRP A 613 11.80 -10.79 34.75
C TRP A 613 11.79 -9.32 34.34
N CYS A 614 12.95 -8.66 34.51
CA CYS A 614 13.19 -7.31 34.00
C CYS A 614 12.27 -6.29 34.66
N GLN A 615 12.41 -6.16 35.97
CA GLN A 615 11.85 -5.02 36.68
C GLN A 615 12.69 -3.79 36.36
N PRO A 616 12.14 -2.59 36.56
CA PRO A 616 12.89 -1.36 36.24
C PRO A 616 14.22 -1.32 36.97
N GLY A 617 15.30 -1.23 36.19
CA GLY A 617 16.63 -1.11 36.75
C GLY A 617 17.26 -2.41 37.17
N THR A 618 16.87 -3.52 36.57
CA THR A 618 17.38 -4.83 36.96
C THR A 618 17.01 -5.84 35.89
N VAL A 619 17.61 -7.03 36.01
CA VAL A 619 17.24 -8.20 35.23
C VAL A 619 16.62 -9.28 36.10
N ARG A 620 17.32 -9.65 37.18
CA ARG A 620 16.74 -10.50 38.21
C ARG A 620 15.94 -9.64 39.19
N PRO A 621 14.86 -10.19 39.75
CA PRO A 621 13.99 -9.38 40.62
C PRO A 621 14.74 -8.82 41.82
N LYS A 622 14.48 -7.55 42.13
CA LYS A 622 15.14 -6.88 43.24
C LYS A 622 14.45 -7.14 44.58
N ASP A 623 13.20 -7.59 44.56
CA ASP A 623 12.42 -7.78 45.77
C ASP A 623 12.50 -9.20 46.32
N ASN A 624 13.33 -10.06 45.72
CA ASN A 624 13.42 -11.47 46.11
C ASN A 624 12.05 -12.12 46.09
N SER A 625 11.32 -11.90 44.99
CA SER A 625 9.95 -12.36 44.85
C SER A 625 9.84 -13.63 44.01
N GLY A 626 10.96 -14.22 43.61
CA GLY A 626 10.91 -15.38 42.74
C GLY A 626 10.13 -16.54 43.34
N GLU A 627 10.32 -16.79 44.64
CA GLU A 627 9.60 -17.87 45.29
C GLU A 627 8.11 -17.54 45.47
N LEU A 628 7.77 -16.25 45.54
CA LEU A 628 6.38 -15.85 45.60
C LEU A 628 5.73 -15.96 44.23
N THR A 629 6.43 -15.49 43.19
CA THR A 629 5.95 -15.65 41.83
C THR A 629 5.80 -17.12 41.46
N SER A 630 6.70 -17.98 41.95
CA SER A 630 6.63 -19.41 41.60
C SER A 630 5.44 -20.06 42.28
N THR A 631 5.23 -19.78 43.57
CA THR A 631 4.07 -20.30 44.27
C THR A 631 2.78 -19.69 43.73
N PHE A 632 2.85 -18.44 43.25
CA PHE A 632 1.70 -17.82 42.62
C PHE A 632 1.22 -18.63 41.43
N TYR A 633 2.16 -19.14 40.62
CA TYR A 633 1.79 -19.93 39.46
C TYR A 633 1.53 -21.40 39.81
N PHE A 634 2.02 -21.87 40.95
CA PHE A 634 1.65 -23.20 41.41
C PHE A 634 0.18 -23.23 41.80
N TYR A 635 -0.27 -22.22 42.56
CA TYR A 635 -1.69 -22.09 42.85
C TYR A 635 -2.49 -21.83 41.58
N HIS A 636 -1.93 -21.04 40.67
CA HIS A 636 -2.62 -20.74 39.41
C HIS A 636 -2.83 -22.01 38.59
N ASP A 637 -1.79 -22.86 38.48
CA ASP A 637 -1.90 -24.06 37.67
C ASP A 637 -2.86 -25.07 38.27
N VAL A 638 -2.94 -25.14 39.59
CA VAL A 638 -3.82 -26.11 40.23
C VAL A 638 -5.27 -25.63 40.20
N ILE A 639 -5.49 -24.32 40.35
CA ILE A 639 -6.86 -23.80 40.38
C ILE A 639 -7.53 -23.96 39.02
N THR A 640 -6.83 -23.57 37.95
CA THR A 640 -7.43 -23.67 36.62
C THR A 640 -7.54 -25.11 36.16
N LEU A 641 -6.66 -26.00 36.66
CA LEU A 641 -6.80 -27.42 36.34
C LEU A 641 -8.04 -28.00 37.03
N SER A 642 -8.28 -27.62 38.28
CA SER A 642 -9.52 -28.04 38.94
C SER A 642 -10.74 -27.44 38.25
N LYS A 643 -10.59 -26.26 37.63
CA LYS A 643 -11.68 -25.69 36.86
C LYS A 643 -11.90 -26.46 35.56
N ILE A 644 -10.81 -26.95 34.95
CA ILE A 644 -10.93 -27.76 33.75
C ILE A 644 -11.49 -29.13 34.09
N ALA A 645 -11.10 -29.69 35.23
CA ALA A 645 -11.61 -31.00 35.63
C ALA A 645 -13.11 -30.97 35.85
N LYS A 646 -13.62 -29.93 36.51
CA LYS A 646 -15.05 -29.82 36.71
C LYS A 646 -15.80 -29.64 35.39
N LEU A 647 -15.17 -28.98 34.42
CA LEU A 647 -15.80 -28.80 33.11
C LEU A 647 -15.98 -30.13 32.40
N LEU A 648 -14.95 -30.99 32.43
CA LEU A 648 -15.01 -32.27 31.74
C LEU A 648 -15.76 -33.34 32.51
N GLY A 649 -16.16 -33.07 33.75
CA GLY A 649 -16.91 -34.03 34.54
C GLY A 649 -16.09 -34.90 35.45
N LYS A 650 -14.80 -34.63 35.62
CA LYS A 650 -13.94 -35.42 36.50
C LYS A 650 -14.12 -34.91 37.92
N GLU A 651 -15.13 -35.44 38.62
CA GLU A 651 -15.43 -34.96 39.97
C GLU A 651 -14.29 -35.27 40.94
N ALA A 652 -13.68 -36.45 40.81
CA ALA A 652 -12.58 -36.80 41.71
C ALA A 652 -11.38 -35.87 41.48
N ASP A 653 -11.02 -35.63 40.21
CA ASP A 653 -9.93 -34.72 39.93
C ASP A 653 -10.28 -33.30 40.33
N TYR A 654 -11.54 -32.95 40.25
CA TYR A 654 -11.97 -31.63 40.60
C TYR A 654 -11.74 -31.43 42.03
N LYS A 655 -12.37 -32.23 42.86
CA LYS A 655 -12.19 -32.11 44.29
C LYS A 655 -10.74 -32.20 44.77
N TYR A 656 -9.96 -33.08 44.19
CA TYR A 656 -8.60 -33.19 44.58
C TYR A 656 -7.83 -31.95 44.39
N TYR A 657 -7.93 -31.31 43.24
CA TYR A 657 -7.17 -30.10 42.98
C TYR A 657 -7.71 -28.93 43.70
N SER A 658 -8.98 -28.94 43.95
CA SER A 658 -9.58 -27.89 44.68
C SER A 658 -9.03 -27.91 46.07
N GLU A 659 -8.92 -29.08 46.67
CA GLU A 659 -8.35 -29.27 47.97
C GLU A 659 -6.91 -28.90 47.99
N LEU A 660 -6.18 -29.19 46.95
CA LEU A 660 -4.78 -28.87 46.95
C LEU A 660 -4.53 -27.42 46.81
N ALA A 661 -5.41 -26.74 46.12
CA ALA A 661 -5.33 -25.32 45.91
C ALA A 661 -5.48 -24.62 47.22
N ASP A 662 -6.39 -25.10 48.05
CA ASP A 662 -6.53 -24.58 49.37
C ASP A 662 -5.26 -24.80 50.19
N LYS A 663 -4.54 -25.84 49.92
CA LYS A 663 -3.35 -26.02 50.68
C LYS A 663 -2.38 -24.88 50.39
N ILE A 664 -2.22 -24.53 49.14
CA ILE A 664 -1.31 -23.50 48.71
C ILE A 664 -1.66 -22.15 49.27
N LYS A 665 -2.79 -21.58 48.89
CA LYS A 665 -3.21 -20.34 49.53
C LYS A 665 -2.76 -20.28 50.99
N SER A 666 -3.17 -21.25 51.81
CA SER A 666 -2.87 -21.18 53.23
C SER A 666 -1.37 -21.25 53.49
N ALA A 667 -0.64 -22.03 52.69
CA ALA A 667 0.81 -22.05 52.80
C ALA A 667 1.45 -20.81 52.20
N PHE A 668 0.83 -20.25 51.16
CA PHE A 668 1.32 -18.99 50.58
C PHE A 668 1.22 -17.86 51.59
N ASN A 669 0.12 -17.80 52.34
CA ASN A 669 -0.08 -16.72 53.30
C ASN A 669 0.77 -16.91 54.55
N LYS A 670 1.00 -18.15 54.98
CA LYS A 670 1.80 -18.38 56.17
C LYS A 670 3.24 -17.95 55.98
N LYS A 671 3.75 -17.99 54.74
CA LYS A 671 5.14 -17.66 54.48
C LYS A 671 5.36 -16.23 53.99
N PHE A 672 4.33 -15.58 53.44
CA PHE A 672 4.51 -14.29 52.79
C PHE A 672 3.68 -13.16 53.38
N LEU A 673 2.51 -13.46 53.96
CA LEU A 673 1.69 -12.40 54.54
C LEU A 673 2.33 -11.88 55.82
N LYS A 674 2.65 -10.58 55.86
CA LYS A 674 3.34 -9.94 56.98
C LYS A 674 2.51 -8.77 57.48
N GLU A 675 1.51 -9.07 58.31
CA GLU A 675 0.74 -8.06 59.05
C GLU A 675 0.01 -7.09 58.12
N LYS A 676 0.74 -6.30 57.34
CA LYS A 676 0.13 -5.29 56.48
C LYS A 676 0.47 -5.42 55.01
N ALA A 677 1.39 -6.29 54.64
CA ALA A 677 1.77 -6.47 53.24
C ALA A 677 2.44 -7.83 53.08
N TYR A 678 2.88 -8.12 51.86
CA TYR A 678 3.60 -9.34 51.55
C TYR A 678 5.09 -9.04 51.41
N ALA A 679 5.93 -9.97 51.87
CA ALA A 679 7.37 -9.79 51.84
C ALA A 679 8.03 -11.16 51.96
N SER A 680 9.36 -11.16 51.85
CA SER A 680 10.16 -12.37 52.04
C SER A 680 11.62 -12.02 52.27
N MET A 717 9.52 -0.30 51.18
CA MET A 717 10.80 -0.52 51.82
C MET A 717 11.12 -2.01 51.82
N PHE A 718 10.21 -2.79 52.40
CA PHE A 718 10.29 -4.24 52.48
C PHE A 718 9.23 -4.93 51.65
N THR A 719 8.48 -4.17 50.84
CA THR A 719 7.42 -4.71 49.99
C THR A 719 7.44 -3.97 48.65
N SER A 720 7.34 -4.73 47.57
CA SER A 720 7.33 -4.18 46.23
C SER A 720 5.91 -4.23 45.66
N GLN A 721 5.77 -3.67 44.45
CA GLN A 721 4.50 -3.80 43.73
C GLN A 721 4.26 -5.25 43.31
N THR A 722 5.32 -5.91 42.82
CA THR A 722 5.19 -7.31 42.40
C THR A 722 4.73 -8.18 43.57
N LEU A 723 5.20 -7.89 44.77
CA LEU A 723 4.86 -8.70 45.94
C LEU A 723 3.40 -8.57 46.36
N ASN A 724 2.68 -7.58 45.85
CA ASN A 724 1.32 -7.33 46.31
C ASN A 724 0.25 -7.53 45.25
N THR A 725 0.54 -7.25 43.97
CA THR A 725 -0.48 -7.45 42.93
C THR A 725 -0.76 -8.92 42.70
N LEU A 726 0.23 -9.79 42.92
CA LEU A 726 0.04 -11.21 42.61
C LEU A 726 -0.94 -11.88 43.55
N PRO A 727 -0.79 -11.81 44.88
CA PRO A 727 -1.82 -12.39 45.75
C PRO A 727 -3.15 -11.67 45.66
N LEU A 728 -3.18 -10.40 45.28
CA LEU A 728 -4.43 -9.68 45.09
C LEU A 728 -5.13 -10.04 43.78
N TYR A 729 -4.39 -10.56 42.79
CA TYR A 729 -5.01 -10.98 41.54
C TYR A 729 -5.82 -12.25 41.73
N LEU A 730 -5.17 -13.32 42.18
CA LEU A 730 -5.84 -14.58 42.46
C LEU A 730 -6.60 -14.56 43.79
N ASN A 731 -6.60 -13.43 44.50
CA ASN A 731 -7.37 -13.25 45.73
C ASN A 731 -6.95 -14.26 46.79
N LEU A 732 -5.65 -14.28 47.07
CA LEU A 732 -5.10 -15.07 48.17
C LEU A 732 -5.05 -14.29 49.48
N VAL A 733 -5.36 -13.01 49.46
CA VAL A 733 -5.29 -12.18 50.66
C VAL A 733 -6.49 -12.50 51.55
N PRO A 734 -6.29 -12.73 52.84
CA PRO A 734 -7.43 -12.89 53.74
C PRO A 734 -8.32 -11.65 53.74
N GLU A 735 -9.62 -11.88 53.91
CA GLU A 735 -10.60 -10.79 53.82
C GLU A 735 -10.33 -9.70 54.85
N ASP A 736 -9.74 -10.05 55.99
CA ASP A 736 -9.42 -9.07 57.02
C ASP A 736 -8.15 -8.29 56.72
N LYS A 737 -7.52 -8.51 55.56
CA LYS A 737 -6.26 -7.87 55.22
C LYS A 737 -6.25 -7.26 53.83
N VAL A 738 -7.32 -7.40 53.04
CA VAL A 738 -7.30 -6.91 51.66
C VAL A 738 -7.19 -5.39 51.63
N GLN A 739 -7.92 -4.70 52.51
CA GLN A 739 -7.90 -3.24 52.50
C GLN A 739 -6.53 -2.70 52.86
N ASP A 740 -5.78 -3.41 53.70
CA ASP A 740 -4.46 -2.93 54.11
C ASP A 740 -3.39 -3.30 53.10
N VAL A 741 -3.49 -4.50 52.50
CA VAL A 741 -2.53 -4.91 51.49
C VAL A 741 -2.70 -4.07 50.22
N LEU A 742 -3.95 -3.83 49.82
CA LEU A 742 -4.20 -3.02 48.64
C LEU A 742 -3.70 -1.59 48.83
N LYS A 743 -3.78 -1.06 50.05
CA LYS A 743 -3.30 0.29 50.31
C LYS A 743 -1.78 0.37 50.18
N THR A 744 -1.06 -0.66 50.64
CA THR A 744 0.38 -0.69 50.46
C THR A 744 0.75 -0.65 48.99
N LEU A 745 -0.05 -1.31 48.14
CA LEU A 745 0.20 -1.26 46.70
C LEU A 745 -0.05 0.13 46.15
N LEU A 746 -1.15 0.78 46.56
CA LEU A 746 -1.47 2.11 46.06
C LEU A 746 -0.43 3.14 46.50
N GLU A 747 0.00 3.06 47.76
CA GLU A 747 1.00 4.01 48.25
C GLU A 747 2.36 3.80 47.58
N ASP A 748 2.71 2.55 47.27
CA ASP A 748 3.94 2.31 46.54
C ASP A 748 3.85 2.82 45.11
N ILE A 749 2.65 2.84 44.54
CA ILE A 749 2.46 3.34 43.18
C ILE A 749 2.41 4.86 43.18
N ILE A 750 1.61 5.45 44.06
CA ILE A 750 1.37 6.89 44.02
C ILE A 750 2.48 7.65 44.72
N ILE A 751 2.79 7.27 45.96
CA ILE A 751 3.77 8.03 46.74
C ILE A 751 5.19 7.66 46.34
N ARG A 752 5.53 6.38 46.44
CA ARG A 752 6.92 5.96 46.27
C ARG A 752 7.38 6.06 44.82
N HIS A 753 6.47 5.90 43.86
CA HIS A 753 6.86 5.81 42.47
C HIS A 753 6.17 6.82 41.56
N ASP A 754 5.23 7.62 42.08
CA ASP A 754 4.59 8.69 41.33
C ASP A 754 3.93 8.15 40.05
N TYR A 755 3.07 7.15 40.23
CA TYR A 755 2.33 6.51 39.13
C TYR A 755 3.28 5.95 38.08
N HIS A 756 4.13 5.02 38.51
CA HIS A 756 5.07 4.37 37.63
C HIS A 756 5.16 2.89 37.98
N LEU A 757 5.36 2.06 36.96
CA LEU A 757 5.45 0.62 37.17
C LEU A 757 6.79 0.26 37.79
N ASP A 758 6.76 -0.57 38.82
CA ASP A 758 7.94 -1.16 39.44
C ASP A 758 7.91 -2.67 39.31
N THR A 759 7.41 -3.16 38.17
CA THR A 759 7.10 -4.57 37.99
C THR A 759 7.74 -5.09 36.72
N GLY A 760 8.08 -6.37 36.73
CA GLY A 760 8.62 -7.04 35.57
C GLY A 760 7.53 -7.50 34.62
N ILE A 761 7.87 -8.49 33.80
CA ILE A 761 6.93 -8.96 32.79
C ILE A 761 5.76 -9.69 33.42
N VAL A 762 5.98 -10.36 34.56
CA VAL A 762 4.91 -11.17 35.16
C VAL A 762 3.88 -10.27 35.83
N ALA A 763 4.33 -9.38 36.71
CA ALA A 763 3.40 -8.55 37.48
C ALA A 763 2.78 -7.43 36.65
N THR A 764 3.42 -7.00 35.57
CA THR A 764 2.82 -6.00 34.70
C THR A 764 1.55 -6.53 34.05
N ARG A 765 1.49 -7.84 33.80
CA ARG A 765 0.31 -8.46 33.21
C ARG A 765 -0.88 -8.44 34.15
N TYR A 766 -0.66 -8.33 35.46
CA TYR A 766 -1.74 -8.39 36.45
C TYR A 766 -2.01 -7.07 37.16
N ILE A 767 -1.08 -6.12 37.12
CA ILE A 767 -1.20 -4.93 37.97
C ILE A 767 -2.37 -4.06 37.51
N PHE A 768 -2.57 -3.94 36.20
CA PHE A 768 -3.64 -3.06 35.71
C PHE A 768 -5.02 -3.63 36.04
N ASP A 769 -5.17 -4.95 35.96
CA ASP A 769 -6.45 -5.58 36.29
C ASP A 769 -6.71 -5.54 37.79
N VAL A 770 -5.66 -5.60 38.61
CA VAL A 770 -5.84 -5.58 40.06
C VAL A 770 -6.42 -4.23 40.51
N LEU A 771 -5.81 -3.14 40.04
CA LEU A 771 -6.33 -1.82 40.40
C LEU A 771 -7.71 -1.57 39.84
N THR A 772 -8.00 -2.11 38.64
CA THR A 772 -9.32 -1.91 38.06
C THR A 772 -10.38 -2.69 38.81
N SER A 773 -10.06 -3.91 39.25
CA SER A 773 -11.04 -4.73 39.96
C SER A 773 -11.41 -4.14 41.31
N TYR A 774 -10.48 -3.46 41.98
CA TYR A 774 -10.72 -2.89 43.29
C TYR A 774 -11.14 -1.43 43.24
N GLY A 775 -11.64 -0.98 42.09
CA GLY A 775 -12.19 0.36 41.98
C GLY A 775 -11.19 1.48 41.90
N TYR A 776 -9.99 1.21 41.37
CA TYR A 776 -8.94 2.22 41.24
C TYR A 776 -8.44 2.28 39.81
N ASP A 777 -9.37 2.40 38.86
CA ASP A 777 -9.00 2.50 37.46
C ASP A 777 -8.32 3.82 37.13
N GLU A 778 -8.54 4.87 37.93
CA GLU A 778 -7.87 6.14 37.69
C GLU A 778 -6.37 6.04 37.92
N VAL A 779 -5.94 5.24 38.89
CA VAL A 779 -4.51 5.06 39.13
C VAL A 779 -3.87 4.32 37.96
N ALA A 780 -4.55 3.30 37.43
CA ALA A 780 -4.01 2.55 36.31
C ALA A 780 -3.89 3.41 35.06
N TYR A 781 -4.87 4.27 34.81
CA TYR A 781 -4.81 5.16 33.67
C TYR A 781 -3.66 6.15 33.78
N LYS A 782 -3.42 6.67 34.99
CA LYS A 782 -2.32 7.61 35.19
C LYS A 782 -0.98 6.94 35.00
N ILE A 783 -0.89 5.63 35.26
CA ILE A 783 0.33 4.89 34.99
C ILE A 783 0.58 4.78 33.49
N VAL A 784 -0.48 4.49 32.73
CA VAL A 784 -0.33 4.32 31.29
C VAL A 784 0.01 5.65 30.61
N ASN A 785 -0.61 6.73 31.07
CA ASN A 785 -0.41 8.05 30.47
C ASN A 785 0.96 8.66 30.76
N GLN A 786 1.85 7.95 31.46
CA GLN A 786 3.16 8.48 31.76
C GLN A 786 4.06 8.47 30.53
N LYS A 787 4.82 9.54 30.35
CA LYS A 787 5.78 9.65 29.26
C LYS A 787 7.22 9.64 29.75
N THR A 788 7.44 9.37 31.04
CA THR A 788 8.76 9.35 31.64
C THR A 788 9.11 7.93 32.10
N TYR A 789 10.38 7.75 32.45
CA TYR A 789 10.82 6.44 32.90
C TYR A 789 10.26 6.13 34.29
N PRO A 790 9.82 4.89 34.54
CA PRO A 790 9.69 3.82 33.54
C PRO A 790 8.24 3.60 33.10
N SER A 791 8.00 3.64 31.79
CA SER A 791 6.65 3.49 31.27
C SER A 791 6.72 3.12 29.79
N PHE A 792 5.55 2.76 29.25
CA PHE A 792 5.48 2.48 27.81
C PHE A 792 5.56 3.76 27.00
N GLY A 793 5.09 4.88 27.55
CA GLY A 793 5.24 6.15 26.87
C GLY A 793 6.68 6.58 26.72
N TYR A 794 7.51 6.26 27.71
CA TYR A 794 8.93 6.59 27.61
C TYR A 794 9.59 5.87 26.43
N MET A 795 9.13 4.66 26.10
CA MET A 795 9.64 3.98 24.92
C MET A 795 9.27 4.74 23.65
N ILE A 796 8.02 5.20 23.56
CA ILE A 796 7.55 5.90 22.38
C ILE A 796 8.28 7.25 22.25
N GLU A 797 8.46 7.95 23.36
CA GLU A 797 9.17 9.23 23.31
C GLU A 797 10.62 9.06 22.88
N GLU A 798 11.20 7.88 23.07
CA GLU A 798 12.58 7.61 22.67
C GLU A 798 12.67 6.94 21.30
N GLY A 799 11.58 6.94 20.52
CA GLY A 799 11.64 6.49 19.15
C GLY A 799 11.33 5.03 18.91
N ALA A 800 10.58 4.39 19.80
CA ALA A 800 10.26 2.97 19.66
C ALA A 800 9.01 2.82 18.80
N THR A 801 9.12 2.04 17.72
CA THR A 801 7.97 1.65 16.93
C THR A 801 7.41 0.29 17.35
N THR A 802 8.11 -0.41 18.24
CA THR A 802 7.61 -1.64 18.84
C THR A 802 7.84 -1.50 20.34
N LEU A 803 7.89 -2.63 21.03
CA LEU A 803 8.11 -2.64 22.47
C LEU A 803 9.52 -3.15 22.79
N TRP A 804 10.11 -2.60 23.84
CA TRP A 804 11.47 -2.92 24.24
C TRP A 804 11.49 -4.14 25.15
N GLU A 805 12.66 -4.76 25.24
CA GLU A 805 12.87 -5.84 26.20
C GLU A 805 13.02 -5.29 27.61
N ARG A 806 13.64 -4.11 27.76
CA ARG A 806 13.87 -3.50 29.07
C ARG A 806 13.26 -2.12 29.11
N TRP A 807 12.93 -1.67 30.33
CA TRP A 807 12.38 -0.32 30.51
C TRP A 807 13.40 0.74 30.15
N GLU A 808 14.67 0.51 30.48
CA GLU A 808 15.71 1.48 30.23
C GLU A 808 16.11 1.48 28.76
N LYS A 809 16.43 2.66 28.24
CA LYS A 809 16.93 2.78 26.87
C LYS A 809 18.34 2.22 26.81
N LEU A 810 18.50 1.07 26.14
CA LEU A 810 19.79 0.40 26.06
C LEU A 810 20.05 0.02 24.60
N THR A 811 21.20 0.45 24.08
CA THR A 811 21.54 0.27 22.67
C THR A 811 22.91 -0.35 22.52
N SER A 812 23.20 -1.37 23.32
CA SER A 812 24.45 -2.10 23.22
C SER A 812 24.14 -3.59 23.15
N THR A 813 25.20 -4.40 23.13
CA THR A 813 25.01 -5.85 23.14
C THR A 813 24.50 -6.29 24.52
N GLY A 814 24.04 -7.54 24.58
CA GLY A 814 23.33 -8.00 25.75
C GLY A 814 21.84 -7.77 25.63
N MET A 815 21.12 -8.17 26.66
CA MET A 815 19.66 -8.13 26.66
C MET A 815 19.14 -6.71 26.48
N ASN A 816 19.28 -6.16 25.27
CA ASN A 816 18.88 -4.79 24.97
C ASN A 816 18.01 -4.72 23.72
N SER A 817 17.27 -5.79 23.43
CA SER A 817 16.51 -5.85 22.18
C SER A 817 15.36 -4.85 22.19
N HIS A 818 15.01 -4.38 21.00
CA HIS A 818 14.00 -3.34 20.83
C HIS A 818 12.74 -3.84 20.13
N ASN A 819 12.48 -5.13 20.18
CA ASN A 819 11.26 -5.69 19.58
C ASN A 819 10.83 -6.92 20.37
N HIS A 820 10.53 -6.73 21.65
CA HIS A 820 10.03 -7.78 22.50
C HIS A 820 8.52 -7.67 22.68
N ILE A 821 7.91 -8.79 23.07
CA ILE A 821 6.46 -8.88 23.18
C ILE A 821 6.01 -9.23 24.60
N MET A 822 6.92 -9.54 25.51
CA MET A 822 6.52 -9.96 26.85
C MET A 822 5.77 -8.86 27.59
N PHE A 823 6.19 -7.60 27.40
CA PHE A 823 5.54 -6.48 28.06
C PHE A 823 4.27 -6.02 27.34
N GLY A 824 3.85 -6.70 26.27
CA GLY A 824 2.70 -6.29 25.48
C GLY A 824 1.34 -6.64 26.05
N SER A 825 1.29 -7.19 27.27
CA SER A 825 0.01 -7.59 27.86
C SER A 825 -0.90 -6.41 28.16
N VAL A 826 -0.40 -5.17 28.09
CA VAL A 826 -1.23 -4.02 28.40
C VAL A 826 -2.29 -3.80 27.33
N ASP A 827 -2.04 -4.28 26.11
CA ASP A 827 -3.03 -4.12 25.05
C ASP A 827 -4.33 -4.85 25.38
N ALA A 828 -4.25 -5.93 26.15
CA ALA A 828 -5.47 -6.59 26.62
C ALA A 828 -6.25 -5.70 27.57
N TRP A 829 -5.55 -4.89 28.36
CA TRP A 829 -6.22 -3.95 29.26
C TRP A 829 -6.98 -2.88 28.49
N PHE A 830 -6.47 -2.48 27.33
CA PHE A 830 -7.15 -1.47 26.53
C PHE A 830 -8.49 -1.98 26.02
N TYR A 831 -8.57 -3.27 25.67
CA TYR A 831 -9.81 -3.84 25.16
C TYR A 831 -10.82 -4.06 26.27
N ARG A 832 -10.40 -4.68 27.37
CA ARG A 832 -11.34 -5.14 28.39
C ARG A 832 -11.77 -4.05 29.36
N VAL A 833 -10.95 -3.03 29.56
CA VAL A 833 -11.21 -1.99 30.57
C VAL A 833 -11.49 -0.64 29.91
N ILE A 834 -10.52 -0.11 29.17
CA ILE A 834 -10.68 1.21 28.56
C ILE A 834 -11.86 1.20 27.59
N ALA A 835 -11.82 0.31 26.60
CA ALA A 835 -12.98 0.10 25.74
C ALA A 835 -14.12 -0.53 26.53
N GLY A 836 -13.87 -1.71 27.11
CA GLY A 836 -14.80 -2.28 28.07
C GLY A 836 -15.58 -3.49 27.58
N VAL A 837 -14.95 -4.37 26.80
CA VAL A 837 -15.58 -5.60 26.33
C VAL A 837 -14.74 -6.77 26.82
N ARG A 838 -15.33 -7.62 27.65
CA ARG A 838 -14.65 -8.78 28.21
C ARG A 838 -15.55 -10.00 28.09
N VAL A 839 -14.94 -11.18 28.23
CA VAL A 839 -15.68 -12.43 28.14
C VAL A 839 -16.38 -12.69 29.47
N GLY A 840 -17.69 -12.90 29.40
CA GLY A 840 -18.48 -13.20 30.58
C GLY A 840 -18.63 -14.69 30.79
N GLU A 841 -18.81 -15.42 29.70
CA GLU A 841 -18.85 -16.87 29.69
C GLU A 841 -18.04 -17.38 28.51
N PRO A 842 -17.41 -18.55 28.64
CA PRO A 842 -16.49 -19.02 27.60
C PRO A 842 -17.15 -19.07 26.23
N GLY A 843 -16.33 -18.87 25.19
CA GLY A 843 -16.85 -18.80 23.84
C GLY A 843 -17.66 -17.56 23.54
N TRP A 844 -17.52 -16.51 24.37
CA TRP A 844 -18.32 -15.29 24.26
C TRP A 844 -19.81 -15.59 24.33
N ASN A 845 -20.18 -16.63 25.06
CA ASN A 845 -21.60 -16.92 25.27
C ASN A 845 -22.30 -15.79 26.00
N LYS A 846 -21.59 -15.12 26.90
CA LYS A 846 -22.06 -13.90 27.55
C LYS A 846 -20.96 -12.86 27.42
N ILE A 847 -21.35 -11.65 27.05
CA ILE A 847 -20.41 -10.54 26.88
C ILE A 847 -20.69 -9.49 27.94
N ILE A 848 -19.64 -8.96 28.55
CA ILE A 848 -19.73 -7.93 29.56
C ILE A 848 -19.27 -6.62 28.92
N PHE A 849 -20.19 -5.67 28.77
CA PHE A 849 -19.89 -4.35 28.22
C PHE A 849 -19.77 -3.38 29.39
N GLU A 850 -18.56 -3.25 29.93
CA GLU A 850 -18.28 -2.41 31.09
C GLU A 850 -17.21 -1.39 30.74
N PRO A 851 -17.59 -0.24 30.20
CA PRO A 851 -16.59 0.79 29.87
C PRO A 851 -16.08 1.50 31.11
N HIS A 852 -14.85 2.02 31.00
CA HIS A 852 -14.19 2.73 32.09
C HIS A 852 -13.70 4.07 31.57
N PRO A 853 -14.57 5.09 31.56
CA PRO A 853 -14.13 6.42 31.10
C PRO A 853 -13.36 7.17 32.17
N VAL A 854 -12.05 7.00 32.19
CA VAL A 854 -11.20 7.56 33.23
C VAL A 854 -10.37 8.70 32.63
N GLY A 855 -9.77 9.49 33.52
CA GLY A 855 -8.88 10.56 33.09
C GLY A 855 -9.61 11.58 32.25
N ASP A 856 -8.95 12.01 31.16
CA ASP A 856 -9.53 12.93 30.20
C ASP A 856 -9.98 12.22 28.92
N LEU A 857 -10.36 10.96 29.03
CA LEU A 857 -10.82 10.21 27.86
C LEU A 857 -12.18 10.71 27.41
N LYS A 858 -12.36 10.84 26.10
CA LYS A 858 -13.62 11.29 25.51
C LYS A 858 -14.36 10.20 24.76
N TYR A 859 -13.63 9.26 24.14
CA TYR A 859 -14.27 8.18 23.40
C TYR A 859 -13.32 6.98 23.37
N ALA A 860 -13.89 5.82 23.06
CA ALA A 860 -13.12 4.59 22.89
C ALA A 860 -14.03 3.55 22.24
N LYS A 861 -13.44 2.70 21.40
CA LYS A 861 -14.20 1.65 20.73
C LYS A 861 -13.32 0.42 20.54
N ALA A 862 -13.91 -0.75 20.79
CA ALA A 862 -13.30 -2.02 20.43
C ALA A 862 -14.31 -2.81 19.63
N ARG A 863 -13.92 -3.25 18.43
CA ARG A 863 -14.74 -4.10 17.59
C ARG A 863 -14.00 -5.41 17.35
N LEU A 864 -14.58 -6.51 17.77
CA LEU A 864 -13.96 -7.82 17.67
C LEU A 864 -14.78 -8.74 16.77
N ASN A 865 -14.08 -9.60 16.05
CA ASN A 865 -14.70 -10.67 15.26
C ASN A 865 -14.39 -11.98 15.97
N THR A 866 -15.32 -12.44 16.80
CA THR A 866 -15.11 -13.60 17.65
C THR A 866 -15.61 -14.86 16.95
N ILE A 867 -15.67 -15.97 17.70
CA ILE A 867 -16.16 -17.22 17.16
C ILE A 867 -17.68 -17.19 16.94
N LYS A 868 -18.37 -16.25 17.58
CA LYS A 868 -19.82 -16.12 17.43
C LYS A 868 -20.21 -15.00 16.48
N GLY A 869 -19.25 -14.22 15.99
CA GLY A 869 -19.57 -13.12 15.10
C GLY A 869 -18.93 -11.81 15.52
N GLU A 870 -19.57 -10.70 15.20
CA GLU A 870 -19.03 -9.37 15.48
C GLU A 870 -19.46 -8.91 16.87
N VAL A 871 -18.49 -8.45 17.66
CA VAL A 871 -18.74 -7.86 18.98
C VAL A 871 -18.18 -6.45 18.96
N GLU A 872 -18.98 -5.48 19.37
CA GLU A 872 -18.60 -4.08 19.28
C GLU A 872 -19.04 -3.33 20.53
N ILE A 873 -18.21 -2.36 20.93
CA ILE A 873 -18.53 -1.45 22.03
C ILE A 873 -18.07 -0.05 21.64
N ASN A 874 -18.92 0.94 21.87
CA ASN A 874 -18.61 2.34 21.63
C ASN A 874 -19.16 3.17 22.77
N TRP A 875 -18.40 4.15 23.22
CA TRP A 875 -18.89 5.06 24.25
C TRP A 875 -18.29 6.44 24.07
N GLN A 876 -19.10 7.46 24.35
CA GLN A 876 -18.68 8.86 24.33
C GLN A 876 -19.04 9.51 25.65
N LYS A 877 -18.16 10.38 26.13
CA LYS A 877 -18.35 11.04 27.42
C LYS A 877 -18.29 12.56 27.21
N THR A 878 -19.41 13.22 27.42
CA THR A 878 -19.49 14.68 27.47
C THR A 878 -19.88 15.11 28.87
N GLU A 879 -20.08 16.42 29.04
CA GLU A 879 -20.45 16.94 30.35
C GLU A 879 -21.85 16.55 30.77
N ASN A 880 -22.73 16.23 29.81
CA ASN A 880 -24.11 15.90 30.12
C ASN A 880 -24.48 14.46 29.72
N ILE A 881 -24.12 14.02 28.52
CA ILE A 881 -24.57 12.74 27.99
C ILE A 881 -23.38 11.77 27.96
N PHE A 882 -23.61 10.55 28.45
CA PHE A 882 -22.67 9.44 28.27
C PHE A 882 -23.31 8.45 27.31
N SER A 883 -22.80 8.39 26.09
CA SER A 883 -23.34 7.52 25.07
C SER A 883 -22.70 6.13 25.14
N MET A 884 -23.42 5.15 24.60
CA MET A 884 -22.91 3.79 24.55
C MET A 884 -23.66 3.02 23.48
N ARG A 885 -22.92 2.41 22.54
CA ARG A 885 -23.50 1.61 21.48
C ARG A 885 -22.79 0.26 21.46
N ILE A 886 -23.56 -0.82 21.63
CA ILE A 886 -23.00 -2.16 21.67
C ILE A 886 -23.63 -2.99 20.55
N SER A 887 -22.96 -4.09 20.23
CA SER A 887 -23.44 -5.03 19.21
C SER A 887 -23.19 -6.44 19.71
N VAL A 888 -24.24 -7.24 19.79
CA VAL A 888 -24.18 -8.61 20.25
C VAL A 888 -24.60 -9.52 19.10
N PRO A 889 -23.80 -10.51 18.72
CA PRO A 889 -24.20 -11.42 17.64
C PRO A 889 -25.21 -12.45 18.15
N VAL A 890 -25.77 -13.20 17.20
CA VAL A 890 -26.76 -14.22 17.53
C VAL A 890 -26.08 -15.37 18.28
N ASN A 891 -26.84 -16.00 19.19
CA ASN A 891 -26.35 -17.05 20.10
C ASN A 891 -25.39 -16.46 21.14
N SER A 892 -25.67 -15.25 21.59
CA SER A 892 -24.88 -14.61 22.63
C SER A 892 -25.76 -13.62 23.38
N GLU A 893 -25.38 -13.34 24.62
CA GLU A 893 -26.11 -12.39 25.46
C GLU A 893 -25.15 -11.32 25.97
N GLY A 894 -25.69 -10.12 26.18
CA GLY A 894 -24.92 -8.98 26.61
C GLY A 894 -25.29 -8.55 28.02
N GLU A 895 -24.30 -8.08 28.77
CA GLU A 895 -24.48 -7.58 30.13
C GLU A 895 -23.85 -6.19 30.19
N VAL A 896 -24.65 -5.17 29.97
CA VAL A 896 -24.16 -3.80 29.96
C VAL A 896 -23.96 -3.30 31.39
N HIS A 897 -22.84 -2.61 31.62
CA HIS A 897 -22.52 -2.03 32.93
C HIS A 897 -22.33 -0.53 32.72
N VAL A 898 -23.44 0.21 32.72
CA VAL A 898 -23.40 1.65 32.56
C VAL A 898 -22.89 2.28 33.85
N PRO A 899 -21.76 2.97 33.83
CA PRO A 899 -21.24 3.58 35.06
C PRO A 899 -22.03 4.82 35.45
N LYS A 900 -22.36 4.92 36.73
CA LYS A 900 -23.14 6.03 37.27
C LYS A 900 -22.17 7.16 37.61
N LEU A 901 -21.99 8.08 36.67
CA LEU A 901 -21.12 9.24 36.86
C LEU A 901 -21.87 10.49 37.26
N PHE A 902 -23.19 10.41 37.43
CA PHE A 902 -24.02 11.56 37.75
C PHE A 902 -24.95 11.23 38.91
N GLU A 903 -25.23 12.26 39.72
CA GLU A 903 -26.11 12.06 40.87
C GLU A 903 -27.52 11.69 40.44
N ARG A 904 -28.04 12.39 39.45
CA ARG A 904 -29.31 12.06 38.82
C ARG A 904 -29.10 11.88 37.32
N PHE A 905 -29.82 10.95 36.71
CA PHE A 905 -29.64 10.64 35.30
C PHE A 905 -30.94 10.06 34.77
N VAL A 906 -30.90 9.63 33.51
CA VAL A 906 -32.09 9.19 32.80
C VAL A 906 -31.95 7.75 32.30
N VAL A 907 -30.85 7.44 31.61
CA VAL A 907 -30.63 6.14 30.99
C VAL A 907 -31.72 5.85 29.97
N LYS A 908 -31.41 5.97 28.68
CA LYS A 908 -32.37 5.80 27.62
C LYS A 908 -31.89 4.72 26.66
N GLU A 909 -32.76 3.72 26.41
CA GLU A 909 -32.49 2.69 25.41
C GLU A 909 -32.95 3.21 24.05
N GLY A 910 -32.14 4.09 23.49
CA GLY A 910 -32.51 4.80 22.29
C GLY A 910 -33.43 5.96 22.58
N ASP A 911 -34.66 5.91 22.10
CA ASP A 911 -35.67 6.91 22.42
C ASP A 911 -36.56 6.49 23.60
N ASN A 912 -36.37 5.28 24.11
CA ASN A 912 -37.18 4.76 25.21
C ASN A 912 -36.45 5.00 26.52
N ILE A 913 -37.11 5.69 27.44
CA ILE A 913 -36.57 5.90 28.79
C ILE A 913 -36.81 4.64 29.60
N ILE A 914 -35.76 4.18 30.29
CA ILE A 914 -35.82 2.88 30.95
C ILE A 914 -35.38 2.97 32.40
N TYR A 915 -35.21 4.19 32.92
CA TYR A 915 -34.78 4.35 34.31
C TYR A 915 -35.14 5.77 34.78
N GLU A 916 -36.35 5.90 35.34
CA GLU A 916 -36.73 7.17 35.95
C GLU A 916 -36.34 7.26 37.41
N LYS A 917 -36.47 6.17 38.13
CA LYS A 917 -36.15 6.16 39.55
C LYS A 917 -35.42 4.89 39.91
N LYS A 918 -35.02 4.77 41.16
CA LYS A 918 -34.27 3.60 41.58
C LYS A 918 -35.19 2.39 41.62
N GLY A 919 -34.75 1.29 41.00
CA GLY A 919 -35.55 0.09 40.90
C GLY A 919 -36.02 -0.23 39.50
N ASP A 920 -35.93 0.71 38.56
CA ASP A 920 -36.30 0.41 37.18
C ASP A 920 -35.39 -0.62 36.55
N LEU A 921 -34.11 -0.64 36.94
CA LEU A 921 -33.15 -1.62 36.45
C LEU A 921 -32.24 -2.02 37.60
N GLU A 922 -31.45 -3.07 37.37
CA GLU A 922 -30.49 -3.51 38.39
C GLU A 922 -29.37 -2.50 38.54
N GLU A 923 -28.80 -2.44 39.75
CA GLU A 923 -27.68 -1.57 40.02
C GLU A 923 -26.97 -2.05 41.28
N ASN A 924 -25.69 -1.71 41.38
CA ASN A 924 -24.85 -2.14 42.48
C ASN A 924 -24.08 -0.96 43.07
N GLU A 925 -24.75 0.20 43.16
CA GLU A 925 -24.22 1.44 43.70
C GLU A 925 -23.03 1.98 42.93
N LYS A 926 -22.64 1.36 41.81
CA LYS A 926 -21.54 1.86 40.99
C LYS A 926 -21.90 1.80 39.52
N TYR A 927 -22.72 0.84 39.13
CA TYR A 927 -23.12 0.65 37.75
C TYR A 927 -24.64 0.51 37.65
N ILE A 928 -25.13 0.60 36.42
CA ILE A 928 -26.51 0.27 36.08
C ILE A 928 -26.46 -0.92 35.13
N VAL A 929 -27.10 -2.01 35.53
CA VAL A 929 -26.98 -3.28 34.81
C VAL A 929 -28.14 -3.42 33.84
N ILE A 930 -27.82 -3.69 32.57
CA ILE A 930 -28.79 -3.94 31.52
C ILE A 930 -28.43 -5.25 30.85
N ARG A 931 -29.41 -6.13 30.70
CA ARG A 931 -29.23 -7.43 30.07
C ARG A 931 -29.96 -7.45 28.74
N VAL A 932 -29.23 -7.71 27.66
CA VAL A 932 -29.78 -7.73 26.32
C VAL A 932 -29.36 -9.01 25.62
N GLY A 933 -29.99 -9.28 24.47
CA GLY A 933 -29.62 -10.40 23.64
C GLY A 933 -28.90 -9.95 22.39
N SER A 934 -29.09 -10.68 21.29
CA SER A 934 -28.42 -10.33 20.04
C SER A 934 -29.02 -9.04 19.45
N GLY A 935 -28.16 -8.28 18.77
CA GLY A 935 -28.56 -7.07 18.10
C GLY A 935 -27.70 -5.89 18.51
N SER A 936 -28.04 -4.73 17.96
CA SER A 936 -27.35 -3.47 18.24
C SER A 936 -28.25 -2.59 19.09
N TYR A 937 -27.65 -1.96 20.12
CA TYR A 937 -28.39 -1.13 21.04
C TYR A 937 -27.62 0.16 21.31
N ASN A 938 -28.37 1.23 21.57
CA ASN A 938 -27.82 2.54 21.91
C ASN A 938 -28.38 2.97 23.26
N PHE A 939 -27.49 3.22 24.22
CA PHE A 939 -27.87 3.63 25.56
C PHE A 939 -27.40 5.05 25.82
N TYR A 940 -28.22 5.82 26.53
CA TYR A 940 -27.97 7.24 26.74
C TYR A 940 -28.18 7.58 28.22
N MET A 941 -27.10 7.86 28.93
CA MET A 941 -27.16 8.28 30.32
C MET A 941 -27.01 9.76 30.32
N GLU A 942 -28.10 10.48 30.60
CA GLU A 942 -28.07 11.94 30.55
C GLU A 942 -28.14 12.64 31.91
N LYS A 943 -27.77 13.92 31.92
CA LYS A 943 -27.75 14.83 33.09
C LYS A 943 -26.72 14.49 34.16
N LYS B 25 20.87 -15.59 -37.49
CA LYS B 25 21.66 -15.14 -38.61
C LYS B 25 22.75 -14.16 -38.21
N SER B 26 22.48 -13.24 -37.30
CA SER B 26 23.53 -12.29 -36.91
C SER B 26 23.50 -11.75 -35.49
N SER B 27 24.16 -10.62 -35.29
CA SER B 27 24.26 -10.04 -33.96
C SER B 27 23.22 -9.10 -33.41
N ASN B 28 22.20 -8.71 -34.18
CA ASN B 28 21.17 -7.91 -33.57
C ASN B 28 20.26 -8.99 -33.07
N ILE B 29 20.27 -9.19 -31.79
CA ILE B 29 19.59 -10.34 -31.20
C ILE B 29 18.28 -9.92 -30.55
N TYR B 30 18.22 -8.68 -30.05
CA TYR B 30 17.02 -8.19 -29.38
C TYR B 30 16.14 -7.46 -30.40
N SER B 31 14.89 -7.91 -30.51
CA SER B 31 13.92 -7.23 -31.33
C SER B 31 13.45 -5.95 -30.64
N PRO B 32 12.87 -5.02 -31.40
CA PRO B 32 12.28 -3.82 -30.75
C PRO B 32 11.19 -4.23 -29.78
N PHE B 33 11.22 -3.61 -28.60
CA PHE B 33 10.26 -3.92 -27.55
C PHE B 33 9.50 -2.66 -27.15
N ASP B 34 8.51 -2.85 -26.28
CA ASP B 34 7.64 -1.78 -25.80
C ASP B 34 6.98 -1.03 -26.98
N LEU B 35 6.28 -1.81 -27.80
CA LEU B 35 5.58 -1.23 -28.93
C LEU B 35 4.39 -0.41 -28.45
N LYS B 36 4.23 0.78 -29.04
CA LYS B 36 3.16 1.68 -28.63
C LYS B 36 2.53 2.33 -29.87
N CYS B 37 1.21 2.27 -29.94
CA CYS B 37 0.44 3.00 -30.94
C CYS B 37 -0.27 4.13 -30.22
N GLU B 38 -0.11 5.36 -30.72
CA GLU B 38 -0.53 6.57 -30.02
C GLU B 38 0.10 6.65 -28.64
N PHE B 39 1.34 6.18 -28.52
CA PHE B 39 2.08 6.15 -27.25
C PHE B 39 1.32 5.35 -26.19
N THR B 40 0.76 4.22 -26.60
CA THR B 40 0.00 3.36 -25.71
C THR B 40 0.14 1.92 -26.17
N THR B 41 0.38 1.01 -25.23
CA THR B 41 0.53 -0.40 -25.54
C THR B 41 -0.84 -1.00 -25.84
N ASN B 42 -1.04 -1.41 -27.09
CA ASN B 42 -2.28 -2.03 -27.58
C ASN B 42 -3.49 -1.14 -27.26
N PRO B 43 -3.63 0.00 -27.93
CA PRO B 43 -4.76 0.88 -27.65
C PRO B 43 -6.06 0.35 -28.24
N LEU B 44 -7.16 0.79 -27.66
CA LEU B 44 -8.51 0.41 -28.08
C LEU B 44 -9.29 1.68 -28.41
N GLY B 45 -9.59 1.86 -29.69
CA GLY B 45 -10.38 3.00 -30.12
C GLY B 45 -9.58 4.08 -30.81
N VAL B 46 -8.57 3.68 -31.58
CA VAL B 46 -7.73 4.63 -32.31
C VAL B 46 -8.58 5.29 -33.38
N ASP B 47 -8.90 6.57 -33.20
CA ASP B 47 -9.63 7.34 -34.18
C ASP B 47 -8.72 8.19 -35.07
N LYS B 48 -7.45 8.36 -34.69
CA LYS B 48 -6.50 9.09 -35.52
C LYS B 48 -6.25 8.30 -36.81
N LYS B 49 -6.49 8.94 -37.95
CA LYS B 49 -6.36 8.26 -39.23
C LYS B 49 -4.92 7.80 -39.48
N ASN B 50 -3.95 8.64 -39.13
CA ASN B 50 -2.55 8.27 -39.21
C ASN B 50 -1.96 8.23 -37.81
N PRO B 51 -2.10 7.11 -37.09
CA PRO B 51 -1.57 7.05 -35.73
C PRO B 51 -0.06 7.09 -35.68
N ILE B 52 0.50 7.02 -34.47
CA ILE B 52 1.93 7.18 -34.23
C ILE B 52 2.46 5.89 -33.63
N PHE B 53 3.55 5.38 -34.19
CA PHE B 53 4.18 4.15 -33.74
C PHE B 53 5.52 4.45 -33.07
N SER B 54 5.76 3.82 -31.93
CA SER B 54 7.00 4.03 -31.20
C SER B 54 7.50 2.70 -30.66
N TRP B 55 8.81 2.61 -30.46
CA TRP B 55 9.41 1.38 -29.96
C TRP B 55 10.74 1.73 -29.29
N LYS B 56 11.18 0.82 -28.41
CA LYS B 56 12.47 0.93 -27.75
C LYS B 56 13.41 -0.13 -28.30
N LEU B 57 14.71 0.09 -28.10
CA LEU B 57 15.75 -0.76 -28.66
C LEU B 57 16.68 -1.27 -27.56
N ARG B 58 17.21 -2.46 -27.78
CA ARG B 58 18.11 -3.11 -26.84
C ARG B 58 19.20 -3.83 -27.62
N HIS B 59 20.43 -3.75 -27.13
CA HIS B 59 21.57 -4.37 -27.80
C HIS B 59 22.55 -4.89 -26.77
N LEU B 60 23.33 -5.90 -27.17
CA LEU B 60 24.36 -6.47 -26.32
C LEU B 60 25.67 -5.68 -26.35
N GLU B 61 25.87 -4.84 -27.37
CA GLU B 61 27.10 -4.08 -27.54
C GLU B 61 26.85 -2.61 -27.20
N LYS B 62 27.94 -1.84 -27.21
CA LYS B 62 27.91 -0.43 -26.90
C LYS B 62 27.97 0.40 -28.19
N ASN B 63 27.54 1.66 -28.07
CA ASN B 63 27.58 2.64 -29.16
C ASN B 63 26.81 2.13 -30.38
N GLU B 64 25.55 1.76 -30.14
CA GLU B 64 24.63 1.26 -31.16
C GLU B 64 23.60 2.32 -31.55
N LYS B 65 23.33 2.42 -32.84
CA LYS B 65 22.27 3.29 -33.33
C LYS B 65 21.43 2.55 -34.36
N GLN B 66 20.16 2.93 -34.45
CA GLN B 66 19.27 2.36 -35.45
C GLN B 66 19.58 2.98 -36.81
N THR B 67 19.98 2.15 -37.78
CA THR B 67 20.24 2.60 -39.13
C THR B 67 19.04 2.43 -40.06
N ALA B 68 18.21 1.41 -39.82
CA ALA B 68 17.04 1.18 -40.65
C ALA B 68 15.98 0.47 -39.82
N TYR B 69 14.73 0.56 -40.29
CA TYR B 69 13.63 -0.14 -39.63
C TYR B 69 12.64 -0.61 -40.69
N GLN B 70 11.85 -1.61 -40.33
CA GLN B 70 10.77 -2.11 -41.18
C GLN B 70 9.53 -2.35 -40.32
N VAL B 71 8.40 -1.81 -40.77
CA VAL B 71 7.13 -1.93 -40.05
C VAL B 71 6.16 -2.72 -40.89
N ILE B 72 5.49 -3.70 -40.28
CA ILE B 72 4.55 -4.58 -40.96
C ILE B 72 3.27 -4.58 -40.15
N VAL B 73 2.23 -3.93 -40.68
CA VAL B 73 0.89 -4.00 -40.09
C VAL B 73 0.00 -4.83 -41.02
N SER B 74 -0.89 -5.60 -40.42
CA SER B 74 -1.72 -6.55 -41.16
C SER B 74 -3.16 -6.47 -40.69
N SER B 75 -4.04 -7.14 -41.42
CA SER B 75 -5.46 -7.18 -41.10
C SER B 75 -5.87 -8.42 -40.30
N SER B 76 -4.97 -9.39 -40.16
CA SER B 76 -5.28 -10.60 -39.40
C SER B 76 -4.00 -11.12 -38.77
N LEU B 77 -4.17 -11.88 -37.68
CA LEU B 77 -3.01 -12.44 -36.99
C LEU B 77 -2.35 -13.52 -37.84
N GLU B 78 -3.14 -14.32 -38.55
CA GLU B 78 -2.57 -15.32 -39.44
C GLU B 78 -1.77 -14.69 -40.57
N THR B 79 -2.15 -13.49 -40.99
CA THR B 79 -1.44 -12.82 -42.08
C THR B 79 -0.06 -12.36 -41.64
N ILE B 80 0.01 -11.64 -40.50
CA ILE B 80 1.29 -11.09 -40.05
C ILE B 80 2.28 -12.21 -39.70
N ASN B 81 1.77 -13.38 -39.31
CA ASN B 81 2.65 -14.50 -39.01
C ASN B 81 3.33 -15.05 -40.26
N ASP B 82 2.91 -14.61 -41.46
CA ASP B 82 3.57 -14.97 -42.71
C ASP B 82 4.45 -13.84 -43.24
N ASN B 83 4.59 -12.75 -42.49
CA ASN B 83 5.39 -11.58 -42.88
C ASN B 83 4.91 -11.02 -44.23
N ILE B 84 3.69 -10.48 -44.19
CA ILE B 84 3.07 -9.93 -45.39
C ILE B 84 3.15 -8.42 -45.38
N GLY B 85 2.11 -7.77 -44.86
CA GLY B 85 2.02 -6.32 -44.89
C GLY B 85 0.93 -5.85 -45.83
N ASP B 86 -0.26 -6.43 -45.71
CA ASP B 86 -1.36 -6.08 -46.60
C ASP B 86 -1.85 -4.66 -46.37
N VAL B 87 -1.76 -4.16 -45.13
CA VAL B 87 -2.22 -2.82 -44.83
C VAL B 87 -1.09 -1.79 -44.91
N TRP B 88 0.15 -2.23 -44.71
CA TRP B 88 1.32 -1.36 -44.85
C TRP B 88 2.60 -2.18 -44.72
N ASP B 89 3.52 -2.01 -45.67
CA ASP B 89 4.83 -2.65 -45.60
C ASP B 89 5.87 -1.60 -45.99
N THR B 90 6.57 -1.07 -44.98
CA THR B 90 7.54 -0.02 -45.24
C THR B 90 8.81 -0.56 -45.88
N GLY B 91 9.14 -1.82 -45.62
CA GLY B 91 10.41 -2.34 -46.05
C GLY B 91 11.56 -1.74 -45.25
N LYS B 92 12.76 -2.02 -45.72
CA LYS B 92 13.96 -1.45 -45.11
C LYS B 92 14.01 0.05 -45.43
N VAL B 93 13.77 0.89 -44.44
CA VAL B 93 13.78 2.33 -44.62
C VAL B 93 14.93 2.90 -43.79
N LEU B 94 15.85 3.58 -44.47
CA LEU B 94 17.10 4.00 -43.85
C LEU B 94 16.88 5.24 -42.98
N SER B 95 16.25 5.05 -41.82
CA SER B 95 15.97 6.12 -40.89
C SER B 95 16.43 5.72 -39.50
N SER B 96 16.77 6.72 -38.69
CA SER B 96 17.26 6.50 -37.34
C SER B 96 16.23 6.86 -36.27
N GLU B 97 14.97 7.09 -36.67
CA GLU B 97 13.93 7.49 -35.74
C GLU B 97 13.09 6.30 -35.34
N GLN B 98 12.64 6.31 -34.08
CA GLN B 98 11.76 5.28 -33.56
C GLN B 98 10.33 5.77 -33.37
N VAL B 99 10.03 7.01 -33.73
CA VAL B 99 8.68 7.56 -33.71
C VAL B 99 8.27 7.81 -35.16
N ILE B 100 7.25 7.10 -35.62
CA ILE B 100 6.84 7.13 -37.02
C ILE B 100 5.36 7.49 -37.10
N LYS B 101 5.00 8.17 -38.19
CA LYS B 101 3.61 8.44 -38.53
C LYS B 101 3.12 7.38 -39.50
N TYR B 102 1.93 6.83 -39.22
CA TYR B 102 1.38 5.78 -40.07
C TYR B 102 1.07 6.32 -41.46
N GLU B 103 1.42 5.55 -42.48
CA GLU B 103 1.23 5.94 -43.87
C GLU B 103 0.87 4.73 -44.73
N GLY B 104 0.00 3.86 -44.21
CA GLY B 104 -0.46 2.71 -44.94
C GLY B 104 -1.81 2.94 -45.59
N LYS B 105 -2.48 1.84 -45.90
CA LYS B 105 -3.82 1.93 -46.47
C LYS B 105 -4.79 2.50 -45.45
N GLU B 106 -5.86 3.12 -45.93
CA GLU B 106 -6.80 3.81 -45.06
C GLU B 106 -7.41 2.86 -44.04
N LEU B 107 -7.29 3.22 -42.76
CA LEU B 107 -7.86 2.41 -41.70
C LEU B 107 -9.38 2.51 -41.72
N GLU B 108 -10.04 1.42 -41.33
CA GLU B 108 -11.49 1.38 -41.36
C GLU B 108 -12.05 1.21 -39.96
N PRO B 109 -13.27 1.68 -39.70
CA PRO B 109 -13.80 1.68 -38.33
C PRO B 109 -14.02 0.28 -37.78
N CYS B 110 -13.85 0.16 -36.46
CA CYS B 110 -14.15 -1.04 -35.69
C CYS B 110 -13.32 -2.25 -36.11
N LYS B 111 -12.20 -2.00 -36.80
CA LYS B 111 -11.33 -3.08 -37.26
C LYS B 111 -10.10 -3.18 -36.35
N VAL B 112 -9.60 -4.40 -36.19
CA VAL B 112 -8.40 -4.66 -35.42
C VAL B 112 -7.24 -4.82 -36.39
N TYR B 113 -6.05 -4.47 -35.93
CA TYR B 113 -4.84 -4.54 -36.75
C TYR B 113 -3.70 -5.13 -35.92
N PHE B 114 -2.77 -5.78 -36.61
CA PHE B 114 -1.62 -6.43 -35.99
C PHE B 114 -0.36 -5.88 -36.64
N TRP B 115 0.57 -5.40 -35.82
CA TRP B 115 1.79 -4.77 -36.34
C TRP B 115 3.00 -5.21 -35.54
N LYS B 116 4.12 -5.38 -36.24
CA LYS B 116 5.40 -5.67 -35.63
C LYS B 116 6.48 -4.86 -36.34
N VAL B 117 7.68 -4.82 -35.76
CA VAL B 117 8.74 -3.98 -36.29
C VAL B 117 10.08 -4.67 -36.05
N ARG B 118 10.97 -4.56 -37.03
CA ARG B 118 12.35 -4.99 -36.93
C ARG B 118 13.27 -3.82 -37.24
N TRP B 119 14.52 -3.91 -36.79
CA TRP B 119 15.45 -2.80 -36.94
C TRP B 119 16.83 -3.33 -37.31
N TRP B 120 17.63 -2.44 -37.89
CA TRP B 120 19.03 -2.68 -38.18
C TRP B 120 19.88 -1.77 -37.30
N ASP B 121 21.00 -2.29 -36.81
CA ASP B 121 21.82 -1.55 -35.88
C ASP B 121 22.95 -0.83 -36.63
N SER B 122 24.00 -0.42 -35.91
CA SER B 122 25.06 0.40 -36.50
C SER B 122 25.87 -0.35 -37.54
N LYS B 123 25.79 -1.68 -37.57
CA LYS B 123 26.54 -2.50 -38.53
C LYS B 123 25.62 -3.21 -39.51
N ASP B 124 24.44 -2.64 -39.76
CA ASP B 124 23.48 -3.16 -40.72
C ASP B 124 23.05 -4.59 -40.41
N GLN B 125 23.19 -5.02 -39.16
CA GLN B 125 22.80 -6.37 -38.78
C GLN B 125 21.30 -6.41 -38.51
N GLU B 126 20.60 -7.32 -39.17
CA GLU B 126 19.16 -7.42 -39.03
C GLU B 126 18.80 -8.02 -37.67
N SER B 127 17.62 -7.66 -37.18
CA SER B 127 17.09 -8.12 -35.91
C SER B 127 15.83 -8.94 -36.14
N PRO B 128 15.50 -9.84 -35.21
CA PRO B 128 14.22 -10.56 -35.32
C PRO B 128 13.05 -9.61 -35.24
N PHE B 129 11.91 -10.09 -35.71
CA PHE B 129 10.69 -9.29 -35.65
C PHE B 129 10.22 -9.16 -34.20
N SER B 130 9.59 -8.02 -33.91
CA SER B 130 9.05 -7.79 -32.59
C SER B 130 7.82 -8.69 -32.36
N VAL B 131 7.42 -8.78 -31.09
CA VAL B 131 6.18 -9.49 -30.77
C VAL B 131 5.02 -8.72 -31.39
N VAL B 132 4.08 -9.46 -31.97
CA VAL B 132 2.96 -8.84 -32.67
C VAL B 132 2.14 -8.03 -31.68
N ASN B 133 2.05 -6.73 -31.93
CA ASN B 133 1.21 -5.83 -31.15
C ASN B 133 -0.02 -5.43 -31.96
N THR B 134 -1.05 -5.00 -31.25
CA THR B 134 -2.34 -4.72 -31.87
C THR B 134 -2.78 -3.30 -31.58
N PHE B 135 -3.75 -2.84 -32.37
CA PHE B 135 -4.43 -1.58 -32.11
C PHE B 135 -5.76 -1.61 -32.85
N GLU B 136 -6.83 -1.22 -32.16
CA GLU B 136 -8.18 -1.29 -32.68
C GLU B 136 -8.73 0.11 -32.90
N THR B 137 -9.38 0.32 -34.05
CA THR B 137 -9.95 1.61 -34.39
C THR B 137 -11.38 1.73 -33.89
N GLY B 138 -11.79 2.95 -33.56
CA GLY B 138 -13.14 3.25 -33.13
C GLY B 138 -14.06 3.54 -34.30
N LEU B 139 -15.07 4.37 -34.03
CA LEU B 139 -16.01 4.75 -35.07
C LEU B 139 -15.45 5.81 -36.01
N MET B 140 -14.43 6.55 -35.57
CA MET B 140 -13.74 7.55 -36.39
C MET B 140 -14.66 8.67 -36.86
N ASN B 141 -15.54 8.39 -37.81
CA ASN B 141 -16.43 9.41 -38.36
C ASN B 141 -17.73 9.46 -37.58
N GLU B 142 -18.32 10.66 -37.54
CA GLU B 142 -19.62 10.82 -36.88
C GLU B 142 -20.76 10.26 -37.72
N GLU B 143 -20.56 10.09 -39.02
CA GLU B 143 -21.57 9.48 -39.88
C GLU B 143 -21.78 8.01 -39.59
N ASN B 144 -20.87 7.37 -38.85
CA ASN B 144 -20.98 5.97 -38.49
C ASN B 144 -21.46 5.77 -37.07
N TRP B 145 -22.34 6.64 -36.57
CA TRP B 145 -22.75 6.58 -35.17
C TRP B 145 -24.12 5.98 -34.95
N LYS B 146 -25.03 6.07 -35.92
CA LYS B 146 -26.32 5.39 -35.87
C LYS B 146 -27.17 5.82 -34.68
N ALA B 147 -26.63 5.69 -33.46
CA ALA B 147 -27.34 6.03 -32.25
C ALA B 147 -27.67 7.52 -32.20
N LYS B 148 -28.54 7.88 -31.27
CA LYS B 148 -28.96 9.26 -31.05
C LYS B 148 -28.83 9.62 -29.59
N TRP B 149 -28.64 10.90 -29.31
CA TRP B 149 -28.54 11.37 -27.94
C TRP B 149 -29.91 11.29 -27.26
N ILE B 150 -29.93 10.74 -26.05
CA ILE B 150 -31.17 10.59 -25.30
C ILE B 150 -31.02 11.24 -23.94
N THR B 151 -32.16 11.55 -23.32
CA THR B 151 -32.19 12.24 -22.03
C THR B 151 -33.50 11.90 -21.33
N LYS B 152 -33.61 12.37 -20.09
CA LYS B 152 -34.86 12.23 -19.34
C LYS B 152 -35.81 13.36 -19.68
N LYS B 153 -37.11 13.07 -19.60
CA LYS B 153 -38.11 14.06 -19.98
C LYS B 153 -38.19 15.19 -18.96
N GLU B 154 -38.23 14.85 -17.68
CA GLU B 154 -38.51 15.84 -16.63
C GLU B 154 -37.25 16.59 -16.18
N HIS B 155 -36.24 15.85 -15.70
CA HIS B 155 -35.00 16.40 -15.16
C HIS B 155 -35.26 17.25 -13.91
N LYS B 156 -35.13 16.62 -12.74
CA LYS B 156 -35.22 17.36 -11.48
C LYS B 156 -33.87 17.96 -11.14
N TYR B 157 -33.87 19.21 -10.69
CA TYR B 157 -32.63 19.94 -10.47
C TYR B 157 -32.84 20.99 -9.39
N GLU B 158 -31.74 21.66 -9.03
CA GLU B 158 -31.74 22.72 -8.02
C GLU B 158 -30.63 23.70 -8.34
N VAL B 159 -30.91 24.99 -8.14
CA VAL B 159 -29.94 26.05 -8.40
C VAL B 159 -29.37 26.52 -7.08
N TYR B 160 -28.05 26.63 -7.01
CA TYR B 160 -27.33 26.99 -5.79
C TYR B 160 -26.59 28.30 -6.01
N SER B 161 -27.10 29.38 -5.40
CA SER B 161 -26.46 30.68 -5.47
C SER B 161 -25.78 30.95 -4.14
N PRO B 162 -24.47 30.71 -4.02
CA PRO B 162 -23.81 30.74 -2.70
C PRO B 162 -23.22 32.08 -2.29
N ASP B 163 -23.42 33.14 -3.07
CA ASP B 163 -22.98 34.49 -2.71
C ASP B 163 -21.49 34.54 -2.43
N GLY B 164 -20.67 34.61 -3.48
CA GLY B 164 -19.24 34.67 -3.31
C GLY B 164 -18.48 33.89 -4.37
N ALA B 165 -19.21 33.41 -5.38
CA ALA B 165 -18.58 32.67 -6.47
C ALA B 165 -17.61 33.57 -7.23
N PRO B 166 -16.64 32.98 -7.94
CA PRO B 166 -15.66 33.77 -8.70
C PRO B 166 -16.26 34.93 -9.49
N PHE B 167 -16.99 34.63 -10.56
CA PHE B 167 -17.63 35.64 -11.40
C PHE B 167 -19.08 35.85 -11.01
N GLY B 168 -19.43 35.66 -9.74
CA GLY B 168 -20.79 35.82 -9.28
C GLY B 168 -21.78 34.83 -9.85
N LEU B 169 -21.29 33.71 -10.38
CA LEU B 169 -22.14 32.73 -11.03
C LEU B 169 -22.87 31.86 -10.00
N ASN B 170 -23.90 31.18 -10.46
CA ASN B 170 -24.65 30.21 -9.66
C ASN B 170 -24.36 28.81 -10.16
N TYR B 171 -24.91 27.82 -9.47
CA TYR B 171 -24.67 26.42 -9.77
C TYR B 171 -26.01 25.71 -9.97
N THR B 172 -26.29 25.29 -11.20
CA THR B 172 -27.47 24.48 -11.49
C THR B 172 -27.06 23.01 -11.46
N ILE B 173 -27.47 22.30 -10.41
CA ILE B 173 -27.11 20.91 -10.20
C ILE B 173 -28.34 20.05 -10.42
N ALA B 174 -28.25 19.11 -11.36
CA ALA B 174 -29.35 18.22 -11.70
C ALA B 174 -29.18 16.87 -11.02
N TYR B 175 -30.29 16.15 -10.91
CA TYR B 175 -30.25 14.80 -10.35
C TYR B 175 -29.48 13.88 -11.30
N ALA B 176 -29.15 12.69 -10.79
CA ALA B 176 -28.40 11.71 -11.56
C ALA B 176 -29.35 10.69 -12.17
N PRO B 177 -29.63 10.76 -13.47
CA PRO B 177 -30.57 9.81 -14.08
C PRO B 177 -29.89 8.53 -14.52
N MET B 178 -30.62 7.43 -14.39
CA MET B 178 -30.15 6.12 -14.83
C MET B 178 -30.89 5.72 -16.10
N PHE B 179 -30.21 4.93 -16.94
CA PHE B 179 -30.75 4.45 -18.20
C PHE B 179 -30.47 2.98 -18.35
N ARG B 180 -31.47 2.20 -18.75
CA ARG B 180 -31.34 0.77 -18.91
C ARG B 180 -32.03 0.34 -20.20
N LYS B 181 -31.53 -0.77 -20.77
CA LYS B 181 -32.08 -1.31 -22.01
C LYS B 181 -31.68 -2.79 -22.10
N SER B 182 -32.65 -3.64 -22.43
CA SER B 182 -32.41 -5.07 -22.53
C SER B 182 -32.36 -5.51 -23.98
N PHE B 183 -31.81 -6.71 -24.18
CA PHE B 183 -31.60 -7.28 -25.51
C PHE B 183 -31.12 -8.72 -25.36
N SER B 184 -31.61 -9.60 -26.23
CA SER B 184 -31.37 -11.03 -26.11
C SER B 184 -30.33 -11.49 -27.13
N ILE B 185 -29.44 -12.39 -26.70
CA ILE B 185 -28.38 -12.93 -27.53
C ILE B 185 -28.50 -14.44 -27.56
N SER B 186 -28.30 -15.04 -28.74
CA SER B 186 -28.39 -16.49 -28.90
C SER B 186 -27.06 -17.09 -29.34
N LYS B 187 -26.60 -16.81 -30.57
CA LYS B 187 -25.36 -17.38 -31.05
C LYS B 187 -24.16 -16.79 -30.31
N LYS B 188 -23.09 -17.58 -30.22
CA LYS B 188 -21.92 -17.16 -29.47
C LYS B 188 -21.24 -15.96 -30.15
N ILE B 189 -20.45 -15.24 -29.35
CA ILE B 189 -19.89 -13.95 -29.70
C ILE B 189 -18.48 -14.14 -30.24
N LYS B 190 -18.18 -13.43 -31.33
CA LYS B 190 -16.79 -13.31 -31.77
C LYS B 190 -16.08 -12.22 -31.00
N ARG B 191 -16.68 -11.05 -30.91
CA ARG B 191 -16.13 -9.92 -30.18
C ARG B 191 -17.23 -8.89 -29.98
N ALA B 192 -17.20 -8.22 -28.82
CA ALA B 192 -18.23 -7.23 -28.50
C ALA B 192 -17.58 -5.95 -28.02
N ARG B 193 -18.07 -4.81 -28.52
CA ARG B 193 -17.54 -3.51 -28.18
C ARG B 193 -18.68 -2.60 -27.74
N VAL B 194 -18.30 -1.48 -27.11
CA VAL B 194 -19.25 -0.50 -26.60
C VAL B 194 -18.66 0.88 -26.81
N TYR B 195 -19.45 1.80 -27.38
CA TYR B 195 -19.02 3.16 -27.66
C TYR B 195 -19.94 4.11 -26.93
N ILE B 196 -19.46 4.67 -25.82
CA ILE B 196 -20.28 5.43 -24.88
C ILE B 196 -19.74 6.84 -24.74
N ALA B 197 -20.65 7.79 -24.50
CA ALA B 197 -20.29 9.17 -24.21
C ALA B 197 -21.42 9.76 -23.37
N GLY B 198 -21.30 9.62 -22.06
CA GLY B 198 -22.28 10.15 -21.13
C GLY B 198 -21.85 11.49 -20.58
N LEU B 199 -22.63 12.52 -20.89
CA LEU B 199 -22.35 13.88 -20.47
C LEU B 199 -23.13 14.22 -19.21
N GLY B 200 -22.47 14.86 -18.25
CA GLY B 200 -21.05 15.18 -18.37
C GLY B 200 -20.18 14.09 -17.78
N LEU B 201 -20.80 13.21 -17.00
CA LEU B 201 -20.12 12.05 -16.42
C LEU B 201 -21.02 10.83 -16.58
N TYR B 202 -20.39 9.66 -16.64
CA TYR B 202 -21.15 8.42 -16.81
C TYR B 202 -20.47 7.29 -16.06
N GLU B 203 -21.17 6.16 -15.98
CA GLU B 203 -20.65 4.93 -15.38
C GLU B 203 -21.50 3.80 -15.93
N LEU B 204 -20.86 2.83 -16.60
CA LEU B 204 -21.56 1.86 -17.42
C LEU B 204 -21.58 0.48 -16.77
N TYR B 205 -22.71 -0.21 -16.90
CA TYR B 205 -22.90 -1.54 -16.35
C TYR B 205 -23.50 -2.45 -17.41
N ILE B 206 -22.99 -3.68 -17.49
CA ILE B 206 -23.53 -4.71 -18.36
C ILE B 206 -23.78 -5.95 -17.52
N ASN B 207 -25.05 -6.33 -17.38
CA ASN B 207 -25.45 -7.51 -16.61
C ASN B 207 -24.97 -7.41 -15.17
N GLY B 208 -24.96 -6.20 -14.63
CA GLY B 208 -24.62 -5.95 -13.24
C GLY B 208 -23.17 -5.59 -13.01
N GLU B 209 -22.25 -6.07 -13.85
CA GLU B 209 -20.83 -5.82 -13.64
C GLU B 209 -20.44 -4.45 -14.19
N ARG B 210 -19.56 -3.76 -13.46
CA ARG B 210 -19.05 -2.49 -13.93
C ARG B 210 -18.07 -2.70 -15.08
N ILE B 211 -18.04 -1.73 -16.00
CA ILE B 211 -17.23 -1.83 -17.20
C ILE B 211 -15.97 -0.97 -17.10
N GLY B 212 -16.09 0.23 -16.54
CA GLY B 212 -15.01 1.19 -16.63
C GLY B 212 -13.80 0.79 -15.81
N ASP B 213 -12.62 0.87 -16.43
CA ASP B 213 -11.36 0.89 -15.70
C ASP B 213 -11.10 2.24 -15.04
N ARG B 214 -11.94 3.23 -15.33
CA ARG B 214 -11.69 4.62 -15.00
C ARG B 214 -12.86 5.19 -14.19
N VAL B 215 -12.64 6.39 -13.66
CA VAL B 215 -13.66 7.13 -12.94
C VAL B 215 -13.71 8.55 -13.50
N LEU B 216 -14.88 9.18 -13.39
CA LEU B 216 -15.10 10.54 -13.88
C LEU B 216 -14.84 10.65 -15.38
N ASP B 217 -15.27 9.63 -16.12
CA ASP B 217 -15.25 9.64 -17.58
C ASP B 217 -16.40 10.49 -18.11
N PRO B 218 -16.29 11.04 -19.33
CA PRO B 218 -15.23 10.91 -20.35
C PRO B 218 -14.02 11.83 -20.17
N GLY B 219 -14.25 13.05 -19.70
CA GLY B 219 -13.16 14.00 -19.57
C GLY B 219 -13.53 15.40 -20.03
N GLN B 220 -13.01 16.40 -19.33
CA GLN B 220 -13.41 17.78 -19.60
C GLN B 220 -12.85 18.25 -20.94
N THR B 221 -13.75 18.60 -21.86
CA THR B 221 -13.41 19.23 -23.12
C THR B 221 -14.43 20.33 -23.39
N ASP B 222 -14.25 21.05 -24.48
CA ASP B 222 -15.24 22.01 -24.95
C ASP B 222 -16.36 21.25 -25.64
N TYR B 223 -17.41 20.93 -24.87
CA TYR B 223 -18.46 20.05 -25.37
C TYR B 223 -19.21 20.64 -26.56
N LYS B 224 -19.21 21.96 -26.70
CA LYS B 224 -19.80 22.60 -27.87
C LYS B 224 -18.90 22.53 -29.09
N LYS B 225 -17.71 21.93 -28.98
CA LYS B 225 -16.79 21.86 -30.11
C LYS B 225 -16.30 20.42 -30.32
N ARG B 226 -16.12 19.68 -29.23
CA ARG B 226 -15.61 18.32 -29.32
C ARG B 226 -16.02 17.54 -28.08
N VAL B 227 -16.60 16.36 -28.29
CA VAL B 227 -17.06 15.50 -27.21
C VAL B 227 -16.27 14.21 -27.25
N LEU B 228 -15.60 13.89 -26.16
CA LEU B 228 -14.79 12.67 -26.08
C LEU B 228 -15.68 11.48 -25.73
N TYR B 229 -15.56 10.40 -26.50
CA TYR B 229 -16.27 9.17 -26.22
C TYR B 229 -15.27 8.06 -25.95
N THR B 230 -15.73 7.04 -25.21
CA THR B 230 -14.88 5.96 -24.76
C THR B 230 -15.39 4.64 -25.32
N VAL B 231 -14.45 3.74 -25.62
CA VAL B 231 -14.75 2.42 -26.16
C VAL B 231 -14.19 1.37 -25.21
N TYR B 232 -15.01 0.34 -24.93
CA TYR B 232 -14.63 -0.72 -24.02
C TYR B 232 -14.82 -2.07 -24.70
N ASP B 233 -14.15 -3.08 -24.16
CA ASP B 233 -14.34 -4.47 -24.59
C ASP B 233 -15.41 -5.10 -23.71
N VAL B 234 -16.47 -5.60 -24.32
CA VAL B 234 -17.59 -6.15 -23.57
C VAL B 234 -17.88 -7.57 -24.02
N SER B 235 -16.83 -8.29 -24.42
CA SER B 235 -17.00 -9.65 -24.92
C SER B 235 -17.32 -10.62 -23.79
N LYS B 236 -16.70 -10.43 -22.63
CA LYS B 236 -16.86 -11.37 -21.52
C LYS B 236 -17.95 -10.96 -20.54
N ASN B 237 -18.53 -9.78 -20.70
CA ASN B 237 -19.65 -9.36 -19.85
C ASN B 237 -21.01 -9.59 -20.52
N ILE B 238 -21.03 -9.99 -21.79
CA ILE B 238 -22.25 -10.37 -22.48
C ILE B 238 -22.51 -11.85 -22.22
N ARG B 239 -23.78 -12.23 -22.19
CA ARG B 239 -24.18 -13.57 -21.79
C ARG B 239 -25.25 -14.09 -22.75
N ASP B 240 -25.66 -15.33 -22.54
CA ASP B 240 -26.72 -15.94 -23.31
C ASP B 240 -28.09 -15.55 -22.75
N GLY B 241 -29.11 -15.77 -23.54
CA GLY B 241 -30.46 -15.44 -23.10
C GLY B 241 -30.65 -13.93 -23.05
N LYS B 242 -31.20 -13.45 -21.94
CA LYS B 242 -31.44 -12.02 -21.78
C LYS B 242 -30.19 -11.31 -21.30
N ASN B 243 -29.94 -10.14 -21.88
CA ASN B 243 -28.86 -9.26 -21.46
C ASN B 243 -29.43 -7.89 -21.12
N ALA B 244 -28.63 -7.11 -20.38
CA ALA B 244 -29.08 -5.80 -19.95
C ALA B 244 -27.86 -4.89 -19.78
N ILE B 245 -28.03 -3.62 -20.12
CA ILE B 245 -26.99 -2.62 -19.94
C ILE B 245 -27.56 -1.45 -19.13
N GLY B 246 -26.69 -0.82 -18.34
CA GLY B 246 -27.11 0.28 -17.49
C GLY B 246 -26.13 1.43 -17.48
N VAL B 247 -26.65 2.66 -17.54
CA VAL B 247 -25.83 3.86 -17.56
C VAL B 247 -26.38 4.83 -16.52
N ILE B 248 -25.50 5.32 -15.67
CA ILE B 248 -25.82 6.38 -14.70
C ILE B 248 -25.06 7.63 -15.12
N LEU B 249 -25.75 8.77 -15.09
CA LEU B 249 -25.20 10.02 -15.60
C LEU B 249 -24.94 10.99 -14.45
N GLY B 250 -23.82 11.71 -14.55
CA GLY B 250 -23.47 12.74 -13.59
C GLY B 250 -23.33 14.09 -14.24
N ASN B 251 -23.35 15.16 -13.43
CA ASN B 251 -23.28 16.51 -13.97
C ASN B 251 -21.91 16.80 -14.58
N GLY B 252 -20.87 16.81 -13.75
CA GLY B 252 -19.54 17.12 -14.25
C GLY B 252 -19.43 18.57 -14.66
N ARG B 253 -18.84 18.79 -15.84
CA ARG B 253 -18.70 20.15 -16.37
C ARG B 253 -19.83 20.51 -17.34
N TYR B 254 -20.63 19.53 -17.77
CA TYR B 254 -21.73 19.78 -18.70
C TYR B 254 -22.94 20.26 -17.91
N VAL B 255 -22.87 21.54 -17.50
CA VAL B 255 -23.89 22.16 -16.68
C VAL B 255 -24.38 23.43 -17.37
N LYS B 256 -25.45 24.01 -16.81
CA LYS B 256 -26.10 25.15 -17.45
C LYS B 256 -25.25 26.41 -17.35
N GLU B 257 -24.63 26.65 -16.20
CA GLU B 257 -23.89 27.89 -15.99
C GLU B 257 -22.60 27.96 -16.81
N TYR B 258 -22.29 26.96 -17.63
CA TYR B 258 -21.12 26.98 -18.49
C TYR B 258 -21.47 27.05 -19.97
N GLY B 259 -22.76 27.03 -20.32
CA GLY B 259 -23.19 27.10 -21.70
C GLY B 259 -23.84 25.84 -22.23
N TYR B 260 -23.99 24.81 -21.40
CA TYR B 260 -24.59 23.55 -21.80
C TYR B 260 -25.93 23.38 -21.10
N ASP B 261 -26.45 22.15 -21.07
CA ASP B 261 -27.72 21.88 -20.42
C ASP B 261 -27.66 20.60 -19.59
N PHE B 262 -28.79 19.90 -19.49
CA PHE B 262 -28.91 18.76 -18.61
C PHE B 262 -28.17 17.54 -19.18
N PRO B 263 -27.91 16.53 -18.35
CA PRO B 263 -27.16 15.37 -18.82
C PRO B 263 -27.85 14.64 -19.96
N LYS B 264 -27.03 14.20 -20.92
CA LYS B 264 -27.51 13.45 -22.08
C LYS B 264 -26.57 12.28 -22.32
N LEU B 265 -27.12 11.20 -22.86
CA LEU B 265 -26.37 9.96 -23.05
C LEU B 265 -26.46 9.51 -24.49
N ILE B 266 -25.32 9.14 -25.07
CA ILE B 266 -25.26 8.49 -26.37
C ILE B 266 -24.39 7.25 -26.22
N ILE B 267 -24.83 6.15 -26.82
CA ILE B 267 -24.20 4.85 -26.57
C ILE B 267 -24.54 3.94 -27.74
N GLN B 268 -23.59 3.08 -28.10
CA GLN B 268 -23.73 2.20 -29.25
C GLN B 268 -22.89 0.95 -29.02
N VAL B 269 -23.51 -0.23 -29.13
CA VAL B 269 -22.88 -1.50 -28.82
C VAL B 269 -22.76 -2.32 -30.10
N LEU B 270 -21.54 -2.76 -30.41
CA LEU B 270 -21.29 -3.63 -31.56
C LEU B 270 -21.14 -5.06 -31.08
N VAL B 271 -21.83 -5.98 -31.75
CA VAL B 271 -21.76 -7.40 -31.44
C VAL B 271 -21.27 -8.12 -32.68
N GLU B 272 -20.07 -8.69 -32.60
CA GLU B 272 -19.57 -9.57 -33.65
C GLU B 272 -19.85 -11.01 -33.25
N TYR B 273 -20.48 -11.75 -34.16
CA TYR B 273 -20.81 -13.15 -33.93
C TYR B 273 -19.76 -14.05 -34.58
N GLU B 274 -19.69 -15.29 -34.08
CA GLU B 274 -18.80 -16.28 -34.68
C GLU B 274 -19.20 -16.62 -36.11
N ASP B 275 -20.43 -16.29 -36.50
CA ASP B 275 -20.93 -16.53 -37.85
C ASP B 275 -20.63 -15.37 -38.79
N ASP B 276 -19.61 -14.56 -38.49
CA ASP B 276 -19.18 -13.43 -39.31
C ASP B 276 -20.30 -12.41 -39.53
N SER B 277 -21.29 -12.36 -38.65
CA SER B 277 -22.38 -11.42 -38.72
C SER B 277 -22.26 -10.40 -37.59
N ILE B 278 -23.12 -9.38 -37.64
CA ILE B 278 -23.08 -8.25 -36.72
C ILE B 278 -24.49 -7.96 -36.21
N GLU B 279 -24.57 -6.95 -35.33
CA GLU B 279 -25.81 -6.35 -34.88
C GLU B 279 -25.49 -5.15 -33.98
N TRP B 280 -26.21 -4.05 -34.12
CA TRP B 280 -25.98 -2.85 -33.33
C TRP B 280 -27.12 -2.62 -32.36
N ILE B 281 -26.79 -2.34 -31.10
CA ILE B 281 -27.75 -1.92 -30.09
C ILE B 281 -27.47 -0.46 -29.81
N VAL B 282 -28.34 0.42 -30.31
CA VAL B 282 -28.11 1.85 -30.25
C VAL B 282 -29.07 2.48 -29.25
N SER B 283 -28.80 3.73 -28.90
CA SER B 283 -29.61 4.48 -27.94
C SER B 283 -30.74 5.18 -28.68
N ASP B 284 -31.96 4.70 -28.47
CA ASP B 284 -33.14 5.33 -29.06
C ASP B 284 -34.15 5.68 -27.97
N GLU B 285 -35.43 5.78 -28.32
CA GLU B 285 -36.47 6.06 -27.35
C GLU B 285 -37.03 4.81 -26.70
N SER B 286 -36.54 3.63 -27.06
CA SER B 286 -36.94 2.39 -26.41
C SER B 286 -36.28 2.22 -25.04
N TRP B 287 -35.41 3.14 -24.64
CA TRP B 287 -34.72 3.05 -23.37
C TRP B 287 -35.61 3.57 -22.24
N LYS B 288 -35.42 2.99 -21.06
CA LYS B 288 -36.13 3.40 -19.87
C LYS B 288 -35.21 4.24 -18.99
N THR B 289 -35.78 5.25 -18.33
CA THR B 289 -35.01 6.14 -17.47
C THR B 289 -35.77 6.38 -16.17
N THR B 290 -35.02 6.57 -15.10
CA THR B 290 -35.58 6.81 -13.77
C THR B 290 -34.49 7.42 -12.90
N TYR B 291 -34.88 7.79 -11.68
CA TYR B 291 -33.96 8.35 -10.70
C TYR B 291 -33.71 7.34 -9.59
N GLY B 292 -32.44 7.20 -9.21
CA GLY B 292 -32.05 6.21 -8.24
C GLY B 292 -31.56 6.82 -6.93
N PRO B 293 -30.44 6.31 -6.42
CA PRO B 293 -29.98 6.74 -5.09
C PRO B 293 -29.20 8.04 -5.10
N ILE B 294 -28.63 8.43 -6.23
CA ILE B 294 -27.82 9.65 -6.30
C ILE B 294 -28.71 10.80 -6.74
N THR B 295 -28.80 11.83 -5.90
CA THR B 295 -29.56 13.02 -6.26
C THR B 295 -28.63 14.11 -6.80
N LEU B 296 -28.43 15.17 -6.03
CA LEU B 296 -27.55 16.25 -6.45
C LEU B 296 -26.10 15.79 -6.43
N ASN B 297 -25.39 16.04 -7.53
CA ASN B 297 -23.98 15.68 -7.65
C ASN B 297 -23.26 16.81 -8.37
N SER B 298 -22.27 17.40 -7.71
CA SER B 298 -21.53 18.52 -8.27
C SER B 298 -20.04 18.31 -8.04
N LEU B 299 -19.23 18.68 -9.03
CA LEU B 299 -17.78 18.57 -8.89
C LEU B 299 -17.27 19.48 -7.78
N TYR B 300 -17.98 20.56 -7.48
CA TYR B 300 -17.56 21.49 -6.45
C TYR B 300 -18.14 21.16 -5.08
N HIS B 301 -19.38 20.65 -5.03
CA HIS B 301 -20.12 20.55 -3.78
C HIS B 301 -20.34 19.12 -3.31
N GLY B 302 -20.06 18.12 -4.12
CA GLY B 302 -20.07 16.74 -3.68
C GLY B 302 -21.29 15.97 -4.19
N GLU B 303 -21.49 14.81 -3.58
CA GLU B 303 -22.50 13.86 -4.00
C GLU B 303 -23.44 13.53 -2.84
N ILE B 304 -24.71 13.28 -3.17
CA ILE B 304 -25.73 12.89 -2.20
C ILE B 304 -26.26 11.53 -2.60
N TYR B 305 -26.07 10.52 -1.77
CA TYR B 305 -26.53 9.18 -2.05
C TYR B 305 -27.52 8.71 -1.03
N ASP B 306 -28.76 8.56 -1.40
CA ASP B 306 -29.83 8.06 -0.53
C ASP B 306 -29.91 6.55 -0.72
N GLY B 307 -29.35 5.80 0.24
CA GLY B 307 -29.37 4.35 0.15
C GLY B 307 -30.77 3.75 0.15
N ARG B 308 -31.75 4.48 0.69
CA ARG B 308 -33.12 3.98 0.69
C ARG B 308 -33.73 4.01 -0.71
N LYS B 309 -33.34 4.98 -1.54
CA LYS B 309 -33.85 5.11 -2.90
C LYS B 309 -33.15 4.19 -3.88
N GLU B 310 -32.50 3.15 -3.42
CA GLU B 310 -31.78 2.22 -4.27
C GLU B 310 -32.69 1.24 -4.92
N ILE B 311 -32.46 0.92 -6.18
CA ILE B 311 -33.24 -0.03 -6.95
C ILE B 311 -32.34 -1.22 -7.23
N LYS B 312 -32.49 -2.31 -6.46
CA LYS B 312 -31.63 -3.48 -6.64
C LYS B 312 -32.09 -4.26 -7.85
N GLY B 313 -31.13 -4.66 -8.68
CA GLY B 313 -31.39 -5.39 -9.90
C GLY B 313 -31.64 -4.52 -11.09
N TRP B 314 -31.46 -3.20 -10.95
CA TRP B 314 -31.76 -2.26 -12.02
C TRP B 314 -30.90 -2.51 -13.25
N ASN B 315 -29.72 -3.10 -13.07
CA ASN B 315 -28.81 -3.39 -14.18
C ASN B 315 -28.68 -4.88 -14.46
N LEU B 316 -29.64 -5.69 -13.99
CA LEU B 316 -29.59 -7.13 -14.18
C LEU B 316 -30.55 -7.56 -15.30
N PRO B 317 -30.23 -8.66 -15.98
CA PRO B 317 -31.06 -9.07 -17.13
C PRO B 317 -32.50 -9.44 -16.78
N ASP B 318 -32.82 -9.63 -15.49
CA ASP B 318 -34.18 -9.99 -15.10
C ASP B 318 -34.81 -8.89 -14.25
N PHE B 319 -34.96 -7.70 -14.82
CA PHE B 319 -35.57 -6.57 -14.13
C PHE B 319 -36.79 -6.08 -14.90
N ASP B 320 -37.87 -5.81 -14.17
CA ASP B 320 -39.12 -5.36 -14.77
C ASP B 320 -39.15 -3.84 -14.75
N ASP B 321 -38.61 -3.22 -15.81
CA ASP B 321 -38.59 -1.77 -15.95
C ASP B 321 -39.81 -1.23 -16.69
N SER B 322 -40.93 -1.94 -16.63
CA SER B 322 -42.15 -1.45 -17.26
C SER B 322 -42.71 -0.22 -16.56
N THR B 323 -42.40 -0.04 -15.28
CA THR B 323 -42.86 1.15 -14.56
C THR B 323 -42.05 2.39 -14.96
N TRP B 324 -40.81 2.19 -15.42
CA TRP B 324 -39.96 3.32 -15.78
C TRP B 324 -40.51 4.02 -17.01
N GLU B 325 -40.34 5.35 -17.04
CA GLU B 325 -40.70 6.12 -18.22
C GLU B 325 -39.65 5.93 -19.31
N ASN B 326 -40.04 6.26 -20.54
CA ASN B 326 -39.15 6.11 -21.68
C ASN B 326 -38.30 7.35 -21.87
N ALA B 327 -37.09 7.15 -22.37
CA ALA B 327 -36.17 8.25 -22.62
C ALA B 327 -36.52 8.94 -23.94
N ILE B 328 -36.46 10.26 -23.95
CA ILE B 328 -36.71 11.05 -25.13
C ILE B 328 -35.37 11.40 -25.78
N LEU B 329 -35.43 11.71 -27.07
CA LEU B 329 -34.22 12.08 -27.80
C LEU B 329 -33.73 13.45 -27.34
N ALA B 330 -32.45 13.53 -27.02
CA ALA B 330 -31.87 14.74 -26.45
C ALA B 330 -31.36 15.67 -27.53
N GLU B 331 -31.06 16.90 -27.14
CA GLU B 331 -30.43 17.85 -28.03
C GLU B 331 -28.93 17.58 -28.10
N PRO B 332 -28.35 17.49 -29.31
CA PRO B 332 -26.91 17.21 -29.40
C PRO B 332 -26.10 18.32 -28.76
N PRO B 333 -24.97 17.97 -28.12
CA PRO B 333 -24.16 19.01 -27.47
C PRO B 333 -23.51 19.97 -28.43
N GLY B 334 -23.43 19.64 -29.72
CA GLY B 334 -22.88 20.51 -30.73
C GLY B 334 -21.47 20.15 -31.17
N GLY B 335 -20.75 19.37 -30.38
CA GLY B 335 -19.39 19.02 -30.72
C GLY B 335 -19.28 17.70 -31.46
N LYS B 336 -18.11 17.50 -32.07
CA LYS B 336 -17.84 16.26 -32.79
C LYS B 336 -17.42 15.17 -31.82
N LEU B 337 -17.94 13.97 -32.03
CA LEU B 337 -17.57 12.83 -31.20
C LEU B 337 -16.22 12.29 -31.66
N TYR B 338 -15.31 12.08 -30.71
CA TYR B 338 -13.95 11.66 -31.03
C TYR B 338 -13.40 10.83 -29.89
N SER B 339 -12.62 9.81 -30.22
CA SER B 339 -11.98 8.94 -29.24
C SER B 339 -10.47 9.20 -29.30
N GLU B 340 -9.98 9.99 -28.35
CA GLU B 340 -8.55 10.29 -28.26
C GLU B 340 -7.86 9.29 -27.32
N ILE B 341 -6.61 9.00 -27.63
CA ILE B 341 -5.81 8.07 -26.85
C ILE B 341 -4.97 8.89 -25.87
N TYR B 342 -5.33 8.82 -24.58
CA TYR B 342 -4.62 9.55 -23.55
C TYR B 342 -4.94 8.88 -22.21
N PRO B 343 -4.04 8.97 -21.23
CA PRO B 343 -4.28 8.33 -19.93
C PRO B 343 -5.54 8.86 -19.28
N PRO B 344 -6.38 7.99 -18.73
CA PRO B 344 -7.63 8.44 -18.13
C PRO B 344 -7.54 8.61 -16.62
N ILE B 345 -8.63 9.08 -16.00
CA ILE B 345 -8.68 9.29 -14.56
C ILE B 345 -9.07 7.97 -13.90
N ARG B 346 -8.21 7.48 -13.00
CA ARG B 346 -8.45 6.24 -12.29
C ARG B 346 -8.20 6.46 -10.80
N ILE B 347 -8.62 5.48 -10.00
CA ILE B 347 -8.23 5.42 -8.60
C ILE B 347 -6.84 4.78 -8.55
N THR B 348 -5.81 5.61 -8.54
CA THR B 348 -4.44 5.09 -8.69
C THR B 348 -3.89 4.49 -7.41
N LYS B 349 -4.48 4.79 -6.25
CA LYS B 349 -3.97 4.27 -4.99
C LYS B 349 -5.03 4.43 -3.91
N THR B 350 -5.01 3.52 -2.94
CA THR B 350 -5.86 3.59 -1.76
C THR B 350 -4.96 3.79 -0.55
N ILE B 351 -5.21 4.85 0.21
CA ILE B 351 -4.40 5.19 1.37
C ILE B 351 -5.27 5.12 2.62
N LYS B 352 -4.60 4.90 3.76
CA LYS B 352 -5.23 4.76 5.05
C LYS B 352 -4.94 5.99 5.93
N PRO B 353 -5.91 6.44 6.71
CA PRO B 353 -5.64 7.56 7.62
C PRO B 353 -4.65 7.18 8.71
N ILE B 354 -3.93 8.18 9.20
CA ILE B 354 -2.86 7.97 10.18
C ILE B 354 -3.23 8.49 11.56
N LYS B 355 -4.31 9.26 11.70
CA LYS B 355 -4.69 9.81 12.99
C LYS B 355 -6.16 10.20 12.95
N MET B 356 -6.80 10.14 14.12
CA MET B 356 -8.20 10.51 14.24
C MET B 356 -8.45 11.10 15.62
N TRP B 357 -9.16 12.21 15.67
CA TRP B 357 -9.50 12.88 16.92
C TRP B 357 -10.90 13.47 16.81
N SER B 358 -11.42 13.94 17.94
CA SER B 358 -12.78 14.49 18.01
C SER B 358 -12.74 15.90 18.57
N PRO B 359 -12.89 16.93 17.72
CA PRO B 359 -12.91 18.30 18.24
C PRO B 359 -14.26 18.72 18.80
N GLU B 360 -15.33 17.99 18.50
CA GLU B 360 -16.67 18.29 18.96
C GLU B 360 -17.39 16.98 19.23
N PRO B 361 -18.42 17.00 20.09
CA PRO B 361 -19.15 15.76 20.36
C PRO B 361 -19.80 15.20 19.10
N GLY B 362 -19.69 13.88 18.93
CA GLY B 362 -20.23 13.20 17.77
C GLY B 362 -19.50 13.46 16.48
N THR B 363 -18.50 14.34 16.48
CA THR B 363 -17.74 14.71 15.28
C THR B 363 -16.36 14.07 15.36
N TYR B 364 -15.93 13.46 14.26
CA TYR B 364 -14.64 12.79 14.20
C TYR B 364 -13.88 13.28 12.98
N VAL B 365 -12.63 13.68 13.20
CA VAL B 365 -11.78 14.23 12.16
C VAL B 365 -10.59 13.31 11.93
N TYR B 366 -10.28 13.05 10.66
CA TYR B 366 -9.16 12.22 10.27
C TYR B 366 -8.08 13.06 9.61
N ASP B 367 -6.84 12.58 9.71
CA ASP B 367 -5.69 13.22 9.07
C ASP B 367 -4.98 12.17 8.21
N PHE B 368 -4.91 12.41 6.92
CA PHE B 368 -4.24 11.49 6.00
C PHE B 368 -2.74 11.75 5.89
N GLY B 369 -2.23 12.82 6.51
CA GLY B 369 -0.82 13.11 6.47
C GLY B 369 -0.32 13.66 5.15
N GLN B 370 -1.21 13.92 4.19
CA GLN B 370 -0.79 14.39 2.87
C GLN B 370 -1.98 15.04 2.18
N ASN B 371 -1.74 16.22 1.60
CA ASN B 371 -2.75 16.90 0.81
C ASN B 371 -2.81 16.24 -0.56
N TYR B 372 -3.94 15.59 -0.88
CA TYR B 372 -4.07 14.83 -2.11
C TYR B 372 -5.43 15.10 -2.73
N THR B 373 -5.70 14.43 -3.84
CA THR B 373 -6.91 14.60 -4.63
C THR B 373 -7.72 13.31 -4.65
N GLY B 374 -9.04 13.45 -4.72
CA GLY B 374 -9.90 12.29 -4.80
C GLY B 374 -11.08 12.33 -3.84
N TRP B 375 -11.33 11.22 -3.17
CA TRP B 375 -12.44 11.11 -2.22
C TRP B 375 -12.09 10.01 -1.22
N ILE B 376 -13.05 9.70 -0.34
CA ILE B 376 -12.87 8.68 0.68
C ILE B 376 -13.90 7.58 0.47
N LYS B 377 -13.59 6.42 1.03
CA LYS B 377 -14.51 5.29 1.08
C LYS B 377 -14.80 5.00 2.55
N ILE B 378 -16.08 4.97 2.90
CA ILE B 378 -16.49 4.81 4.29
C ILE B 378 -17.17 3.46 4.45
N LYS B 379 -17.04 2.89 5.65
CA LYS B 379 -17.65 1.62 6.00
C LYS B 379 -18.55 1.84 7.21
N VAL B 380 -19.84 1.60 7.04
CA VAL B 380 -20.85 1.91 8.06
C VAL B 380 -21.51 0.61 8.49
N ARG B 381 -21.61 0.40 9.79
CA ARG B 381 -22.27 -0.77 10.38
C ARG B 381 -23.45 -0.27 11.21
N THR B 382 -24.66 -0.38 10.66
CA THR B 382 -25.85 0.06 11.37
C THR B 382 -27.05 -0.74 10.89
N ASN B 383 -27.99 -0.96 11.80
CA ASN B 383 -29.25 -1.62 11.48
C ASN B 383 -30.39 -0.64 11.24
N GLU B 384 -30.20 0.64 11.58
CA GLU B 384 -31.22 1.65 11.35
C GLU B 384 -31.11 2.19 9.94
N SER B 385 -32.25 2.67 9.41
CA SER B 385 -32.32 3.08 8.02
C SER B 385 -31.87 4.53 7.83
N GLY B 386 -32.82 5.46 7.80
CA GLY B 386 -32.55 6.84 7.43
C GLY B 386 -31.63 7.60 8.36
N LYS B 387 -30.40 7.13 8.51
CA LYS B 387 -29.38 7.84 9.27
C LYS B 387 -28.44 8.54 8.28
N GLU B 388 -28.22 9.83 8.51
CA GLU B 388 -27.44 10.66 7.59
C GLU B 388 -26.01 10.78 8.07
N ILE B 389 -25.06 10.43 7.20
CA ILE B 389 -23.63 10.55 7.47
C ILE B 389 -23.07 11.59 6.52
N ARG B 390 -22.55 12.68 7.08
CA ARG B 390 -21.99 13.77 6.30
C ARG B 390 -20.47 13.70 6.34
N ILE B 391 -19.84 13.87 5.18
CA ILE B 391 -18.40 13.76 5.02
C ILE B 391 -17.89 15.06 4.43
N ARG B 392 -17.25 15.89 5.25
CA ARG B 392 -16.67 17.15 4.79
C ARG B 392 -15.16 17.02 4.66
N HIS B 393 -14.60 17.72 3.67
CA HIS B 393 -13.18 17.67 3.36
C HIS B 393 -12.58 19.07 3.46
N ALA B 394 -11.32 19.13 3.88
CA ALA B 394 -10.62 20.40 4.03
C ALA B 394 -9.13 20.19 3.84
N GLU B 395 -8.43 21.30 3.59
CA GLU B 395 -6.99 21.29 3.39
C GLU B 395 -6.18 21.59 4.64
N LEU B 396 -6.75 22.36 5.58
CA LEU B 396 -6.05 22.76 6.79
C LEU B 396 -6.93 22.49 8.00
N THR B 397 -6.34 22.68 9.19
CA THR B 397 -7.06 22.57 10.45
C THR B 397 -6.85 23.84 11.26
N TYR B 398 -7.75 24.07 12.20
CA TYR B 398 -7.69 25.24 13.06
C TYR B 398 -6.83 24.91 14.29
N GLU B 399 -6.91 25.75 15.33
CA GLU B 399 -6.12 25.52 16.54
C GLU B 399 -6.75 24.46 17.44
N ASP B 400 -8.08 24.46 17.56
CA ASP B 400 -8.79 23.52 18.42
C ASP B 400 -8.97 22.15 17.78
N GLY B 401 -8.46 21.94 16.57
CA GLY B 401 -8.61 20.68 15.87
C GLY B 401 -9.71 20.66 14.84
N THR B 402 -10.58 21.66 14.82
CA THR B 402 -11.64 21.72 13.83
C THR B 402 -11.05 21.97 12.44
N LEU B 403 -11.83 21.61 11.41
CA LEU B 403 -11.38 21.75 10.04
C LEU B 403 -11.56 23.19 9.56
N ASN B 404 -10.62 23.66 8.75
CA ASN B 404 -10.67 24.99 8.15
C ASN B 404 -10.95 24.81 6.66
N TYR B 405 -12.17 25.12 6.26
CA TYR B 405 -12.62 24.97 4.88
C TYR B 405 -12.43 26.24 4.06
N SER B 406 -11.65 27.20 4.55
CA SER B 406 -11.54 28.48 3.86
C SER B 406 -10.90 28.34 2.49
N THR B 407 -9.94 27.41 2.35
CA THR B 407 -9.31 27.19 1.05
C THR B 407 -10.26 26.52 0.07
N ASN B 408 -11.36 25.94 0.56
CA ASN B 408 -12.39 25.42 -0.34
C ASN B 408 -13.23 26.52 -0.97
N ARG B 409 -13.25 27.70 -0.36
CA ARG B 409 -13.98 28.86 -0.89
C ARG B 409 -15.46 28.48 -1.02
N THR B 410 -16.08 28.67 -2.19
CA THR B 410 -17.51 28.39 -2.33
C THR B 410 -17.79 26.90 -2.38
N ALA B 411 -16.86 26.12 -2.95
CA ALA B 411 -17.04 24.68 -3.08
C ALA B 411 -17.33 24.03 -1.74
N LEU B 412 -18.51 23.42 -1.61
CA LEU B 412 -18.89 22.77 -0.36
C LEU B 412 -18.01 21.56 -0.08
N ALA B 413 -17.85 20.69 -1.07
CA ALA B 413 -16.98 19.52 -0.96
C ALA B 413 -17.41 18.60 0.18
N THR B 414 -18.72 18.41 0.32
CA THR B 414 -19.27 17.51 1.33
C THR B 414 -20.10 16.43 0.64
N ASP B 415 -19.92 15.19 1.09
CA ASP B 415 -20.67 14.05 0.60
C ASP B 415 -21.62 13.56 1.67
N VAL B 416 -22.84 13.21 1.27
CA VAL B 416 -23.88 12.75 2.18
C VAL B 416 -24.27 11.33 1.80
N TYR B 417 -24.42 10.47 2.81
CA TYR B 417 -24.85 9.09 2.60
C TYR B 417 -25.96 8.77 3.61
N ILE B 418 -27.12 8.37 3.10
CA ILE B 418 -28.23 7.91 3.93
C ILE B 418 -28.19 6.39 3.99
N THR B 419 -28.20 5.83 5.19
CA THR B 419 -27.99 4.40 5.35
C THR B 419 -29.23 3.60 4.99
N LYS B 420 -29.04 2.32 4.73
CA LYS B 420 -30.14 1.44 4.41
C LYS B 420 -30.55 0.53 5.56
N GLY B 421 -29.71 0.37 6.58
CA GLY B 421 -29.99 -0.58 7.64
C GLY B 421 -29.59 -2.00 7.33
N GLU B 422 -28.69 -2.20 6.37
CA GLU B 422 -28.29 -3.55 5.96
C GLU B 422 -27.36 -4.23 6.96
N GLY B 423 -27.04 -3.58 8.07
CA GLY B 423 -26.09 -4.12 9.04
C GLY B 423 -24.66 -3.77 8.71
N TYR B 424 -24.32 -3.75 7.42
CA TYR B 424 -23.00 -3.35 6.97
C TYR B 424 -23.14 -2.77 5.57
N GLU B 425 -22.66 -1.55 5.38
CA GLU B 425 -22.73 -0.87 4.09
C GLU B 425 -21.38 -0.23 3.78
N GLU B 426 -21.22 0.17 2.52
CA GLU B 426 -20.03 0.88 2.07
C GLU B 426 -20.47 1.97 1.10
N TYR B 427 -19.86 3.15 1.22
CA TYR B 427 -20.18 4.28 0.36
C TYR B 427 -18.92 4.84 -0.27
N GLU B 428 -19.02 5.20 -1.55
CA GLU B 428 -17.93 5.81 -2.30
C GLU B 428 -18.53 6.74 -3.35
N PRO B 429 -18.27 8.04 -3.25
CA PRO B 429 -18.80 8.97 -4.26
C PRO B 429 -18.19 8.70 -5.62
N ARG B 430 -18.96 9.01 -6.67
CA ARG B 430 -18.55 8.70 -8.04
C ARG B 430 -18.69 9.86 -9.02
N PHE B 431 -19.28 10.97 -8.62
CA PHE B 431 -19.48 12.11 -9.52
C PHE B 431 -18.89 13.39 -8.97
N THR B 432 -17.85 13.27 -8.14
CA THR B 432 -17.19 14.43 -7.56
C THR B 432 -15.78 14.04 -7.13
N TYR B 433 -15.00 15.05 -6.74
CA TYR B 433 -13.67 14.83 -6.18
C TYR B 433 -13.26 16.09 -5.44
N HIS B 434 -12.40 15.91 -4.43
CA HIS B 434 -12.00 16.99 -3.56
C HIS B 434 -10.48 16.98 -3.40
N GLY B 435 -9.93 18.15 -3.09
CA GLY B 435 -8.55 18.28 -2.70
C GLY B 435 -8.50 18.52 -1.20
N PHE B 436 -7.82 17.63 -0.49
CA PHE B 436 -7.91 17.63 0.96
C PHE B 436 -6.81 16.75 1.54
N ARG B 437 -6.50 17.03 2.80
CA ARG B 437 -5.67 16.16 3.63
C ARG B 437 -6.43 15.62 4.84
N TYR B 438 -7.36 16.39 5.39
CA TYR B 438 -8.18 15.99 6.51
C TYR B 438 -9.62 15.77 6.06
N VAL B 439 -10.37 15.04 6.88
CA VAL B 439 -11.77 14.75 6.59
C VAL B 439 -12.55 14.81 7.90
N GLU B 440 -13.84 15.14 7.80
CA GLU B 440 -14.70 15.28 8.96
C GLU B 440 -15.94 14.43 8.76
N ILE B 441 -16.19 13.53 9.71
CA ILE B 441 -17.34 12.62 9.68
C ILE B 441 -18.29 13.01 10.79
N LEU B 442 -19.58 13.08 10.47
CA LEU B 442 -20.62 13.35 11.46
C LEU B 442 -21.81 12.44 11.19
N GLY B 443 -22.46 11.98 12.26
CA GLY B 443 -23.58 11.08 12.11
C GLY B 443 -23.19 9.62 11.97
N TYR B 444 -21.93 9.28 12.23
CA TYR B 444 -21.50 7.89 12.12
C TYR B 444 -22.12 7.07 13.26
N PRO B 445 -22.65 5.89 12.96
CA PRO B 445 -23.26 5.06 14.02
C PRO B 445 -22.25 4.57 15.03
N GLY B 446 -21.90 5.43 15.99
CA GLY B 446 -20.96 5.07 17.02
C GLY B 446 -19.65 5.83 16.93
N VAL B 447 -18.54 5.12 17.10
CA VAL B 447 -17.20 5.70 17.03
C VAL B 447 -16.48 5.07 15.85
N PRO B 448 -15.90 5.84 14.95
CA PRO B 448 -15.16 5.26 13.83
C PRO B 448 -13.68 5.03 14.16
N THR B 449 -13.05 4.23 13.32
CA THR B 449 -11.64 3.86 13.50
C THR B 449 -10.84 4.26 12.26
N LEU B 450 -9.52 4.02 12.33
CA LEU B 450 -8.64 4.25 11.20
C LEU B 450 -8.80 3.23 10.09
N GLU B 451 -9.71 2.26 10.26
CA GLU B 451 -9.98 1.25 9.25
C GLU B 451 -11.36 1.41 8.60
N ASP B 452 -12.26 2.17 9.22
CA ASP B 452 -13.57 2.43 8.62
C ASP B 452 -13.52 3.52 7.56
N ILE B 453 -12.39 4.23 7.44
CA ILE B 453 -12.20 5.28 6.46
C ILE B 453 -11.06 4.86 5.54
N GLU B 454 -11.25 5.02 4.23
CA GLU B 454 -10.25 4.65 3.25
C GLU B 454 -10.14 5.77 2.22
N GLY B 455 -8.95 6.37 2.12
CA GLY B 455 -8.72 7.42 1.13
C GLY B 455 -8.42 6.83 -0.23
N LYS B 456 -9.08 7.37 -1.25
CA LYS B 456 -8.91 6.92 -2.64
C LYS B 456 -8.38 8.09 -3.46
N VAL B 457 -7.09 8.05 -3.81
CA VAL B 457 -6.53 9.11 -4.63
C VAL B 457 -7.03 8.97 -6.05
N VAL B 458 -7.39 10.10 -6.67
CA VAL B 458 -8.11 10.11 -7.93
C VAL B 458 -7.56 11.24 -8.79
N HIS B 459 -7.01 10.88 -9.95
CA HIS B 459 -6.50 11.86 -10.92
C HIS B 459 -6.14 11.11 -12.19
N THR B 460 -5.68 11.87 -13.19
CA THR B 460 -5.25 11.28 -14.46
C THR B 460 -4.14 10.27 -14.21
N ALA B 461 -4.37 9.03 -14.65
CA ALA B 461 -3.47 7.92 -14.34
C ALA B 461 -2.30 7.93 -15.33
N VAL B 462 -1.38 8.87 -15.09
CA VAL B 462 -0.13 8.91 -15.84
C VAL B 462 0.81 7.85 -15.29
N GLU B 463 1.96 7.67 -15.93
CA GLU B 463 2.95 6.69 -15.50
C GLU B 463 4.22 7.42 -15.10
N SER B 464 4.83 6.96 -14.00
CA SER B 464 6.06 7.58 -13.52
C SER B 464 7.17 7.44 -14.55
N ASN B 465 7.77 8.57 -14.94
CA ASN B 465 8.81 8.58 -15.94
C ASN B 465 10.19 8.90 -15.41
N GLY B 466 10.29 9.58 -14.27
CA GLY B 466 11.58 9.99 -13.75
C GLY B 466 11.65 9.82 -12.25
N GLU B 467 12.88 9.69 -11.77
CA GLU B 467 13.18 9.61 -10.34
C GLU B 467 14.28 10.60 -10.00
N PHE B 468 14.19 11.21 -8.82
CA PHE B 468 15.20 12.13 -8.36
C PHE B 468 15.46 11.91 -6.87
N ILE B 469 16.73 12.00 -6.50
CA ILE B 469 17.14 11.94 -5.10
C ILE B 469 18.51 12.61 -4.99
N CYS B 470 18.77 13.22 -3.84
CA CYS B 470 20.03 13.90 -3.62
C CYS B 470 20.35 13.89 -2.13
N SER B 471 21.47 14.53 -1.79
CA SER B 471 21.94 14.53 -0.40
C SER B 471 21.08 15.43 0.48
N ASN B 472 20.46 16.46 -0.09
CA ASN B 472 19.69 17.42 0.68
C ASN B 472 18.29 16.89 0.92
N GLU B 473 17.94 16.67 2.19
CA GLU B 473 16.61 16.17 2.52
C GLU B 473 15.54 17.23 2.28
N LEU B 474 15.90 18.51 2.37
CA LEU B 474 14.92 19.56 2.08
C LEU B 474 14.55 19.58 0.60
N ILE B 475 15.54 19.42 -0.28
CA ILE B 475 15.26 19.37 -1.71
C ILE B 475 14.40 18.16 -2.03
N ASN B 476 14.66 17.03 -1.36
CA ASN B 476 13.84 15.83 -1.57
C ASN B 476 12.39 16.08 -1.16
N LYS B 477 12.18 16.75 -0.02
CA LYS B 477 10.82 17.06 0.40
C LYS B 477 10.14 18.04 -0.54
N ILE B 478 10.90 18.98 -1.12
CA ILE B 478 10.35 19.83 -2.17
C ILE B 478 9.97 18.99 -3.37
N HIS B 479 10.84 18.05 -3.75
CA HIS B 479 10.54 17.17 -4.87
C HIS B 479 9.34 16.28 -4.57
N HIS B 480 9.20 15.85 -3.32
CA HIS B 480 8.05 15.03 -2.93
C HIS B 480 6.76 15.82 -3.00
N ASN B 481 6.79 17.10 -2.60
CA ASN B 481 5.59 17.91 -2.62
C ASN B 481 5.17 18.25 -4.05
N ILE B 482 6.14 18.49 -4.94
CA ILE B 482 5.81 18.82 -6.32
C ILE B 482 5.20 17.62 -7.04
N ILE B 483 5.69 16.42 -6.73
CA ILE B 483 5.15 15.21 -7.36
C ILE B 483 3.69 15.03 -6.99
N TRP B 484 3.38 15.15 -5.69
CA TRP B 484 2.00 15.03 -5.24
C TRP B 484 1.15 16.19 -5.75
N GLY B 485 1.72 17.41 -5.76
CA GLY B 485 0.96 18.55 -6.23
C GLY B 485 0.68 18.50 -7.72
N GLN B 486 1.63 17.98 -8.49
CA GLN B 486 1.41 17.87 -9.94
C GLN B 486 0.35 16.84 -10.25
N LEU B 487 0.43 15.66 -9.62
CA LEU B 487 -0.59 14.64 -9.84
C LEU B 487 -1.97 15.12 -9.39
N SER B 488 -2.02 15.99 -8.37
CA SER B 488 -3.30 16.53 -7.94
C SER B 488 -3.92 17.45 -8.98
N ASN B 489 -3.12 18.03 -9.87
CA ASN B 489 -3.60 18.97 -10.85
C ASN B 489 -3.66 18.38 -12.26
N LEU B 490 -3.84 17.07 -12.35
CA LEU B 490 -3.98 16.36 -13.63
C LEU B 490 -5.31 15.60 -13.58
N MET B 491 -6.36 16.21 -14.12
CA MET B 491 -7.70 15.62 -14.16
C MET B 491 -8.26 15.81 -15.57
N SER B 492 -7.72 15.03 -16.52
CA SER B 492 -8.04 15.12 -17.94
C SER B 492 -7.57 16.44 -18.54
N ILE B 493 -7.40 17.46 -17.70
CA ILE B 493 -6.81 18.74 -18.12
C ILE B 493 -5.85 19.21 -17.03
N PRO B 494 -4.84 19.99 -17.41
CA PRO B 494 -3.96 20.61 -16.41
C PRO B 494 -4.70 21.73 -15.68
N THR B 495 -4.89 21.55 -14.38
CA THR B 495 -5.64 22.49 -13.57
C THR B 495 -4.71 23.28 -12.66
N ASP B 496 -5.27 24.32 -12.04
CA ASP B 496 -4.52 25.20 -11.15
C ASP B 496 -4.56 24.72 -9.70
N CYS B 497 -5.73 24.29 -9.23
CA CYS B 497 -5.92 23.78 -7.88
C CYS B 497 -7.04 22.76 -7.92
N PRO B 498 -7.03 21.78 -7.02
CA PRO B 498 -8.03 20.71 -7.10
C PRO B 498 -9.12 20.79 -6.03
N GLN B 499 -9.10 21.80 -5.16
CA GLN B 499 -9.94 21.78 -3.98
C GLN B 499 -11.02 22.86 -3.96
N ARG B 500 -10.80 24.02 -4.56
CA ARG B 500 -11.73 25.12 -4.45
C ARG B 500 -12.62 25.20 -5.69
N ASP B 501 -13.46 26.24 -5.74
CA ASP B 501 -14.46 26.40 -6.78
C ASP B 501 -13.85 26.85 -8.10
N GLU B 502 -12.68 26.31 -8.44
CA GLU B 502 -12.01 26.68 -9.69
C GLU B 502 -11.69 25.44 -10.52
N ARG B 503 -10.48 24.90 -10.34
CA ARG B 503 -10.03 23.73 -11.09
C ARG B 503 -10.12 23.96 -12.60
N MET B 504 -9.72 25.17 -13.01
CA MET B 504 -9.79 25.58 -14.41
C MET B 504 -8.47 25.32 -15.11
N GLY B 505 -8.56 25.12 -16.43
CA GLY B 505 -7.37 24.89 -17.24
C GLY B 505 -6.62 26.16 -17.56
N TRP B 506 -6.05 26.79 -16.54
CA TRP B 506 -5.27 28.00 -16.75
C TRP B 506 -4.01 27.69 -17.55
N MET B 507 -3.80 28.46 -18.63
CA MET B 507 -2.71 28.15 -19.55
C MET B 507 -1.35 28.49 -18.96
N GLY B 508 -1.27 29.57 -18.18
CA GLY B 508 0.02 29.94 -17.61
C GLY B 508 0.54 28.93 -16.61
N ASP B 509 -0.34 28.40 -15.76
CA ASP B 509 0.09 27.40 -14.78
C ASP B 509 0.52 26.11 -15.45
N ALA B 510 -0.10 25.76 -16.59
CA ALA B 510 0.27 24.53 -17.28
C ALA B 510 1.53 24.71 -18.12
N GLN B 511 1.79 25.93 -18.59
CA GLN B 511 2.98 26.17 -19.39
C GLN B 511 4.24 26.14 -18.52
N LEU B 512 4.22 26.84 -17.38
CA LEU B 512 5.39 26.92 -16.53
C LEU B 512 5.71 25.60 -15.84
N SER B 513 4.73 24.72 -15.70
CA SER B 513 4.91 23.45 -15.01
C SER B 513 5.01 22.27 -15.97
N ALA B 514 5.02 22.53 -17.28
CA ALA B 514 5.04 21.42 -18.24
C ALA B 514 6.38 20.71 -18.24
N GLU B 515 7.48 21.45 -18.10
CA GLU B 515 8.80 20.81 -18.12
C GLU B 515 9.00 19.90 -16.92
N GLU B 516 8.45 20.29 -15.75
CA GLU B 516 8.56 19.45 -14.58
C GLU B 516 7.75 18.16 -14.73
N ALA B 517 6.55 18.26 -15.30
CA ALA B 517 5.69 17.09 -15.44
C ALA B 517 6.28 16.09 -16.43
N ILE B 518 6.91 16.58 -17.49
CA ILE B 518 7.51 15.69 -18.48
C ILE B 518 8.65 14.89 -17.86
N PHE B 519 9.47 15.54 -17.03
CA PHE B 519 10.57 14.84 -16.38
C PHE B 519 10.07 13.79 -15.40
N ASN B 520 8.93 14.03 -14.75
CA ASN B 520 8.45 13.13 -13.71
C ASN B 520 7.47 12.09 -14.22
N PHE B 521 6.68 12.40 -15.23
CA PHE B 521 5.61 11.51 -15.68
C PHE B 521 5.57 11.46 -17.21
N ASP B 522 4.89 10.43 -17.70
CA ASP B 522 4.65 10.27 -19.13
C ASP B 522 3.51 11.21 -19.53
N MET B 523 3.84 12.29 -20.24
CA MET B 523 2.87 13.33 -20.56
C MET B 523 2.67 13.49 -22.07
N ILE B 524 3.21 12.59 -22.88
CA ILE B 524 3.15 12.78 -24.33
C ILE B 524 1.72 12.63 -24.84
N GLY B 525 0.95 11.72 -24.25
CA GLY B 525 -0.43 11.56 -24.66
C GLY B 525 -1.37 12.55 -23.99
N PHE B 526 -1.04 12.96 -22.76
CA PHE B 526 -1.87 13.93 -22.07
C PHE B 526 -1.79 15.31 -22.75
N TYR B 527 -0.59 15.71 -23.18
CA TYR B 527 -0.44 17.02 -23.79
C TYR B 527 -0.94 17.05 -25.22
N ARG B 528 -0.83 15.92 -25.94
CA ARG B 528 -1.43 15.84 -27.27
C ARG B 528 -2.93 16.08 -27.21
N LYS B 529 -3.57 15.67 -26.11
CA LYS B 529 -4.99 15.91 -25.93
C LYS B 529 -5.29 17.34 -25.51
N TYR B 530 -4.40 17.95 -24.71
CA TYR B 530 -4.63 19.31 -24.27
C TYR B 530 -4.37 20.32 -25.39
N LEU B 531 -3.42 20.02 -26.29
CA LEU B 531 -3.18 20.90 -27.42
C LEU B 531 -4.39 20.96 -28.35
N ASN B 532 -5.14 19.87 -28.45
CA ASN B 532 -6.38 19.90 -29.21
C ASN B 532 -7.43 20.77 -28.53
N ASP B 533 -7.45 20.80 -27.19
CA ASP B 533 -8.34 21.71 -26.48
C ASP B 533 -7.97 23.15 -26.77
N ILE B 534 -6.67 23.43 -26.90
CA ILE B 534 -6.24 24.77 -27.30
C ILE B 534 -6.60 25.02 -28.77
N ARG B 535 -6.52 23.98 -29.60
CA ARG B 535 -6.90 24.14 -31.01
C ARG B 535 -8.37 24.47 -31.15
N ASP B 536 -9.23 23.78 -30.39
CA ASP B 536 -10.66 24.06 -30.44
C ASP B 536 -11.00 25.39 -29.78
N ALA B 537 -10.13 25.93 -28.93
CA ALA B 537 -10.38 27.18 -28.24
C ALA B 537 -9.83 28.39 -28.98
N GLN B 538 -9.08 28.19 -30.06
CA GLN B 538 -8.55 29.30 -30.82
C GLN B 538 -9.63 29.93 -31.69
N LYS B 539 -9.67 31.25 -31.73
CA LYS B 539 -10.64 31.99 -32.53
C LYS B 539 -10.13 32.16 -33.97
N GLU B 540 -11.02 32.65 -34.83
CA GLU B 540 -10.60 33.05 -36.18
C GLU B 540 -9.57 34.15 -36.11
N ASN B 541 -9.66 35.02 -35.10
CA ASN B 541 -8.60 35.99 -34.81
C ASN B 541 -7.27 35.29 -34.64
N GLY B 542 -7.24 34.19 -33.89
CA GLY B 542 -6.01 33.53 -33.51
C GLY B 542 -5.68 33.67 -32.04
N SER B 543 -6.45 34.42 -31.28
CA SER B 543 -6.21 34.56 -29.85
C SER B 543 -6.64 33.30 -29.11
N LEU B 544 -6.14 33.16 -27.89
CA LEU B 544 -6.46 32.03 -27.03
C LEU B 544 -7.01 32.53 -25.70
N SER B 545 -7.72 31.66 -25.00
CA SER B 545 -8.28 31.99 -23.70
C SER B 545 -7.28 31.65 -22.60
N ASP B 546 -7.35 32.39 -21.50
CA ASP B 546 -6.51 32.10 -20.34
C ASP B 546 -6.88 30.76 -19.72
N VAL B 547 -8.16 30.40 -19.75
CA VAL B 547 -8.64 29.12 -19.27
C VAL B 547 -9.06 28.29 -20.48
N ILE B 548 -8.50 27.10 -20.61
CA ILE B 548 -8.84 26.19 -21.70
C ILE B 548 -8.99 24.79 -21.13
N PRO B 549 -10.13 24.10 -21.34
CA PRO B 549 -11.33 24.52 -22.08
C PRO B 549 -12.00 25.78 -21.53
N PRO B 550 -12.50 26.64 -22.42
CA PRO B 550 -12.98 27.98 -22.00
C PRO B 550 -14.33 27.94 -21.29
N TYR B 551 -14.40 27.20 -20.18
CA TYR B 551 -15.54 27.34 -19.29
C TYR B 551 -15.60 28.76 -18.72
N TRP B 552 -14.45 29.37 -18.50
CA TRP B 552 -14.32 30.80 -18.24
C TRP B 552 -13.68 31.41 -19.49
N SER B 553 -14.46 32.16 -20.26
CA SER B 553 -13.99 32.71 -21.53
C SER B 553 -13.24 34.01 -21.26
N ILE B 554 -11.94 33.90 -21.04
CA ILE B 554 -11.07 35.05 -20.80
C ILE B 554 -10.33 35.33 -22.09
N TYR B 555 -10.92 36.19 -22.93
CA TYR B 555 -10.39 36.53 -24.24
C TYR B 555 -10.14 38.03 -24.33
N PRO B 556 -8.96 38.47 -24.80
CA PRO B 556 -7.83 37.61 -25.16
C PRO B 556 -6.96 37.26 -23.97
N GLY B 557 -5.94 36.44 -24.19
CA GLY B 557 -5.12 35.93 -23.10
C GLY B 557 -3.82 36.69 -22.89
N ASP B 558 -3.30 36.57 -21.69
CA ASP B 558 -1.99 37.13 -21.38
C ASP B 558 -0.93 36.41 -22.21
N PRO B 559 0.06 37.13 -22.75
CA PRO B 559 1.12 36.44 -23.51
C PRO B 559 1.84 35.38 -22.69
N ALA B 560 2.03 35.61 -21.39
CA ALA B 560 2.62 34.59 -20.53
C ALA B 560 1.71 33.39 -20.36
N TRP B 561 0.43 33.51 -20.70
CA TRP B 561 -0.52 32.41 -20.65
C TRP B 561 -0.71 31.73 -21.99
N SER B 562 -1.03 32.51 -23.04
CA SER B 562 -1.27 31.95 -24.36
C SER B 562 -0.03 31.35 -24.99
N THR B 563 1.15 31.58 -24.41
CA THR B 563 2.37 30.94 -24.90
C THR B 563 2.38 29.44 -24.68
N ALA B 564 1.41 28.90 -23.92
CA ALA B 564 1.37 27.47 -23.65
C ALA B 564 1.13 26.67 -24.92
N TYR B 565 0.45 27.25 -25.91
CA TYR B 565 0.19 26.53 -27.14
C TYR B 565 1.47 26.15 -27.86
N ILE B 566 2.43 27.09 -27.94
CA ILE B 566 3.70 26.81 -28.60
C ILE B 566 4.70 26.16 -27.64
N THR B 567 4.68 26.54 -26.37
CA THR B 567 5.68 26.02 -25.42
C THR B 567 5.47 24.54 -25.16
N ILE B 568 4.23 24.14 -24.86
CA ILE B 568 3.96 22.74 -24.57
C ILE B 568 4.21 21.88 -25.80
N ALA B 569 3.80 22.36 -26.98
CA ALA B 569 4.06 21.63 -28.21
C ALA B 569 5.55 21.52 -28.48
N TRP B 570 6.29 22.62 -28.25
CA TRP B 570 7.74 22.55 -28.38
C TRP B 570 8.36 21.61 -27.37
N TYR B 571 7.78 21.55 -26.16
CA TYR B 571 8.26 20.59 -25.16
C TYR B 571 8.06 19.16 -25.63
N LEU B 572 6.98 18.89 -26.36
CA LEU B 572 6.71 17.54 -26.83
C LEU B 572 7.75 17.10 -27.86
N TYR B 573 8.12 17.99 -28.79
CA TYR B 573 9.14 17.65 -29.77
C TYR B 573 10.52 17.56 -29.14
N GLN B 574 10.80 18.40 -28.13
CA GLN B 574 12.13 18.43 -27.53
C GLN B 574 12.38 17.19 -26.68
N TYR B 575 11.38 16.73 -25.93
CA TYR B 575 11.59 15.64 -24.98
C TYR B 575 11.05 14.31 -25.46
N TYR B 576 10.15 14.29 -26.45
CA TYR B 576 9.61 13.04 -26.97
C TYR B 576 9.91 12.84 -28.45
N GLY B 577 10.50 13.82 -29.12
CA GLY B 577 10.84 13.69 -30.52
C GLY B 577 9.64 13.62 -31.46
N ASP B 578 8.55 14.28 -31.12
CA ASP B 578 7.32 14.24 -31.92
C ASP B 578 7.35 15.39 -32.91
N LYS B 579 7.85 15.12 -34.12
CA LYS B 579 7.85 16.12 -35.18
C LYS B 579 6.44 16.37 -35.70
N TYR B 580 5.57 15.37 -35.63
CA TYR B 580 4.25 15.48 -36.24
C TYR B 580 3.29 16.34 -35.41
N VAL B 581 3.50 16.44 -34.10
CA VAL B 581 2.66 17.31 -33.28
C VAL B 581 2.92 18.77 -33.59
N LEU B 582 4.08 19.10 -34.16
CA LEU B 582 4.40 20.48 -34.49
C LEU B 582 3.71 20.92 -35.78
N GLU B 583 3.79 20.10 -36.83
CA GLU B 583 3.15 20.44 -38.09
C GLU B 583 1.63 20.35 -38.02
N GLU B 584 1.09 19.55 -37.12
CA GLU B 584 -0.36 19.46 -36.97
C GLU B 584 -0.94 20.78 -36.47
N HIS B 585 -0.31 21.38 -35.46
CA HIS B 585 -0.75 22.65 -34.90
C HIS B 585 0.08 23.82 -35.41
N TYR B 586 0.78 23.65 -36.53
CA TYR B 586 1.63 24.72 -37.05
C TYR B 586 0.81 25.93 -37.45
N GLU B 587 -0.37 25.71 -38.04
CA GLU B 587 -1.24 26.83 -38.38
C GLU B 587 -1.77 27.53 -37.14
N GLY B 588 -1.88 26.80 -36.02
CA GLY B 588 -2.35 27.43 -34.80
C GLY B 588 -1.35 28.39 -34.19
N PHE B 589 -0.06 28.05 -34.30
CA PHE B 589 0.97 28.95 -33.77
C PHE B 589 1.10 30.19 -34.64
N LYS B 590 1.04 30.02 -35.96
CA LYS B 590 1.28 31.14 -36.88
C LYS B 590 0.22 32.22 -36.71
N LYS B 591 -1.04 31.81 -36.58
CA LYS B 591 -2.12 32.78 -36.47
C LYS B 591 -2.16 33.45 -35.09
N TYR B 592 -1.64 32.79 -34.06
CA TYR B 592 -1.55 33.44 -32.76
C TYR B 592 -0.42 34.46 -32.73
N VAL B 593 0.74 34.12 -33.28
CA VAL B 593 1.86 35.06 -33.33
C VAL B 593 1.47 36.29 -34.14
N GLU B 594 0.69 36.10 -35.21
CA GLU B 594 0.24 37.24 -36.01
C GLU B 594 -0.71 38.11 -35.21
N PHE B 595 -1.55 37.51 -34.37
CA PHE B 595 -2.44 38.30 -33.51
C PHE B 595 -1.66 38.99 -32.41
N LEU B 596 -0.70 38.29 -31.79
CA LEU B 596 0.14 38.91 -30.77
C LEU B 596 0.97 40.02 -31.34
N LYS B 597 1.36 39.92 -32.62
CA LYS B 597 2.09 40.99 -33.27
C LYS B 597 1.25 42.26 -33.40
N LYS B 598 -0.06 42.09 -33.61
CA LYS B 598 -0.95 43.24 -33.78
C LYS B 598 -1.09 44.06 -32.49
N LEU B 599 -0.74 43.49 -31.34
CA LEU B 599 -0.77 44.23 -30.09
C LEU B 599 0.54 44.94 -29.78
N ALA B 600 1.55 44.79 -30.63
CA ALA B 600 2.85 45.45 -30.47
C ALA B 600 3.19 46.21 -31.73
N PRO B 601 2.55 47.36 -31.96
CA PRO B 601 2.92 48.16 -33.15
C PRO B 601 4.33 48.70 -33.06
N ASP B 602 4.77 49.09 -31.87
CA ASP B 602 6.15 49.47 -31.61
C ASP B 602 7.04 48.28 -31.33
N TYR B 603 6.58 47.07 -31.66
CA TYR B 603 7.26 45.81 -31.33
C TYR B 603 7.45 45.64 -29.83
N ILE B 604 6.61 46.28 -29.02
CA ILE B 604 6.64 46.18 -27.57
C ILE B 604 5.20 45.93 -27.12
N VAL B 605 4.93 44.74 -26.57
CA VAL B 605 3.58 44.40 -26.15
C VAL B 605 3.25 45.16 -24.87
N SER B 606 2.18 45.94 -24.90
CA SER B 606 1.74 46.69 -23.72
C SER B 606 0.66 45.96 -22.93
N PHE B 607 -0.12 45.09 -23.57
CA PHE B 607 -1.18 44.40 -22.87
C PHE B 607 -0.62 43.31 -21.97
N TYR B 608 -1.11 43.26 -20.73
CA TYR B 608 -0.76 42.19 -19.81
C TYR B 608 -1.82 42.15 -18.72
N LYS B 609 -2.19 40.95 -18.31
CA LYS B 609 -3.19 40.74 -17.26
C LYS B 609 -2.55 40.30 -15.95
N TYR B 610 -1.71 39.28 -15.98
CA TYR B 610 -1.11 38.71 -14.79
C TYR B 610 0.40 38.93 -14.73
N GLY B 611 1.13 38.54 -15.77
CA GLY B 611 2.58 38.72 -15.76
C GLY B 611 3.21 37.83 -14.71
N ASP B 612 4.22 38.38 -14.02
CA ASP B 612 4.87 37.68 -12.91
C ASP B 612 3.89 37.57 -11.76
N TRP B 613 3.01 36.58 -11.87
CA TRP B 613 1.93 36.39 -10.90
C TRP B 613 2.48 36.00 -9.53
N CYS B 614 2.03 36.71 -8.50
CA CYS B 614 2.29 36.36 -7.10
C CYS B 614 3.78 36.44 -6.77
N GLN B 615 4.33 37.64 -6.91
CA GLN B 615 5.63 37.94 -6.35
C GLN B 615 5.51 38.01 -4.83
N PRO B 616 6.61 37.81 -4.10
CA PRO B 616 6.53 37.82 -2.63
C PRO B 616 5.93 39.11 -2.10
N GLY B 617 4.86 38.97 -1.32
CA GLY B 617 4.21 40.10 -0.69
C GLY B 617 3.21 40.84 -1.57
N THR B 618 2.79 40.25 -2.68
CA THR B 618 1.86 40.93 -3.58
C THR B 618 1.23 39.89 -4.50
N VAL B 619 0.20 40.33 -5.22
CA VAL B 619 -0.45 39.53 -6.26
C VAL B 619 -0.13 40.07 -7.65
N ARG B 620 -0.51 41.31 -7.91
CA ARG B 620 -0.06 41.99 -9.12
C ARG B 620 1.43 42.30 -9.01
N PRO B 621 2.15 42.29 -10.13
CA PRO B 621 3.60 42.58 -10.08
C PRO B 621 3.88 43.95 -9.48
N LYS B 622 4.80 43.98 -8.52
CA LYS B 622 5.13 45.18 -7.77
C LYS B 622 6.32 45.94 -8.34
N ASP B 623 6.83 45.52 -9.50
CA ASP B 623 7.98 46.16 -10.11
C ASP B 623 7.68 46.76 -11.47
N ASN B 624 6.41 46.81 -11.87
CA ASN B 624 5.99 47.27 -13.20
C ASN B 624 6.76 46.53 -14.29
N SER B 625 6.46 45.23 -14.38
CA SER B 625 7.16 44.33 -15.29
C SER B 625 6.25 43.63 -16.28
N GLY B 626 4.92 43.78 -16.17
CA GLY B 626 4.02 43.05 -17.03
C GLY B 626 4.25 43.31 -18.51
N GLU B 627 4.56 44.57 -18.86
CA GLU B 627 4.87 44.86 -20.26
C GLU B 627 6.22 44.29 -20.65
N LEU B 628 7.15 44.17 -19.70
CA LEU B 628 8.42 43.53 -20.00
C LEU B 628 8.26 42.02 -20.17
N THR B 629 7.40 41.39 -19.35
CA THR B 629 7.16 39.96 -19.50
C THR B 629 6.32 39.66 -20.72
N SER B 630 5.42 40.57 -21.12
CA SER B 630 4.62 40.35 -22.31
C SER B 630 5.48 40.41 -23.56
N THR B 631 6.38 41.39 -23.64
CA THR B 631 7.32 41.44 -24.75
C THR B 631 8.35 40.32 -24.64
N PHE B 632 8.62 39.85 -23.42
CA PHE B 632 9.51 38.71 -23.25
C PHE B 632 8.94 37.46 -23.91
N TYR B 633 7.64 37.22 -23.74
CA TYR B 633 7.00 36.07 -24.37
C TYR B 633 6.64 36.33 -25.82
N PHE B 634 6.44 37.59 -26.22
CA PHE B 634 6.29 37.91 -27.62
C PHE B 634 7.55 37.54 -28.40
N TYR B 635 8.72 37.89 -27.86
CA TYR B 635 9.97 37.45 -28.46
C TYR B 635 10.17 35.95 -28.32
N HIS B 636 9.69 35.36 -27.21
CA HIS B 636 9.86 33.93 -27.00
C HIS B 636 9.01 33.11 -27.97
N ASP B 637 7.89 33.66 -28.44
CA ASP B 637 7.00 32.90 -29.32
C ASP B 637 7.47 32.97 -30.77
N VAL B 638 8.00 34.11 -31.21
CA VAL B 638 8.41 34.23 -32.60
C VAL B 638 9.77 33.57 -32.82
N ILE B 639 10.61 33.48 -31.79
CA ILE B 639 11.88 32.79 -31.97
C ILE B 639 11.71 31.28 -31.95
N THR B 640 10.64 30.78 -31.32
CA THR B 640 10.38 29.35 -31.32
C THR B 640 9.66 28.92 -32.59
N LEU B 641 8.76 29.78 -33.09
CA LEU B 641 8.15 29.50 -34.39
C LEU B 641 9.20 29.53 -35.50
N SER B 642 10.16 30.45 -35.42
CA SER B 642 11.28 30.44 -36.37
C SER B 642 12.09 29.16 -36.24
N LYS B 643 12.20 28.61 -35.03
CA LYS B 643 12.88 27.32 -34.85
C LYS B 643 12.06 26.18 -35.44
N ILE B 644 10.73 26.27 -35.34
CA ILE B 644 9.87 25.21 -35.88
C ILE B 644 9.82 25.27 -37.40
N ALA B 645 9.72 26.49 -37.96
CA ALA B 645 9.62 26.64 -39.40
C ALA B 645 10.85 26.08 -40.09
N LYS B 646 12.04 26.44 -39.61
CA LYS B 646 13.27 25.86 -40.16
C LYS B 646 13.29 24.35 -39.96
N LEU B 647 12.70 23.88 -38.85
CA LEU B 647 12.63 22.45 -38.60
C LEU B 647 11.72 21.73 -39.60
N LEU B 648 10.69 22.40 -40.10
CA LEU B 648 9.70 21.77 -40.95
C LEU B 648 9.91 22.06 -42.43
N GLY B 649 11.01 22.72 -42.79
CA GLY B 649 11.25 23.10 -44.16
C GLY B 649 10.63 24.41 -44.58
N LYS B 650 9.88 25.07 -43.70
CA LYS B 650 9.27 26.36 -44.00
C LYS B 650 10.37 27.43 -44.03
N GLU B 651 11.01 27.55 -45.19
CA GLU B 651 12.13 28.47 -45.32
C GLU B 651 11.67 29.92 -45.28
N ALA B 652 10.53 30.22 -45.91
CA ALA B 652 10.04 31.59 -45.92
C ALA B 652 9.61 32.03 -44.52
N ASP B 653 8.91 31.16 -43.79
CA ASP B 653 8.49 31.50 -42.44
C ASP B 653 9.66 31.58 -41.47
N TYR B 654 10.75 30.86 -41.75
CA TYR B 654 11.88 30.84 -40.82
C TYR B 654 12.53 32.22 -40.72
N LYS B 655 12.95 32.78 -41.86
CA LYS B 655 13.68 34.04 -41.83
C LYS B 655 12.77 35.23 -41.56
N TYR B 656 11.47 35.12 -41.82
CA TYR B 656 10.57 36.21 -41.48
C TYR B 656 10.43 36.36 -39.97
N TYR B 657 10.17 35.26 -39.27
CA TYR B 657 10.04 35.33 -37.82
C TYR B 657 11.39 35.47 -37.13
N SER B 658 12.47 35.00 -37.78
CA SER B 658 13.80 35.26 -37.23
C SER B 658 14.15 36.73 -37.35
N GLU B 659 13.74 37.39 -38.44
CA GLU B 659 13.95 38.82 -38.56
C GLU B 659 12.99 39.59 -37.66
N LEU B 660 11.76 39.08 -37.50
CA LEU B 660 10.83 39.69 -36.56
C LEU B 660 11.38 39.64 -35.14
N ALA B 661 12.04 38.54 -34.78
CA ALA B 661 12.65 38.44 -33.46
C ALA B 661 13.75 39.48 -33.29
N ASP B 662 14.52 39.72 -34.35
CA ASP B 662 15.59 40.72 -34.26
C ASP B 662 15.02 42.13 -34.09
N LYS B 663 13.85 42.40 -34.66
CA LYS B 663 13.22 43.70 -34.45
C LYS B 663 12.70 43.82 -33.03
N ILE B 664 12.15 42.75 -32.48
CA ILE B 664 11.70 42.77 -31.08
C ILE B 664 12.90 42.90 -30.15
N LYS B 665 14.03 42.27 -30.52
CA LYS B 665 15.21 42.35 -29.67
C LYS B 665 15.73 43.77 -29.55
N SER B 666 15.74 44.52 -30.67
CA SER B 666 16.20 45.89 -30.62
C SER B 666 15.23 46.79 -29.87
N ALA B 667 13.93 46.63 -30.13
CA ALA B 667 12.93 47.43 -29.42
C ALA B 667 12.90 47.11 -27.93
N PHE B 668 13.28 45.90 -27.55
CA PHE B 668 13.30 45.52 -26.14
C PHE B 668 14.40 46.25 -25.39
N ASN B 669 15.57 46.38 -26.01
CA ASN B 669 16.72 46.99 -25.35
C ASN B 669 16.66 48.51 -25.32
N LYS B 670 15.73 49.13 -26.05
CA LYS B 670 15.58 50.57 -26.02
C LYS B 670 14.55 51.02 -24.99
N LYS B 671 13.37 50.40 -24.99
CA LYS B 671 12.35 50.73 -24.00
C LYS B 671 12.82 50.38 -22.60
N PHE B 672 13.45 49.23 -22.43
CA PHE B 672 14.01 48.79 -21.16
C PHE B 672 15.53 48.92 -21.22
N LEU B 673 16.20 48.35 -20.20
CA LEU B 673 17.65 48.42 -20.05
C LEU B 673 18.11 49.85 -19.83
N LYS B 674 18.51 50.17 -18.61
CA LYS B 674 18.95 51.53 -18.24
C LYS B 674 20.33 51.43 -17.60
N GLU B 675 21.37 51.59 -18.42
CA GLU B 675 22.76 51.68 -17.97
C GLU B 675 23.23 50.40 -17.29
N LYS B 676 22.68 50.09 -16.11
CA LYS B 676 23.15 48.96 -15.31
C LYS B 676 22.15 47.82 -15.20
N ALA B 677 20.87 48.06 -15.47
CA ALA B 677 19.84 47.04 -15.30
C ALA B 677 18.64 47.41 -16.16
N TYR B 678 17.56 46.64 -16.03
CA TYR B 678 16.34 46.84 -16.78
C TYR B 678 15.27 47.46 -15.89
N ALA B 679 14.46 48.36 -16.47
CA ALA B 679 13.40 49.01 -15.72
C ALA B 679 12.35 49.50 -16.72
N SER B 680 11.19 49.87 -16.18
CA SER B 680 10.08 50.37 -16.99
C SER B 680 10.16 51.88 -17.15
N SER B 714 18.27 56.39 -7.10
CA SER B 714 19.35 56.22 -6.15
C SER B 714 19.78 54.75 -6.07
N LEU B 715 19.70 54.19 -4.86
CA LEU B 715 20.02 52.79 -4.64
C LEU B 715 19.14 51.90 -5.52
N GLY B 716 19.62 50.68 -5.74
CA GLY B 716 18.87 49.68 -6.50
C GLY B 716 17.44 49.49 -6.03
N MET B 717 16.57 50.43 -6.41
CA MET B 717 15.16 50.35 -6.10
C MET B 717 14.27 50.55 -7.33
N PHE B 718 14.86 50.79 -8.50
CA PHE B 718 14.12 50.92 -9.74
C PHE B 718 14.17 49.66 -10.60
N THR B 719 15.08 48.73 -10.30
CA THR B 719 15.16 47.45 -10.97
C THR B 719 14.70 46.35 -10.01
N SER B 720 14.71 45.11 -10.49
CA SER B 720 14.23 43.99 -9.69
C SER B 720 14.82 42.70 -10.24
N GLN B 721 14.55 41.61 -9.53
CA GLN B 721 14.99 40.28 -9.98
C GLN B 721 14.28 39.88 -11.26
N THR B 722 12.98 40.20 -11.37
CA THR B 722 12.21 39.78 -12.55
C THR B 722 12.62 40.57 -13.78
N LEU B 723 12.94 41.86 -13.62
CA LEU B 723 13.29 42.69 -14.76
C LEU B 723 14.62 42.29 -15.39
N ASN B 724 15.51 41.66 -14.63
CA ASN B 724 16.83 41.27 -15.15
C ASN B 724 16.95 39.80 -15.48
N THR B 725 16.21 38.93 -14.79
CA THR B 725 16.29 37.50 -15.07
C THR B 725 15.78 37.18 -16.46
N LEU B 726 14.68 37.82 -16.87
CA LEU B 726 14.07 37.50 -18.16
C LEU B 726 14.97 37.79 -19.35
N PRO B 727 15.58 38.98 -19.48
CA PRO B 727 16.47 39.20 -20.63
C PRO B 727 17.71 38.34 -20.62
N LEU B 728 18.25 38.02 -19.43
CA LEU B 728 19.43 37.17 -19.37
C LEU B 728 19.15 35.77 -19.88
N TYR B 729 17.91 35.29 -19.70
CA TYR B 729 17.57 33.95 -20.13
C TYR B 729 17.56 33.82 -21.65
N LEU B 730 16.85 34.70 -22.33
CA LEU B 730 16.73 34.65 -23.78
C LEU B 730 17.90 35.31 -24.50
N ASN B 731 19.00 35.60 -23.80
CA ASN B 731 20.19 36.20 -24.41
C ASN B 731 19.86 37.50 -25.12
N LEU B 732 19.06 38.34 -24.45
CA LEU B 732 18.66 39.63 -25.02
C LEU B 732 19.61 40.75 -24.63
N VAL B 733 20.30 40.61 -23.50
CA VAL B 733 21.19 41.68 -23.04
C VAL B 733 22.35 41.84 -24.01
N PRO B 734 22.62 43.04 -24.50
CA PRO B 734 23.84 43.25 -25.30
C PRO B 734 25.07 42.86 -24.50
N GLU B 735 25.97 42.14 -25.15
CA GLU B 735 27.11 41.59 -24.41
C GLU B 735 28.07 42.65 -23.88
N ASP B 736 27.71 43.93 -23.97
CA ASP B 736 28.39 44.96 -23.20
C ASP B 736 27.95 44.93 -21.74
N LYS B 737 26.63 45.01 -21.51
CA LYS B 737 26.07 45.15 -20.18
C LYS B 737 25.56 43.83 -19.62
N VAL B 738 26.04 42.70 -20.12
CA VAL B 738 25.59 41.43 -19.56
C VAL B 738 26.29 41.15 -18.24
N GLN B 739 27.51 41.65 -18.06
CA GLN B 739 28.16 41.55 -16.75
C GLN B 739 27.59 42.56 -15.78
N ASP B 740 27.19 43.74 -16.27
CA ASP B 740 26.58 44.75 -15.41
C ASP B 740 25.20 44.30 -14.94
N VAL B 741 24.40 43.73 -15.84
CA VAL B 741 23.05 43.30 -15.47
C VAL B 741 23.12 42.11 -14.52
N LEU B 742 24.02 41.15 -14.81
CA LEU B 742 24.18 40.00 -13.92
C LEU B 742 24.66 40.42 -12.53
N LYS B 743 25.43 41.50 -12.45
CA LYS B 743 25.89 41.98 -11.15
C LYS B 743 24.72 42.54 -10.34
N THR B 744 23.85 43.31 -10.98
CA THR B 744 22.69 43.86 -10.27
C THR B 744 21.72 42.76 -9.87
N LEU B 745 21.61 41.69 -10.67
CA LEU B 745 20.75 40.58 -10.31
C LEU B 745 21.28 39.85 -9.08
N LEU B 746 22.59 39.61 -9.03
CA LEU B 746 23.19 38.97 -7.87
C LEU B 746 23.19 39.88 -6.65
N GLU B 747 23.26 41.20 -6.88
CA GLU B 747 23.20 42.14 -5.76
C GLU B 747 21.81 42.16 -5.13
N ASP B 748 20.76 42.05 -5.94
CA ASP B 748 19.41 42.00 -5.41
C ASP B 748 19.13 40.70 -4.68
N ILE B 749 19.85 39.63 -5.04
CA ILE B 749 19.64 38.34 -4.41
C ILE B 749 20.44 38.24 -3.12
N ILE B 750 21.76 38.47 -3.21
CA ILE B 750 22.64 38.25 -2.06
C ILE B 750 22.48 39.36 -1.03
N ILE B 751 22.61 40.61 -1.47
CA ILE B 751 22.65 41.72 -0.51
C ILE B 751 21.25 42.12 -0.08
N ARG B 752 20.40 42.49 -1.05
CA ARG B 752 19.12 43.10 -0.71
C ARG B 752 18.07 42.09 -0.28
N HIS B 753 18.24 40.81 -0.60
CA HIS B 753 17.24 39.81 -0.25
C HIS B 753 17.81 38.63 0.53
N ASP B 754 19.12 38.59 0.78
CA ASP B 754 19.76 37.55 1.58
C ASP B 754 19.43 36.15 1.06
N TYR B 755 19.77 35.93 -0.21
CA TYR B 755 19.61 34.64 -0.88
C TYR B 755 18.14 34.17 -0.83
N HIS B 756 17.23 35.06 -1.24
CA HIS B 756 15.82 34.74 -1.26
C HIS B 756 15.22 35.15 -2.60
N LEU B 757 14.11 34.50 -2.95
CA LEU B 757 13.42 34.77 -4.20
C LEU B 757 12.55 36.01 -4.08
N ASP B 758 12.60 36.84 -5.13
CA ASP B 758 11.73 38.01 -5.25
C ASP B 758 10.91 37.93 -6.53
N THR B 759 10.62 36.71 -6.98
CA THR B 759 10.06 36.46 -8.30
C THR B 759 8.70 35.80 -8.20
N GLY B 760 7.86 36.05 -9.19
CA GLY B 760 6.58 35.40 -9.32
C GLY B 760 6.70 34.07 -10.04
N ILE B 761 5.55 33.57 -10.53
CA ILE B 761 5.52 32.25 -11.15
C ILE B 761 6.34 32.22 -12.44
N VAL B 762 6.41 33.34 -13.15
CA VAL B 762 7.12 33.37 -14.43
C VAL B 762 8.62 33.43 -14.21
N ALA B 763 9.08 34.42 -13.44
CA ALA B 763 10.52 34.60 -13.28
C ALA B 763 11.16 33.52 -12.42
N THR B 764 10.38 32.87 -11.54
CA THR B 764 10.91 31.73 -10.79
C THR B 764 11.25 30.57 -11.72
N ARG B 765 10.55 30.47 -12.86
CA ARG B 765 10.82 29.40 -13.82
C ARG B 765 12.17 29.57 -14.52
N TYR B 766 12.73 30.78 -14.54
CA TYR B 766 13.98 31.03 -15.26
C TYR B 766 15.15 31.44 -14.37
N ILE B 767 14.92 31.82 -13.12
CA ILE B 767 15.99 32.41 -12.32
C ILE B 767 17.06 31.37 -11.99
N PHE B 768 16.66 30.12 -11.76
CA PHE B 768 17.63 29.08 -11.43
C PHE B 768 18.46 28.69 -12.65
N ASP B 769 17.84 28.65 -13.83
CA ASP B 769 18.58 28.35 -15.04
C ASP B 769 19.51 29.49 -15.43
N VAL B 770 19.12 30.73 -15.16
CA VAL B 770 19.96 31.88 -15.48
C VAL B 770 21.22 31.87 -14.62
N LEU B 771 21.03 31.69 -13.30
CA LEU B 771 22.18 31.67 -12.40
C LEU B 771 23.13 30.51 -12.73
N THR B 772 22.57 29.35 -13.08
CA THR B 772 23.41 28.19 -13.36
C THR B 772 24.17 28.37 -14.67
N SER B 773 23.52 28.95 -15.69
CA SER B 773 24.18 29.10 -16.98
C SER B 773 25.33 30.09 -16.90
N TYR B 774 25.16 31.17 -16.15
CA TYR B 774 26.19 32.20 -16.03
C TYR B 774 27.23 31.87 -14.96
N GLY B 775 27.26 30.65 -14.46
CA GLY B 775 28.32 30.22 -13.56
C GLY B 775 28.10 30.58 -12.10
N TYR B 776 26.86 30.76 -11.69
CA TYR B 776 26.52 31.12 -10.30
C TYR B 776 25.46 30.16 -9.76
N ASP B 777 25.71 28.86 -9.91
CA ASP B 777 24.78 27.85 -9.40
C ASP B 777 24.83 27.75 -7.89
N GLU B 778 25.94 28.14 -7.26
CA GLU B 778 26.05 28.04 -5.81
C GLU B 778 25.08 28.99 -5.12
N VAL B 779 24.83 30.17 -5.70
CA VAL B 779 23.86 31.08 -5.12
C VAL B 779 22.45 30.56 -5.36
N ALA B 780 22.23 29.90 -6.50
CA ALA B 780 20.92 29.29 -6.75
C ALA B 780 20.64 28.16 -5.78
N TYR B 781 21.68 27.43 -5.37
CA TYR B 781 21.51 26.38 -4.37
C TYR B 781 21.15 26.99 -3.01
N LYS B 782 21.75 28.13 -2.66
CA LYS B 782 21.44 28.79 -1.41
C LYS B 782 20.00 29.30 -1.38
N ILE B 783 19.46 29.68 -2.53
CA ILE B 783 18.07 30.12 -2.58
C ILE B 783 17.13 28.96 -2.31
N VAL B 784 17.43 27.79 -2.87
CA VAL B 784 16.60 26.61 -2.63
C VAL B 784 16.80 26.11 -1.19
N ASN B 785 18.04 26.15 -0.71
CA ASN B 785 18.35 25.65 0.63
C ASN B 785 17.84 26.56 1.74
N GLN B 786 17.14 27.64 1.41
CA GLN B 786 16.57 28.52 2.43
C GLN B 786 15.36 27.87 3.07
N LYS B 787 14.84 28.52 4.11
CA LYS B 787 13.66 28.02 4.81
C LYS B 787 12.86 29.13 5.45
N THR B 788 13.44 30.32 5.54
CA THR B 788 12.68 31.49 5.93
C THR B 788 11.96 32.06 4.73
N TYR B 789 10.88 32.79 4.99
CA TYR B 789 10.12 33.40 3.91
C TYR B 789 10.99 34.40 3.16
N PRO B 790 10.92 34.43 1.82
CA PRO B 790 10.14 33.50 1.01
C PRO B 790 10.99 32.40 0.35
N SER B 791 10.50 31.17 0.41
CA SER B 791 11.21 30.04 -0.16
C SER B 791 10.27 28.84 -0.22
N PHE B 792 10.73 27.77 -0.86
CA PHE B 792 9.96 26.53 -0.87
C PHE B 792 10.13 25.76 0.44
N GLY B 793 11.29 25.90 1.09
CA GLY B 793 11.45 25.32 2.42
C GLY B 793 10.55 25.94 3.47
N TYR B 794 10.13 27.19 3.25
CA TYR B 794 9.24 27.84 4.20
C TYR B 794 7.86 27.19 4.21
N MET B 795 7.33 26.84 3.03
CA MET B 795 6.06 26.14 2.98
C MET B 795 6.15 24.80 3.70
N ILE B 796 7.24 24.06 3.46
CA ILE B 796 7.42 22.77 4.13
C ILE B 796 7.56 22.97 5.63
N GLU B 797 8.22 24.05 6.05
CA GLU B 797 8.34 24.34 7.48
C GLU B 797 6.98 24.59 8.12
N GLU B 798 6.00 25.05 7.34
CA GLU B 798 4.65 25.27 7.83
C GLU B 798 3.76 24.06 7.60
N GLY B 799 4.33 22.90 7.31
CA GLY B 799 3.57 21.67 7.23
C GLY B 799 2.93 21.40 5.88
N ALA B 800 3.37 22.05 4.82
CA ALA B 800 2.79 21.84 3.50
C ALA B 800 3.33 20.55 2.90
N THR B 801 2.42 19.68 2.44
CA THR B 801 2.79 18.50 1.69
C THR B 801 2.65 18.70 0.19
N THR B 802 2.24 19.89 -0.24
CA THR B 802 2.22 20.25 -1.65
C THR B 802 2.83 21.64 -1.77
N LEU B 803 2.49 22.35 -2.85
CA LEU B 803 2.96 23.71 -3.07
C LEU B 803 1.81 24.69 -2.91
N TRP B 804 2.12 25.85 -2.34
CA TRP B 804 1.11 26.87 -2.13
C TRP B 804 0.91 27.72 -3.37
N GLU B 805 -0.24 28.41 -3.41
CA GLU B 805 -0.47 29.42 -4.44
C GLU B 805 0.30 30.70 -4.15
N ARG B 806 0.64 30.96 -2.89
CA ARG B 806 1.29 32.19 -2.48
C ARG B 806 2.53 31.88 -1.65
N TRP B 807 3.45 32.85 -1.61
CA TRP B 807 4.65 32.70 -0.80
C TRP B 807 4.35 32.83 0.69
N GLU B 808 3.28 33.53 1.05
CA GLU B 808 2.93 33.75 2.44
C GLU B 808 1.94 32.69 2.92
N LYS B 809 2.00 32.41 4.22
CA LYS B 809 1.08 31.46 4.84
C LYS B 809 -0.26 32.17 5.03
N LEU B 810 -1.18 31.97 4.09
CA LEU B 810 -2.50 32.58 4.15
C LEU B 810 -3.55 31.49 4.28
N THR B 811 -4.52 31.69 5.18
CA THR B 811 -5.46 30.64 5.58
C THR B 811 -6.90 30.96 5.24
N SER B 812 -7.31 32.22 5.33
CA SER B 812 -8.70 32.59 5.10
C SER B 812 -9.07 32.42 3.61
N THR B 813 -10.27 32.86 3.25
CA THR B 813 -10.72 32.79 1.88
C THR B 813 -9.88 33.72 0.99
N GLY B 814 -10.07 33.59 -0.32
CA GLY B 814 -9.30 34.35 -1.27
C GLY B 814 -8.19 33.53 -1.90
N MET B 815 -7.45 34.19 -2.79
CA MET B 815 -6.43 33.54 -3.60
C MET B 815 -5.27 33.11 -2.69
N ASN B 816 -5.42 31.92 -2.12
CA ASN B 816 -4.38 31.34 -1.29
C ASN B 816 -4.55 29.84 -1.15
N SER B 817 -4.68 29.15 -2.28
CA SER B 817 -4.82 27.70 -2.25
C SER B 817 -3.51 27.04 -1.83
N HIS B 818 -3.63 25.87 -1.22
CA HIS B 818 -2.47 25.15 -0.70
C HIS B 818 -2.08 23.96 -1.56
N ASN B 819 -2.50 23.94 -2.82
CA ASN B 819 -2.16 22.86 -3.74
C ASN B 819 -2.13 23.42 -5.16
N HIS B 820 -1.31 24.43 -5.38
CA HIS B 820 -1.09 24.99 -6.71
C HIS B 820 0.15 24.37 -7.34
N ILE B 821 0.26 24.53 -8.66
CA ILE B 821 1.31 23.88 -9.44
C ILE B 821 2.21 24.87 -10.16
N MET B 822 1.85 26.16 -10.21
CA MET B 822 2.62 27.12 -10.99
C MET B 822 4.06 27.24 -10.49
N PHE B 823 4.29 27.09 -9.20
CA PHE B 823 5.61 27.23 -8.62
C PHE B 823 6.42 25.94 -8.66
N GLY B 824 5.90 24.89 -9.29
CA GLY B 824 6.57 23.61 -9.32
C GLY B 824 7.66 23.46 -10.36
N SER B 825 8.03 24.53 -11.06
CA SER B 825 9.06 24.44 -12.09
C SER B 825 10.43 24.13 -11.51
N VAL B 826 10.62 24.29 -10.21
CA VAL B 826 11.92 24.05 -9.59
C VAL B 826 12.32 22.58 -9.71
N ASP B 827 11.34 21.68 -9.80
CA ASP B 827 11.65 20.26 -9.91
C ASP B 827 12.45 19.96 -11.17
N ALA B 828 12.19 20.70 -12.26
CA ALA B 828 12.98 20.52 -13.47
C ALA B 828 14.44 20.92 -13.24
N TRP B 829 14.68 21.92 -12.40
CA TRP B 829 16.04 22.32 -12.10
C TRP B 829 16.78 21.25 -11.32
N PHE B 830 16.06 20.47 -10.49
CA PHE B 830 16.71 19.39 -9.75
C PHE B 830 17.19 18.29 -10.69
N TYR B 831 16.48 18.07 -11.79
CA TYR B 831 16.84 17.00 -12.72
C TYR B 831 18.00 17.42 -13.62
N ARG B 832 17.98 18.65 -14.13
CA ARG B 832 18.91 19.09 -15.16
C ARG B 832 20.18 19.71 -14.61
N VAL B 833 20.22 20.08 -13.33
CA VAL B 833 21.38 20.78 -12.79
C VAL B 833 21.97 20.01 -11.62
N ILE B 834 21.19 19.83 -10.56
CA ILE B 834 21.70 19.15 -9.37
C ILE B 834 22.05 17.71 -9.70
N ALA B 835 21.15 17.03 -10.42
CA ALA B 835 21.50 15.73 -11.00
C ALA B 835 22.39 15.93 -12.22
N GLY B 836 21.85 16.56 -13.26
CA GLY B 836 22.66 16.97 -14.40
C GLY B 836 22.35 16.31 -15.72
N VAL B 837 21.09 15.89 -15.91
CA VAL B 837 20.67 15.25 -17.16
C VAL B 837 19.75 16.22 -17.90
N ARG B 838 20.19 16.67 -19.07
CA ARG B 838 19.42 17.55 -19.92
C ARG B 838 19.47 17.05 -21.36
N VAL B 839 18.51 17.50 -22.16
CA VAL B 839 18.42 17.07 -23.55
C VAL B 839 19.39 17.88 -24.40
N GLY B 840 20.17 17.20 -25.24
CA GLY B 840 21.12 17.87 -26.12
C GLY B 840 20.68 17.86 -27.57
N GLU B 841 19.70 17.01 -27.90
CA GLU B 841 19.10 16.95 -29.22
C GLU B 841 17.70 16.39 -29.04
N PRO B 842 16.70 16.96 -29.72
CA PRO B 842 15.30 16.58 -29.46
C PRO B 842 15.08 15.07 -29.58
N GLY B 843 14.12 14.58 -28.80
CA GLY B 843 13.91 13.15 -28.72
C GLY B 843 14.97 12.41 -27.94
N TRP B 844 15.73 13.11 -27.11
CA TRP B 844 16.85 12.53 -26.35
C TRP B 844 17.86 11.86 -27.28
N ASN B 845 17.99 12.38 -28.50
CA ASN B 845 18.98 11.84 -29.42
C ASN B 845 20.39 12.06 -28.89
N LYS B 846 20.63 13.20 -28.26
CA LYS B 846 21.88 13.49 -27.57
C LYS B 846 21.57 13.88 -26.15
N ILE B 847 22.24 13.24 -25.20
CA ILE B 847 22.03 13.50 -23.78
C ILE B 847 23.25 14.22 -23.23
N ILE B 848 23.02 15.24 -22.41
CA ILE B 848 24.07 16.02 -21.78
C ILE B 848 24.11 15.66 -20.30
N PHE B 849 25.26 15.18 -19.84
CA PHE B 849 25.46 14.82 -18.44
C PHE B 849 26.38 15.85 -17.81
N GLU B 850 25.78 16.89 -17.23
CA GLU B 850 26.51 18.01 -16.63
C GLU B 850 26.08 18.14 -15.18
N PRO B 851 26.63 17.33 -14.28
CA PRO B 851 26.25 17.43 -12.87
C PRO B 851 26.85 18.67 -12.22
N HIS B 852 26.10 19.21 -11.26
CA HIS B 852 26.51 20.42 -10.53
C HIS B 852 26.59 20.08 -9.05
N PRO B 853 27.73 19.59 -8.56
CA PRO B 853 27.90 19.31 -7.12
C PRO B 853 28.18 20.59 -6.33
N VAL B 854 27.10 21.28 -5.98
CA VAL B 854 27.19 22.57 -5.32
C VAL B 854 26.86 22.42 -3.84
N GLY B 855 27.26 23.43 -3.06
CA GLY B 855 26.91 23.46 -1.65
C GLY B 855 27.56 22.32 -0.88
N ASP B 856 26.79 21.71 0.02
CA ASP B 856 27.23 20.58 0.82
C ASP B 856 26.73 19.25 0.28
N LEU B 857 26.34 19.21 -1.00
CA LEU B 857 25.81 17.98 -1.57
C LEU B 857 26.90 16.93 -1.68
N LYS B 858 26.57 15.70 -1.29
CA LYS B 858 27.48 14.57 -1.41
C LYS B 858 27.12 13.65 -2.57
N TYR B 859 25.84 13.56 -2.92
CA TYR B 859 25.41 12.67 -3.99
C TYR B 859 24.08 13.16 -4.56
N ALA B 860 23.79 12.71 -5.77
CA ALA B 860 22.51 12.97 -6.42
C ALA B 860 22.35 12.00 -7.57
N LYS B 861 21.10 11.75 -7.96
CA LYS B 861 20.83 10.78 -9.01
C LYS B 861 19.51 11.14 -9.69
N ALA B 862 19.47 10.85 -11.00
CA ALA B 862 18.24 10.96 -11.78
C ALA B 862 18.17 9.78 -12.73
N ARG B 863 17.00 9.16 -12.82
CA ARG B 863 16.76 8.04 -13.72
C ARG B 863 15.44 8.29 -14.44
N LEU B 864 15.51 8.41 -15.76
CA LEU B 864 14.34 8.69 -16.59
C LEU B 864 14.09 7.55 -17.57
N ASN B 865 12.83 7.38 -17.93
CA ASN B 865 12.42 6.43 -18.97
C ASN B 865 11.91 7.27 -20.15
N THR B 866 12.82 7.59 -21.07
CA THR B 866 12.50 8.41 -22.21
C THR B 866 11.95 7.56 -23.35
N ILE B 867 11.69 8.18 -24.49
CA ILE B 867 11.19 7.45 -25.65
C ILE B 867 12.24 6.51 -26.23
N LYS B 868 13.51 6.72 -25.89
CA LYS B 868 14.59 5.85 -26.34
C LYS B 868 14.99 4.80 -25.31
N GLY B 869 14.43 4.85 -24.11
CA GLY B 869 14.76 3.90 -23.08
C GLY B 869 15.11 4.54 -21.75
N GLU B 870 16.07 3.96 -21.04
CA GLU B 870 16.46 4.43 -19.72
C GLU B 870 17.66 5.36 -19.82
N VAL B 871 17.54 6.55 -19.23
CA VAL B 871 18.63 7.50 -19.12
C VAL B 871 18.90 7.72 -17.63
N GLU B 872 20.16 7.55 -17.23
CA GLU B 872 20.55 7.61 -15.84
C GLU B 872 21.78 8.48 -15.66
N ILE B 873 21.85 9.17 -14.53
CA ILE B 873 23.03 9.93 -14.14
C ILE B 873 23.23 9.77 -12.64
N ASN B 874 24.40 9.29 -12.25
CA ASN B 874 24.78 9.15 -10.85
C ASN B 874 26.07 9.91 -10.61
N TRP B 875 26.15 10.60 -9.48
CA TRP B 875 27.41 11.23 -9.11
C TRP B 875 27.53 11.29 -7.59
N GLN B 876 28.76 11.14 -7.10
CA GLN B 876 29.04 11.14 -5.67
C GLN B 876 30.35 11.89 -5.45
N LYS B 877 30.34 12.87 -4.56
CA LYS B 877 31.47 13.76 -4.33
C LYS B 877 32.07 13.51 -2.95
N THR B 878 33.36 13.24 -2.92
CA THR B 878 34.12 13.13 -1.68
C THR B 878 35.19 14.22 -1.66
N GLU B 879 36.13 14.11 -0.73
CA GLU B 879 37.16 15.13 -0.59
C GLU B 879 38.23 15.03 -1.66
N ASN B 880 38.45 13.84 -2.23
CA ASN B 880 39.50 13.65 -3.22
C ASN B 880 39.06 12.88 -4.46
N ILE B 881 37.78 12.49 -4.57
CA ILE B 881 37.30 11.74 -5.71
C ILE B 881 35.88 12.20 -6.05
N PHE B 882 35.60 12.33 -7.35
CA PHE B 882 34.27 12.62 -7.85
C PHE B 882 33.85 11.47 -8.76
N SER B 883 32.92 10.64 -8.29
CA SER B 883 32.42 9.51 -9.05
C SER B 883 31.27 9.93 -9.95
N MET B 884 31.08 9.19 -11.03
CA MET B 884 29.99 9.47 -11.96
C MET B 884 29.58 8.18 -12.68
N ARG B 885 28.28 7.93 -12.75
CA ARG B 885 27.76 6.73 -13.41
C ARG B 885 26.66 7.13 -14.38
N ILE B 886 26.85 6.77 -15.65
CA ILE B 886 25.99 7.17 -16.76
C ILE B 886 25.29 5.93 -17.29
N SER B 887 24.12 6.14 -17.92
CA SER B 887 23.46 5.09 -18.70
C SER B 887 22.84 5.72 -19.93
N VAL B 888 23.38 5.40 -21.10
CA VAL B 888 22.90 5.90 -22.39
C VAL B 888 22.19 4.77 -23.11
N PRO B 889 20.92 4.91 -23.46
CA PRO B 889 20.20 3.84 -24.15
C PRO B 889 20.66 3.70 -25.59
N VAL B 890 20.20 2.60 -26.23
CA VAL B 890 20.52 2.37 -27.62
C VAL B 890 19.92 3.48 -28.48
N ASN B 891 20.61 3.79 -29.59
CA ASN B 891 20.19 4.84 -30.52
C ASN B 891 20.19 6.21 -29.84
N SER B 892 21.16 6.44 -28.97
CA SER B 892 21.29 7.71 -28.28
C SER B 892 22.77 8.05 -28.14
N GLU B 893 23.04 9.33 -27.89
CA GLU B 893 24.39 9.86 -27.76
C GLU B 893 24.57 10.47 -26.38
N GLY B 894 25.76 10.32 -25.81
CA GLY B 894 26.05 10.87 -24.50
C GLY B 894 27.20 11.85 -24.50
N GLU B 895 26.97 13.05 -23.98
CA GLU B 895 27.99 14.10 -23.87
C GLU B 895 28.16 14.43 -22.39
N VAL B 896 29.25 13.95 -21.79
CA VAL B 896 29.49 14.10 -20.36
C VAL B 896 30.30 15.35 -20.11
N HIS B 897 29.95 16.09 -19.06
CA HIS B 897 30.66 17.29 -18.65
C HIS B 897 31.11 17.08 -17.20
N VAL B 898 32.35 16.62 -17.03
CA VAL B 898 32.92 16.37 -15.70
C VAL B 898 33.49 17.69 -15.19
N PRO B 899 33.08 18.17 -14.01
CA PRO B 899 33.61 19.44 -13.51
C PRO B 899 34.97 19.25 -12.83
N LYS B 900 35.87 20.19 -13.11
CA LYS B 900 37.22 20.15 -12.54
C LYS B 900 37.16 20.69 -11.12
N LEU B 901 37.08 19.78 -10.15
CA LEU B 901 36.99 20.16 -8.75
C LEU B 901 38.34 20.19 -8.05
N PHE B 902 39.41 19.80 -8.73
CA PHE B 902 40.74 19.80 -8.14
C PHE B 902 41.70 20.52 -9.08
N GLU B 903 42.77 21.08 -8.49
CA GLU B 903 43.77 21.80 -9.28
C GLU B 903 44.47 20.86 -10.25
N ARG B 904 45.03 19.76 -9.74
CA ARG B 904 45.64 18.72 -10.55
C ARG B 904 44.91 17.41 -10.30
N PHE B 905 44.55 16.71 -11.38
CA PHE B 905 43.68 15.55 -11.27
C PHE B 905 44.02 14.54 -12.36
N VAL B 906 43.50 13.33 -12.19
CA VAL B 906 43.52 12.29 -13.21
C VAL B 906 42.09 11.77 -13.37
N VAL B 907 41.77 11.32 -14.56
CA VAL B 907 40.42 10.87 -14.91
C VAL B 907 40.49 9.41 -15.31
N LYS B 908 39.71 8.57 -14.63
CA LYS B 908 39.65 7.14 -14.91
C LYS B 908 38.29 6.77 -15.48
N GLU B 909 38.26 5.70 -16.28
CA GLU B 909 37.04 5.18 -16.87
C GLU B 909 36.93 3.68 -16.56
N GLY B 910 36.82 3.38 -15.26
CA GLY B 910 36.84 2.00 -14.80
C GLY B 910 38.24 1.42 -14.83
N ASP B 911 39.12 1.94 -13.98
CA ASP B 911 40.55 1.65 -13.90
C ASP B 911 41.31 2.02 -15.17
N ASN B 912 40.63 2.54 -16.20
CA ASN B 912 41.28 2.95 -17.44
C ASN B 912 41.58 4.44 -17.35
N ILE B 913 42.86 4.78 -17.18
CA ILE B 913 43.26 6.18 -17.12
C ILE B 913 43.09 6.78 -18.52
N ILE B 914 42.12 7.68 -18.66
CA ILE B 914 41.81 8.30 -19.94
C ILE B 914 42.21 9.76 -20.00
N TYR B 915 42.81 10.29 -18.93
CA TYR B 915 43.23 11.69 -18.92
C TYR B 915 44.26 11.87 -17.81
N GLU B 916 45.52 11.99 -18.20
CA GLU B 916 46.62 12.25 -17.26
C GLU B 916 47.17 13.66 -17.36
N LYS B 917 47.31 14.20 -18.58
CA LYS B 917 47.76 15.56 -18.81
C LYS B 917 46.74 16.28 -19.68
N LYS B 918 46.88 17.60 -19.76
CA LYS B 918 45.99 18.40 -20.59
C LYS B 918 46.23 18.09 -22.06
N GLY B 919 45.17 17.73 -22.77
CA GLY B 919 45.25 17.29 -24.16
C GLY B 919 44.76 15.88 -24.39
N ASP B 920 44.74 15.03 -23.36
CA ASP B 920 44.24 13.68 -23.51
C ASP B 920 42.73 13.64 -23.76
N LEU B 921 42.02 14.72 -23.44
CA LEU B 921 40.59 14.79 -23.66
C LEU B 921 40.20 16.24 -23.92
N GLU B 922 39.00 16.41 -24.49
CA GLU B 922 38.48 17.75 -24.73
C GLU B 922 38.24 18.45 -23.40
N GLU B 923 38.76 19.67 -23.26
CA GLU B 923 38.67 20.43 -22.04
C GLU B 923 37.86 21.70 -22.26
N ASN B 924 37.54 22.39 -21.16
CA ASN B 924 36.61 23.51 -21.20
C ASN B 924 36.99 24.61 -20.20
N GLU B 925 38.16 24.51 -19.57
CA GLU B 925 38.59 25.39 -18.47
C GLU B 925 37.76 25.13 -17.22
N LYS B 926 36.46 24.86 -17.39
CA LYS B 926 35.58 24.52 -16.29
C LYS B 926 35.15 23.06 -16.27
N TYR B 927 35.16 22.38 -17.42
CA TYR B 927 34.64 21.03 -17.52
C TYR B 927 35.60 20.13 -18.29
N ILE B 928 35.40 18.83 -18.14
CA ILE B 928 36.09 17.81 -18.92
C ILE B 928 35.03 17.13 -19.78
N VAL B 929 35.10 17.33 -21.08
CA VAL B 929 34.06 16.85 -22.00
C VAL B 929 34.45 15.47 -22.52
N ILE B 930 33.58 14.49 -22.32
CA ILE B 930 33.77 13.14 -22.82
C ILE B 930 32.55 12.76 -23.64
N ARG B 931 32.76 12.18 -24.81
CA ARG B 931 31.70 11.77 -25.72
C ARG B 931 31.62 10.26 -25.74
N VAL B 932 30.45 9.71 -25.45
CA VAL B 932 30.24 8.27 -25.41
C VAL B 932 29.00 7.93 -26.23
N GLY B 933 28.83 6.63 -26.48
CA GLY B 933 27.64 6.14 -27.16
C GLY B 933 26.72 5.41 -26.21
N SER B 934 25.95 4.47 -26.73
CA SER B 934 25.04 3.69 -25.90
C SER B 934 25.81 2.79 -24.94
N GLY B 935 25.29 2.64 -23.73
CA GLY B 935 25.89 1.80 -22.72
C GLY B 935 26.05 2.54 -21.40
N SER B 936 26.54 1.78 -20.41
CA SER B 936 26.79 2.30 -19.07
C SER B 936 28.29 2.48 -18.86
N TYR B 937 28.66 3.57 -18.21
CA TYR B 937 30.07 3.90 -18.01
C TYR B 937 30.28 4.42 -16.60
N ASN B 938 31.49 4.21 -16.08
CA ASN B 938 31.90 4.71 -14.77
C ASN B 938 33.06 5.70 -14.96
N PHE B 939 32.93 6.88 -14.38
CA PHE B 939 33.96 7.91 -14.46
C PHE B 939 34.38 8.31 -13.05
N TYR B 940 35.69 8.47 -12.85
CA TYR B 940 36.24 8.92 -11.57
C TYR B 940 37.29 9.98 -11.84
N MET B 941 37.20 11.09 -11.13
CA MET B 941 38.17 12.18 -11.21
C MET B 941 38.98 12.17 -9.91
N GLU B 942 40.27 11.82 -10.01
CA GLU B 942 41.10 11.58 -8.85
C GLU B 942 41.93 12.80 -8.48
N LYS B 943 42.54 12.73 -7.30
CA LYS B 943 43.45 13.76 -6.80
C LYS B 943 42.76 15.12 -6.65
#